data_1VK2
# 
_entry.id   1VK2 
# 
_audit_conform.dict_name       mmcif_pdbx.dic 
_audit_conform.dict_version    5.398 
_audit_conform.dict_location   http://mmcif.pdb.org/dictionaries/ascii/mmcif_pdbx.dic 
# 
loop_
_database_2.database_id 
_database_2.database_code 
_database_2.pdbx_database_accession 
_database_2.pdbx_DOI 
PDB   1VK2         pdb_00001vk2 10.2210/pdb1vk2/pdb 
RCSB  RCSB001937   ?            ?                   
WWPDB D_1000001937 ?            ?                   
# 
loop_
_pdbx_audit_revision_history.ordinal 
_pdbx_audit_revision_history.data_content_type 
_pdbx_audit_revision_history.major_revision 
_pdbx_audit_revision_history.minor_revision 
_pdbx_audit_revision_history.revision_date 
1 'Structure model' 1 0 2004-05-04 
2 'Structure model' 1 1 2008-04-26 
3 'Structure model' 1 2 2011-07-13 
4 'Structure model' 1 3 2023-01-25 
5 'Structure model' 1 4 2024-11-13 
# 
_pdbx_audit_revision_details.ordinal             1 
_pdbx_audit_revision_details.revision_ordinal    1 
_pdbx_audit_revision_details.data_content_type   'Structure model' 
_pdbx_audit_revision_details.provider            repository 
_pdbx_audit_revision_details.type                'Initial release' 
_pdbx_audit_revision_details.description         ? 
_pdbx_audit_revision_details.details             ? 
# 
loop_
_pdbx_audit_revision_group.ordinal 
_pdbx_audit_revision_group.revision_ordinal 
_pdbx_audit_revision_group.data_content_type 
_pdbx_audit_revision_group.group 
1 2 'Structure model' 'Version format compliance' 
2 3 'Structure model' Advisory                    
3 3 'Structure model' 'Version format compliance' 
4 4 'Structure model' 'Database references'       
5 4 'Structure model' 'Derived calculations'      
6 5 'Structure model' 'Data collection'           
7 5 'Structure model' 'Structure summary'         
# 
loop_
_pdbx_audit_revision_category.ordinal 
_pdbx_audit_revision_category.revision_ordinal 
_pdbx_audit_revision_category.data_content_type 
_pdbx_audit_revision_category.category 
1  4 'Structure model' database_2                
2  4 'Structure model' pdbx_struct_conn_angle    
3  4 'Structure model' struct_conn               
4  4 'Structure model' struct_conn_type          
5  4 'Structure model' struct_ref_seq_dif        
6  4 'Structure model' struct_site               
7  5 'Structure model' chem_comp_atom            
8  5 'Structure model' chem_comp_bond            
9  5 'Structure model' pdbx_entry_details        
10 5 'Structure model' pdbx_modification_feature 
# 
loop_
_pdbx_audit_revision_item.ordinal 
_pdbx_audit_revision_item.revision_ordinal 
_pdbx_audit_revision_item.data_content_type 
_pdbx_audit_revision_item.item 
1  4 'Structure model' '_database_2.pdbx_DOI'                        
2  4 'Structure model' '_database_2.pdbx_database_accession'         
3  4 'Structure model' '_pdbx_struct_conn_angle.ptnr1_auth_seq_id'   
4  4 'Structure model' '_pdbx_struct_conn_angle.ptnr1_label_atom_id' 
5  4 'Structure model' '_pdbx_struct_conn_angle.ptnr1_label_seq_id'  
6  4 'Structure model' '_pdbx_struct_conn_angle.ptnr2_label_atom_id' 
7  4 'Structure model' '_pdbx_struct_conn_angle.ptnr3_label_atom_id' 
8  4 'Structure model' '_pdbx_struct_conn_angle.value'               
9  4 'Structure model' '_struct_conn.conn_type_id'                   
10 4 'Structure model' '_struct_conn.id'                             
11 4 'Structure model' '_struct_conn.pdbx_dist_value'                
12 4 'Structure model' '_struct_conn.pdbx_leaving_atom_flag'         
13 4 'Structure model' '_struct_conn.ptnr1_auth_comp_id'             
14 4 'Structure model' '_struct_conn.ptnr1_auth_seq_id'              
15 4 'Structure model' '_struct_conn.ptnr1_label_asym_id'            
16 4 'Structure model' '_struct_conn.ptnr1_label_atom_id'            
17 4 'Structure model' '_struct_conn.ptnr1_label_comp_id'            
18 4 'Structure model' '_struct_conn.ptnr1_label_seq_id'             
19 4 'Structure model' '_struct_conn.ptnr2_auth_comp_id'             
20 4 'Structure model' '_struct_conn.ptnr2_auth_seq_id'              
21 4 'Structure model' '_struct_conn.ptnr2_label_asym_id'            
22 4 'Structure model' '_struct_conn.ptnr2_label_atom_id'            
23 4 'Structure model' '_struct_conn.ptnr2_label_comp_id'            
24 4 'Structure model' '_struct_conn.ptnr2_label_seq_id'             
25 4 'Structure model' '_struct_conn_type.id'                        
26 4 'Structure model' '_struct_ref_seq_dif.details'                 
27 4 'Structure model' '_struct_site.pdbx_auth_asym_id'              
28 4 'Structure model' '_struct_site.pdbx_auth_comp_id'              
29 4 'Structure model' '_struct_site.pdbx_auth_seq_id'               
# 
_pdbx_database_status.entry_id                        1VK2 
_pdbx_database_status.status_code                     REL 
_pdbx_database_status.deposit_site                    RCSB 
_pdbx_database_status.process_site                    RCSB 
_pdbx_database_status.recvd_initial_deposition_date   2004-04-16 
_pdbx_database_status.SG_entry                        Y 
_pdbx_database_status.status_code_sf                  REL 
_pdbx_database_status.pdb_format_compatible           Y 
_pdbx_database_status.status_code_mr                  ? 
_pdbx_database_status.status_code_cs                  ? 
_pdbx_database_status.status_code_nmr_data            ? 
_pdbx_database_status.methods_development_category    ? 
# 
_pdbx_database_related.db_name        TargetDB 
_pdbx_database_related.db_id          282384 
_pdbx_database_related.details        . 
_pdbx_database_related.content_type   unspecified 
# 
_audit_author.name           'Joint Center for Structural Genomics (JCSG)' 
_audit_author.pdbx_ordinal   1 
# 
_citation.id                        primary 
_citation.title                     
'Crystal structure of Uracil-DNA glycosylase (TM0511) from Thermotoga maritima at 1.90 A resolution' 
_citation.journal_abbrev            'To be published' 
_citation.journal_volume            ? 
_citation.page_first                ? 
_citation.page_last                 ? 
_citation.year                      ? 
_citation.journal_id_ASTM           ? 
_citation.country                   ? 
_citation.journal_id_ISSN           ? 
_citation.journal_id_CSD            0353 
_citation.book_publisher            ? 
_citation.pdbx_database_id_PubMed   ? 
_citation.pdbx_database_id_DOI      ? 
# 
_citation_author.citation_id        primary 
_citation_author.name               'Joint Center for Structural Genomics (JCSG)' 
_citation_author.ordinal            1 
_citation_author.identifier_ORCID   ? 
# 
loop_
_entity.id 
_entity.type 
_entity.src_method 
_entity.pdbx_description 
_entity.formula_weight 
_entity.pdbx_number_of_molecules 
_entity.pdbx_ec 
_entity.pdbx_mutation 
_entity.pdbx_fragment 
_entity.details 
1 polymer     man 'Uracil-DNA glycosylase TM0511' 23135.275 1   3.2.2.- ? ? ? 
2 non-polymer syn 'IRON/SULFUR CLUSTER'           351.640   1   ?       ? ? ? 
3 non-polymer syn 'UNKNOWN LIGAND'                ?         1   ?       ? ? ? 
4 water       nat water                           18.015    114 ?       ? ? ? 
# 
_entity_poly.entity_id                      1 
_entity_poly.type                           'polypeptide(L)' 
_entity_poly.nstd_linkage                   no 
_entity_poly.nstd_monomer                   yes 
_entity_poly.pdbx_seq_one_letter_code       
;MGSDKIHHHHHH(MSE)YTREEL(MSE)EIVSERVKKCTACPLHLNRTNVVVGEGNLDTRIVFVGEGPGEEEDKTGRPFV
GRAG(MSE)LLTELLRESGIRREDVYICNVVKCRPPNNRTPTPEEQAACGHFLLAQIEIINPDVIVALGATALSFFVDGK
KVSITKVRGNPIDWLGGKKVIPTFHPSYLLRNRSNELRRIVLEDIEKAKSFIKKEG
;
_entity_poly.pdbx_seq_one_letter_code_can   
;MGSDKIHHHHHHMYTREELMEIVSERVKKCTACPLHLNRTNVVVGEGNLDTRIVFVGEGPGEEEDKTGRPFVGRAGMLLT
ELLRESGIRREDVYICNVVKCRPPNNRTPTPEEQAACGHFLLAQIEIINPDVIVALGATALSFFVDGKKVSITKVRGNPI
DWLGGKKVIPTFHPSYLLRNRSNELRRIVLEDIEKAKSFIKKEG
;
_entity_poly.pdbx_strand_id                 A 
_entity_poly.pdbx_target_identifier         282384 
# 
loop_
_pdbx_entity_nonpoly.entity_id 
_pdbx_entity_nonpoly.name 
_pdbx_entity_nonpoly.comp_id 
2 'IRON/SULFUR CLUSTER' SF4 
3 'UNKNOWN LIGAND'      UNL 
4 water                 HOH 
# 
loop_
_entity_poly_seq.entity_id 
_entity_poly_seq.num 
_entity_poly_seq.mon_id 
_entity_poly_seq.hetero 
1 1   MET n 
1 2   GLY n 
1 3   SER n 
1 4   ASP n 
1 5   LYS n 
1 6   ILE n 
1 7   HIS n 
1 8   HIS n 
1 9   HIS n 
1 10  HIS n 
1 11  HIS n 
1 12  HIS n 
1 13  MSE n 
1 14  TYR n 
1 15  THR n 
1 16  ARG n 
1 17  GLU n 
1 18  GLU n 
1 19  LEU n 
1 20  MSE n 
1 21  GLU n 
1 22  ILE n 
1 23  VAL n 
1 24  SER n 
1 25  GLU n 
1 26  ARG n 
1 27  VAL n 
1 28  LYS n 
1 29  LYS n 
1 30  CYS n 
1 31  THR n 
1 32  ALA n 
1 33  CYS n 
1 34  PRO n 
1 35  LEU n 
1 36  HIS n 
1 37  LEU n 
1 38  ASN n 
1 39  ARG n 
1 40  THR n 
1 41  ASN n 
1 42  VAL n 
1 43  VAL n 
1 44  VAL n 
1 45  GLY n 
1 46  GLU n 
1 47  GLY n 
1 48  ASN n 
1 49  LEU n 
1 50  ASP n 
1 51  THR n 
1 52  ARG n 
1 53  ILE n 
1 54  VAL n 
1 55  PHE n 
1 56  VAL n 
1 57  GLY n 
1 58  GLU n 
1 59  GLY n 
1 60  PRO n 
1 61  GLY n 
1 62  GLU n 
1 63  GLU n 
1 64  GLU n 
1 65  ASP n 
1 66  LYS n 
1 67  THR n 
1 68  GLY n 
1 69  ARG n 
1 70  PRO n 
1 71  PHE n 
1 72  VAL n 
1 73  GLY n 
1 74  ARG n 
1 75  ALA n 
1 76  GLY n 
1 77  MSE n 
1 78  LEU n 
1 79  LEU n 
1 80  THR n 
1 81  GLU n 
1 82  LEU n 
1 83  LEU n 
1 84  ARG n 
1 85  GLU n 
1 86  SER n 
1 87  GLY n 
1 88  ILE n 
1 89  ARG n 
1 90  ARG n 
1 91  GLU n 
1 92  ASP n 
1 93  VAL n 
1 94  TYR n 
1 95  ILE n 
1 96  CYS n 
1 97  ASN n 
1 98  VAL n 
1 99  VAL n 
1 100 LYS n 
1 101 CYS n 
1 102 ARG n 
1 103 PRO n 
1 104 PRO n 
1 105 ASN n 
1 106 ASN n 
1 107 ARG n 
1 108 THR n 
1 109 PRO n 
1 110 THR n 
1 111 PRO n 
1 112 GLU n 
1 113 GLU n 
1 114 GLN n 
1 115 ALA n 
1 116 ALA n 
1 117 CYS n 
1 118 GLY n 
1 119 HIS n 
1 120 PHE n 
1 121 LEU n 
1 122 LEU n 
1 123 ALA n 
1 124 GLN n 
1 125 ILE n 
1 126 GLU n 
1 127 ILE n 
1 128 ILE n 
1 129 ASN n 
1 130 PRO n 
1 131 ASP n 
1 132 VAL n 
1 133 ILE n 
1 134 VAL n 
1 135 ALA n 
1 136 LEU n 
1 137 GLY n 
1 138 ALA n 
1 139 THR n 
1 140 ALA n 
1 141 LEU n 
1 142 SER n 
1 143 PHE n 
1 144 PHE n 
1 145 VAL n 
1 146 ASP n 
1 147 GLY n 
1 148 LYS n 
1 149 LYS n 
1 150 VAL n 
1 151 SER n 
1 152 ILE n 
1 153 THR n 
1 154 LYS n 
1 155 VAL n 
1 156 ARG n 
1 157 GLY n 
1 158 ASN n 
1 159 PRO n 
1 160 ILE n 
1 161 ASP n 
1 162 TRP n 
1 163 LEU n 
1 164 GLY n 
1 165 GLY n 
1 166 LYS n 
1 167 LYS n 
1 168 VAL n 
1 169 ILE n 
1 170 PRO n 
1 171 THR n 
1 172 PHE n 
1 173 HIS n 
1 174 PRO n 
1 175 SER n 
1 176 TYR n 
1 177 LEU n 
1 178 LEU n 
1 179 ARG n 
1 180 ASN n 
1 181 ARG n 
1 182 SER n 
1 183 ASN n 
1 184 GLU n 
1 185 LEU n 
1 186 ARG n 
1 187 ARG n 
1 188 ILE n 
1 189 VAL n 
1 190 LEU n 
1 191 GLU n 
1 192 ASP n 
1 193 ILE n 
1 194 GLU n 
1 195 LYS n 
1 196 ALA n 
1 197 LYS n 
1 198 SER n 
1 199 PHE n 
1 200 ILE n 
1 201 LYS n 
1 202 LYS n 
1 203 GLU n 
1 204 GLY n 
# 
_entity_src_gen.entity_id                          1 
_entity_src_gen.pdbx_src_id                        1 
_entity_src_gen.pdbx_alt_source_flag               sample 
_entity_src_gen.pdbx_seq_type                      ? 
_entity_src_gen.pdbx_beg_seq_num                   ? 
_entity_src_gen.pdbx_end_seq_num                   ? 
_entity_src_gen.gene_src_common_name               ? 
_entity_src_gen.gene_src_genus                     Thermotoga 
_entity_src_gen.pdbx_gene_src_gene                 TM0511 
_entity_src_gen.gene_src_species                   ? 
_entity_src_gen.gene_src_strain                    ? 
_entity_src_gen.gene_src_tissue                    ? 
_entity_src_gen.gene_src_tissue_fraction           ? 
_entity_src_gen.gene_src_details                   ? 
_entity_src_gen.pdbx_gene_src_fragment             ? 
_entity_src_gen.pdbx_gene_src_scientific_name      'Thermotoga maritima' 
_entity_src_gen.pdbx_gene_src_ncbi_taxonomy_id     2336 
_entity_src_gen.pdbx_gene_src_variant              ? 
_entity_src_gen.pdbx_gene_src_cell_line            ? 
_entity_src_gen.pdbx_gene_src_atcc                 ? 
_entity_src_gen.pdbx_gene_src_organ                ? 
_entity_src_gen.pdbx_gene_src_organelle            ? 
_entity_src_gen.pdbx_gene_src_cell                 ? 
_entity_src_gen.pdbx_gene_src_cellular_location    ? 
_entity_src_gen.host_org_common_name               ? 
_entity_src_gen.pdbx_host_org_scientific_name      'Escherichia coli' 
_entity_src_gen.pdbx_host_org_ncbi_taxonomy_id     562 
_entity_src_gen.host_org_genus                     Escherichia 
_entity_src_gen.pdbx_host_org_gene                 ? 
_entity_src_gen.pdbx_host_org_organ                ? 
_entity_src_gen.host_org_species                   ? 
_entity_src_gen.pdbx_host_org_tissue               ? 
_entity_src_gen.pdbx_host_org_tissue_fraction      ? 
_entity_src_gen.pdbx_host_org_strain               ? 
_entity_src_gen.pdbx_host_org_variant              ? 
_entity_src_gen.pdbx_host_org_cell_line            ? 
_entity_src_gen.pdbx_host_org_atcc                 ? 
_entity_src_gen.pdbx_host_org_culture_collection   ? 
_entity_src_gen.pdbx_host_org_cell                 ? 
_entity_src_gen.pdbx_host_org_organelle            ? 
_entity_src_gen.pdbx_host_org_cellular_location    ? 
_entity_src_gen.pdbx_host_org_vector_type          Plasmid 
_entity_src_gen.pdbx_host_org_vector               ? 
_entity_src_gen.host_org_details                   ? 
_entity_src_gen.expression_system_id               ? 
_entity_src_gen.plasmid_name                       ? 
_entity_src_gen.plasmid_details                    ? 
_entity_src_gen.pdbx_description                   ? 
# 
loop_
_chem_comp.id 
_chem_comp.type 
_chem_comp.mon_nstd_flag 
_chem_comp.name 
_chem_comp.pdbx_synonyms 
_chem_comp.formula 
_chem_comp.formula_weight 
ALA 'L-peptide linking' y ALANINE               ? 'C3 H7 N O2'     89.093  
ARG 'L-peptide linking' y ARGININE              ? 'C6 H15 N4 O2 1' 175.209 
ASN 'L-peptide linking' y ASPARAGINE            ? 'C4 H8 N2 O3'    132.118 
ASP 'L-peptide linking' y 'ASPARTIC ACID'       ? 'C4 H7 N O4'     133.103 
CYS 'L-peptide linking' y CYSTEINE              ? 'C3 H7 N O2 S'   121.158 
GLN 'L-peptide linking' y GLUTAMINE             ? 'C5 H10 N2 O3'   146.144 
GLU 'L-peptide linking' y 'GLUTAMIC ACID'       ? 'C5 H9 N O4'     147.129 
GLY 'peptide linking'   y GLYCINE               ? 'C2 H5 N O2'     75.067  
HIS 'L-peptide linking' y HISTIDINE             ? 'C6 H10 N3 O2 1' 156.162 
HOH non-polymer         . WATER                 ? 'H2 O'           18.015  
ILE 'L-peptide linking' y ISOLEUCINE            ? 'C6 H13 N O2'    131.173 
LEU 'L-peptide linking' y LEUCINE               ? 'C6 H13 N O2'    131.173 
LYS 'L-peptide linking' y LYSINE                ? 'C6 H15 N2 O2 1' 147.195 
MET 'L-peptide linking' y METHIONINE            ? 'C5 H11 N O2 S'  149.211 
MSE 'L-peptide linking' n SELENOMETHIONINE      ? 'C5 H11 N O2 Se' 196.106 
PHE 'L-peptide linking' y PHENYLALANINE         ? 'C9 H11 N O2'    165.189 
PRO 'L-peptide linking' y PROLINE               ? 'C5 H9 N O2'     115.130 
SER 'L-peptide linking' y SERINE                ? 'C3 H7 N O3'     105.093 
SF4 non-polymer         . 'IRON/SULFUR CLUSTER' ? 'Fe4 S4'         351.640 
THR 'L-peptide linking' y THREONINE             ? 'C4 H9 N O3'     119.119 
TRP 'L-peptide linking' y TRYPTOPHAN            ? 'C11 H12 N2 O2'  204.225 
TYR 'L-peptide linking' y TYROSINE              ? 'C9 H11 N O3'    181.189 
UNL non-polymer         . 'UNKNOWN LIGAND'      ? ?                ?       
VAL 'L-peptide linking' y VALINE                ? 'C5 H11 N O2'    117.146 
# 
loop_
_pdbx_poly_seq_scheme.asym_id 
_pdbx_poly_seq_scheme.entity_id 
_pdbx_poly_seq_scheme.seq_id 
_pdbx_poly_seq_scheme.mon_id 
_pdbx_poly_seq_scheme.ndb_seq_num 
_pdbx_poly_seq_scheme.pdb_seq_num 
_pdbx_poly_seq_scheme.auth_seq_num 
_pdbx_poly_seq_scheme.pdb_mon_id 
_pdbx_poly_seq_scheme.auth_mon_id 
_pdbx_poly_seq_scheme.pdb_strand_id 
_pdbx_poly_seq_scheme.pdb_ins_code 
_pdbx_poly_seq_scheme.hetero 
A 1 1   MET 1   -11 ?   ?   ?   A . n 
A 1 2   GLY 2   -10 ?   ?   ?   A . n 
A 1 3   SER 3   -9  ?   ?   ?   A . n 
A 1 4   ASP 4   -8  ?   ?   ?   A . n 
A 1 5   LYS 5   -7  ?   ?   ?   A . n 
A 1 6   ILE 6   -6  ?   ?   ?   A . n 
A 1 7   HIS 7   -5  ?   ?   ?   A . n 
A 1 8   HIS 8   -4  ?   ?   ?   A . n 
A 1 9   HIS 9   -3  ?   ?   ?   A . n 
A 1 10  HIS 10  -2  ?   ?   ?   A . n 
A 1 11  HIS 11  -1  ?   ?   ?   A . n 
A 1 12  HIS 12  0   ?   ?   ?   A . n 
A 1 13  MSE 13  1   1   MSE MSE A . n 
A 1 14  TYR 14  2   2   TYR TYR A . n 
A 1 15  THR 15  3   3   THR THR A . n 
A 1 16  ARG 16  4   4   ARG ARG A . n 
A 1 17  GLU 17  5   5   GLU GLU A . n 
A 1 18  GLU 18  6   6   GLU GLU A . n 
A 1 19  LEU 19  7   7   LEU LEU A . n 
A 1 20  MSE 20  8   8   MSE MSE A . n 
A 1 21  GLU 21  9   9   GLU GLU A . n 
A 1 22  ILE 22  10  10  ILE ILE A . n 
A 1 23  VAL 23  11  11  VAL VAL A . n 
A 1 24  SER 24  12  12  SER SER A . n 
A 1 25  GLU 25  13  13  GLU GLU A . n 
A 1 26  ARG 26  14  14  ARG ARG A . n 
A 1 27  VAL 27  15  15  VAL VAL A . n 
A 1 28  LYS 28  16  16  LYS LYS A . n 
A 1 29  LYS 29  17  17  LYS LYS A . n 
A 1 30  CYS 30  18  18  CYS CYS A . n 
A 1 31  THR 31  19  19  THR THR A . n 
A 1 32  ALA 32  20  20  ALA ALA A . n 
A 1 33  CYS 33  21  21  CYS CYS A . n 
A 1 34  PRO 34  22  22  PRO PRO A . n 
A 1 35  LEU 35  23  23  LEU LEU A . n 
A 1 36  HIS 36  24  24  HIS HIS A . n 
A 1 37  LEU 37  25  25  LEU LEU A . n 
A 1 38  ASN 38  26  26  ASN ASN A . n 
A 1 39  ARG 39  27  27  ARG ARG A . n 
A 1 40  THR 40  28  28  THR THR A . n 
A 1 41  ASN 41  29  29  ASN ASN A . n 
A 1 42  VAL 42  30  30  VAL VAL A . n 
A 1 43  VAL 43  31  31  VAL VAL A . n 
A 1 44  VAL 44  32  32  VAL VAL A . n 
A 1 45  GLY 45  33  33  GLY GLY A . n 
A 1 46  GLU 46  34  34  GLU GLU A . n 
A 1 47  GLY 47  35  35  GLY GLY A . n 
A 1 48  ASN 48  36  36  ASN ASN A . n 
A 1 49  LEU 49  37  37  LEU LEU A . n 
A 1 50  ASP 50  38  38  ASP ASP A . n 
A 1 51  THR 51  39  39  THR THR A . n 
A 1 52  ARG 52  40  40  ARG ARG A . n 
A 1 53  ILE 53  41  41  ILE ILE A . n 
A 1 54  VAL 54  42  42  VAL VAL A . n 
A 1 55  PHE 55  43  43  PHE PHE A . n 
A 1 56  VAL 56  44  44  VAL VAL A . n 
A 1 57  GLY 57  45  45  GLY GLY A . n 
A 1 58  GLU 58  46  46  GLU GLU A . n 
A 1 59  GLY 59  47  47  GLY GLY A . n 
A 1 60  PRO 60  48  48  PRO PRO A . n 
A 1 61  GLY 61  49  49  GLY GLY A . n 
A 1 62  GLU 62  50  50  GLU GLU A . n 
A 1 63  GLU 63  51  51  GLU GLU A . n 
A 1 64  GLU 64  52  52  GLU GLU A . n 
A 1 65  ASP 65  53  53  ASP ASP A . n 
A 1 66  LYS 66  54  54  LYS LYS A . n 
A 1 67  THR 67  55  55  THR THR A . n 
A 1 68  GLY 68  56  56  GLY GLY A . n 
A 1 69  ARG 69  57  57  ARG ARG A . n 
A 1 70  PRO 70  58  58  PRO PRO A . n 
A 1 71  PHE 71  59  59  PHE PHE A . n 
A 1 72  VAL 72  60  60  VAL VAL A . n 
A 1 73  GLY 73  61  61  GLY GLY A . n 
A 1 74  ARG 74  62  62  ARG ARG A . n 
A 1 75  ALA 75  63  63  ALA ALA A . n 
A 1 76  GLY 76  64  64  GLY GLY A . n 
A 1 77  MSE 77  65  65  MSE MSE A . n 
A 1 78  LEU 78  66  66  LEU LEU A . n 
A 1 79  LEU 79  67  67  LEU LEU A . n 
A 1 80  THR 80  68  68  THR THR A . n 
A 1 81  GLU 81  69  69  GLU GLU A . n 
A 1 82  LEU 82  70  70  LEU LEU A . n 
A 1 83  LEU 83  71  71  LEU LEU A . n 
A 1 84  ARG 84  72  72  ARG ARG A . n 
A 1 85  GLU 85  73  73  GLU GLU A . n 
A 1 86  SER 86  74  74  SER SER A . n 
A 1 87  GLY 87  75  75  GLY GLY A . n 
A 1 88  ILE 88  76  76  ILE ILE A . n 
A 1 89  ARG 89  77  77  ARG ARG A . n 
A 1 90  ARG 90  78  78  ARG ARG A . n 
A 1 91  GLU 91  79  79  GLU GLU A . n 
A 1 92  ASP 92  80  80  ASP ASP A . n 
A 1 93  VAL 93  81  81  VAL VAL A . n 
A 1 94  TYR 94  82  82  TYR TYR A . n 
A 1 95  ILE 95  83  83  ILE ILE A . n 
A 1 96  CYS 96  84  84  CYS CYS A . n 
A 1 97  ASN 97  85  85  ASN ASN A . n 
A 1 98  VAL 98  86  86  VAL VAL A . n 
A 1 99  VAL 99  87  87  VAL VAL A . n 
A 1 100 LYS 100 88  88  LYS LYS A . n 
A 1 101 CYS 101 89  89  CYS CYS A . n 
A 1 102 ARG 102 90  90  ARG ARG A . n 
A 1 103 PRO 103 91  91  PRO PRO A . n 
A 1 104 PRO 104 92  92  PRO PRO A . n 
A 1 105 ASN 105 93  93  ASN ASN A . n 
A 1 106 ASN 106 94  94  ASN ASN A . n 
A 1 107 ARG 107 95  95  ARG ARG A . n 
A 1 108 THR 108 96  96  THR THR A . n 
A 1 109 PRO 109 97  97  PRO PRO A . n 
A 1 110 THR 110 98  98  THR THR A . n 
A 1 111 PRO 111 99  99  PRO PRO A . n 
A 1 112 GLU 112 100 100 GLU GLU A . n 
A 1 113 GLU 113 101 101 GLU GLU A . n 
A 1 114 GLN 114 102 102 GLN GLN A . n 
A 1 115 ALA 115 103 103 ALA ALA A . n 
A 1 116 ALA 116 104 104 ALA ALA A . n 
A 1 117 CYS 117 105 105 CYS CYS A . n 
A 1 118 GLY 118 106 106 GLY GLY A . n 
A 1 119 HIS 119 107 107 HIS HIS A . n 
A 1 120 PHE 120 108 108 PHE PHE A . n 
A 1 121 LEU 121 109 109 LEU LEU A . n 
A 1 122 LEU 122 110 110 LEU LEU A . n 
A 1 123 ALA 123 111 111 ALA ALA A . n 
A 1 124 GLN 124 112 112 GLN GLN A . n 
A 1 125 ILE 125 113 113 ILE ILE A . n 
A 1 126 GLU 126 114 114 GLU GLU A . n 
A 1 127 ILE 127 115 115 ILE ILE A . n 
A 1 128 ILE 128 116 116 ILE ILE A . n 
A 1 129 ASN 129 117 117 ASN ASN A . n 
A 1 130 PRO 130 118 118 PRO PRO A . n 
A 1 131 ASP 131 119 119 ASP ASP A . n 
A 1 132 VAL 132 120 120 VAL VAL A . n 
A 1 133 ILE 133 121 121 ILE ILE A . n 
A 1 134 VAL 134 122 122 VAL VAL A . n 
A 1 135 ALA 135 123 123 ALA ALA A . n 
A 1 136 LEU 136 124 124 LEU LEU A . n 
A 1 137 GLY 137 125 125 GLY GLY A . n 
A 1 138 ALA 138 126 126 ALA ALA A . n 
A 1 139 THR 139 127 127 THR THR A . n 
A 1 140 ALA 140 128 128 ALA ALA A . n 
A 1 141 LEU 141 129 129 LEU LEU A . n 
A 1 142 SER 142 130 130 SER SER A . n 
A 1 143 PHE 143 131 131 PHE PHE A . n 
A 1 144 PHE 144 132 132 PHE PHE A . n 
A 1 145 VAL 145 133 133 VAL VAL A . n 
A 1 146 ASP 146 134 134 ASP ASP A . n 
A 1 147 GLY 147 135 135 GLY GLY A . n 
A 1 148 LYS 148 136 136 LYS LYS A . n 
A 1 149 LYS 149 137 137 LYS LYS A . n 
A 1 150 VAL 150 138 138 VAL VAL A . n 
A 1 151 SER 151 139 139 SER SER A . n 
A 1 152 ILE 152 140 140 ILE ILE A . n 
A 1 153 THR 153 141 141 THR THR A . n 
A 1 154 LYS 154 142 142 LYS LYS A . n 
A 1 155 VAL 155 143 143 VAL VAL A . n 
A 1 156 ARG 156 144 144 ARG ARG A . n 
A 1 157 GLY 157 145 145 GLY GLY A . n 
A 1 158 ASN 158 146 146 ASN ASN A . n 
A 1 159 PRO 159 147 147 PRO PRO A . n 
A 1 160 ILE 160 148 148 ILE ILE A . n 
A 1 161 ASP 161 149 149 ASP ASP A . n 
A 1 162 TRP 162 150 150 TRP TRP A . n 
A 1 163 LEU 163 151 151 LEU LEU A . n 
A 1 164 GLY 164 152 152 GLY GLY A . n 
A 1 165 GLY 165 153 153 GLY GLY A . n 
A 1 166 LYS 166 154 154 LYS LYS A . n 
A 1 167 LYS 167 155 155 LYS LYS A . n 
A 1 168 VAL 168 156 156 VAL VAL A . n 
A 1 169 ILE 169 157 157 ILE ILE A . n 
A 1 170 PRO 170 158 158 PRO PRO A . n 
A 1 171 THR 171 159 159 THR THR A . n 
A 1 172 PHE 172 160 160 PHE PHE A . n 
A 1 173 HIS 173 161 161 HIS HIS A . n 
A 1 174 PRO 174 162 162 PRO PRO A . n 
A 1 175 SER 175 163 163 SER SER A . n 
A 1 176 TYR 176 164 164 TYR TYR A . n 
A 1 177 LEU 177 165 165 LEU LEU A . n 
A 1 178 LEU 178 166 166 LEU LEU A . n 
A 1 179 ARG 179 167 167 ARG ARG A . n 
A 1 180 ASN 180 168 168 ASN ASN A . n 
A 1 181 ARG 181 169 169 ARG ARG A . n 
A 1 182 SER 182 170 170 SER SER A . n 
A 1 183 ASN 183 171 171 ASN ASN A . n 
A 1 184 GLU 184 172 172 GLU GLU A . n 
A 1 185 LEU 185 173 173 LEU LEU A . n 
A 1 186 ARG 186 174 174 ARG ARG A . n 
A 1 187 ARG 187 175 175 ARG ARG A . n 
A 1 188 ILE 188 176 176 ILE ILE A . n 
A 1 189 VAL 189 177 177 VAL VAL A . n 
A 1 190 LEU 190 178 178 LEU LEU A . n 
A 1 191 GLU 191 179 179 GLU GLU A . n 
A 1 192 ASP 192 180 180 ASP ASP A . n 
A 1 193 ILE 193 181 181 ILE ILE A . n 
A 1 194 GLU 194 182 182 GLU GLU A . n 
A 1 195 LYS 195 183 183 LYS LYS A . n 
A 1 196 ALA 196 184 184 ALA ALA A . n 
A 1 197 LYS 197 185 185 LYS LYS A . n 
A 1 198 SER 198 186 186 SER SER A . n 
A 1 199 PHE 199 187 187 PHE PHE A . n 
A 1 200 ILE 200 188 188 ILE ILE A . n 
A 1 201 LYS 201 189 189 LYS LYS A . n 
A 1 202 LYS 202 190 190 LYS LYS A . n 
A 1 203 GLU 203 191 191 GLU GLU A . n 
A 1 204 GLY 204 192 ?   ?   ?   A . n 
# 
loop_
_pdbx_nonpoly_scheme.asym_id 
_pdbx_nonpoly_scheme.entity_id 
_pdbx_nonpoly_scheme.mon_id 
_pdbx_nonpoly_scheme.ndb_seq_num 
_pdbx_nonpoly_scheme.pdb_seq_num 
_pdbx_nonpoly_scheme.auth_seq_num 
_pdbx_nonpoly_scheme.pdb_mon_id 
_pdbx_nonpoly_scheme.auth_mon_id 
_pdbx_nonpoly_scheme.pdb_strand_id 
_pdbx_nonpoly_scheme.pdb_ins_code 
B 2 SF4 1   201 201 SF4 FS4 A . 
C 3 UNL 1   301 301 UNL UNL A . 
D 4 HOH 1   302 1   HOH HOH A . 
D 4 HOH 2   303 2   HOH HOH A . 
D 4 HOH 3   304 3   HOH HOH A . 
D 4 HOH 4   305 4   HOH HOH A . 
D 4 HOH 5   306 5   HOH HOH A . 
D 4 HOH 6   307 6   HOH HOH A . 
D 4 HOH 7   308 7   HOH HOH A . 
D 4 HOH 8   309 8   HOH HOH A . 
D 4 HOH 9   310 9   HOH HOH A . 
D 4 HOH 10  311 10  HOH HOH A . 
D 4 HOH 11  312 11  HOH HOH A . 
D 4 HOH 12  313 12  HOH HOH A . 
D 4 HOH 13  314 13  HOH HOH A . 
D 4 HOH 14  315 14  HOH HOH A . 
D 4 HOH 15  316 15  HOH HOH A . 
D 4 HOH 16  317 16  HOH HOH A . 
D 4 HOH 17  318 17  HOH HOH A . 
D 4 HOH 18  319 18  HOH HOH A . 
D 4 HOH 19  320 19  HOH HOH A . 
D 4 HOH 20  321 20  HOH HOH A . 
D 4 HOH 21  322 21  HOH HOH A . 
D 4 HOH 22  323 22  HOH HOH A . 
D 4 HOH 23  324 23  HOH HOH A . 
D 4 HOH 24  325 24  HOH HOH A . 
D 4 HOH 25  326 25  HOH HOH A . 
D 4 HOH 26  327 26  HOH HOH A . 
D 4 HOH 27  328 27  HOH HOH A . 
D 4 HOH 28  329 28  HOH HOH A . 
D 4 HOH 29  330 29  HOH HOH A . 
D 4 HOH 30  331 30  HOH HOH A . 
D 4 HOH 31  332 31  HOH HOH A . 
D 4 HOH 32  333 32  HOH HOH A . 
D 4 HOH 33  334 33  HOH HOH A . 
D 4 HOH 34  335 34  HOH HOH A . 
D 4 HOH 35  336 35  HOH HOH A . 
D 4 HOH 36  337 36  HOH HOH A . 
D 4 HOH 37  338 37  HOH HOH A . 
D 4 HOH 38  339 38  HOH HOH A . 
D 4 HOH 39  340 39  HOH HOH A . 
D 4 HOH 40  341 40  HOH HOH A . 
D 4 HOH 41  342 41  HOH HOH A . 
D 4 HOH 42  343 42  HOH HOH A . 
D 4 HOH 43  344 43  HOH HOH A . 
D 4 HOH 44  345 44  HOH HOH A . 
D 4 HOH 45  346 45  HOH HOH A . 
D 4 HOH 46  347 46  HOH HOH A . 
D 4 HOH 47  348 47  HOH HOH A . 
D 4 HOH 48  349 48  HOH HOH A . 
D 4 HOH 49  350 49  HOH HOH A . 
D 4 HOH 50  351 50  HOH HOH A . 
D 4 HOH 51  352 51  HOH HOH A . 
D 4 HOH 52  353 52  HOH HOH A . 
D 4 HOH 53  354 53  HOH HOH A . 
D 4 HOH 54  355 54  HOH HOH A . 
D 4 HOH 55  356 55  HOH HOH A . 
D 4 HOH 56  357 56  HOH HOH A . 
D 4 HOH 57  358 57  HOH HOH A . 
D 4 HOH 58  359 58  HOH HOH A . 
D 4 HOH 59  360 59  HOH HOH A . 
D 4 HOH 60  361 60  HOH HOH A . 
D 4 HOH 61  362 61  HOH HOH A . 
D 4 HOH 62  363 62  HOH HOH A . 
D 4 HOH 63  364 63  HOH HOH A . 
D 4 HOH 64  365 64  HOH HOH A . 
D 4 HOH 65  366 65  HOH HOH A . 
D 4 HOH 66  367 66  HOH HOH A . 
D 4 HOH 67  368 67  HOH HOH A . 
D 4 HOH 68  369 68  HOH HOH A . 
D 4 HOH 69  370 69  HOH HOH A . 
D 4 HOH 70  371 70  HOH HOH A . 
D 4 HOH 71  372 71  HOH HOH A . 
D 4 HOH 72  373 72  HOH HOH A . 
D 4 HOH 73  374 73  HOH HOH A . 
D 4 HOH 74  375 74  HOH HOH A . 
D 4 HOH 75  376 75  HOH HOH A . 
D 4 HOH 76  377 76  HOH HOH A . 
D 4 HOH 77  378 77  HOH HOH A . 
D 4 HOH 78  379 78  HOH HOH A . 
D 4 HOH 79  380 79  HOH HOH A . 
D 4 HOH 80  381 80  HOH HOH A . 
D 4 HOH 81  382 81  HOH HOH A . 
D 4 HOH 82  383 82  HOH HOH A . 
D 4 HOH 83  384 83  HOH HOH A . 
D 4 HOH 84  385 84  HOH HOH A . 
D 4 HOH 85  386 85  HOH HOH A . 
D 4 HOH 86  387 86  HOH HOH A . 
D 4 HOH 87  388 87  HOH HOH A . 
D 4 HOH 88  389 88  HOH HOH A . 
D 4 HOH 89  390 89  HOH HOH A . 
D 4 HOH 90  391 90  HOH HOH A . 
D 4 HOH 91  392 91  HOH HOH A . 
D 4 HOH 92  393 92  HOH HOH A . 
D 4 HOH 93  394 93  HOH HOH A . 
D 4 HOH 94  395 94  HOH HOH A . 
D 4 HOH 95  396 95  HOH HOH A . 
D 4 HOH 96  397 96  HOH HOH A . 
D 4 HOH 97  398 97  HOH HOH A . 
D 4 HOH 98  399 98  HOH HOH A . 
D 4 HOH 99  400 99  HOH HOH A . 
D 4 HOH 100 401 100 HOH HOH A . 
D 4 HOH 101 402 101 HOH HOH A . 
D 4 HOH 102 403 102 HOH HOH A . 
D 4 HOH 103 404 103 HOH HOH A . 
D 4 HOH 104 405 104 HOH HOH A . 
D 4 HOH 105 406 105 HOH HOH A . 
D 4 HOH 106 407 106 HOH HOH A . 
D 4 HOH 107 408 107 HOH HOH A . 
D 4 HOH 108 409 108 HOH HOH A . 
D 4 HOH 109 410 109 HOH HOH A . 
D 4 HOH 110 411 110 HOH HOH A . 
D 4 HOH 111 412 111 HOH HOH A . 
D 4 HOH 112 413 112 HOH HOH A . 
D 4 HOH 113 414 113 HOH HOH A . 
D 4 HOH 114 415 114 HOH HOH A . 
# 
loop_
_pdbx_unobs_or_zero_occ_atoms.id 
_pdbx_unobs_or_zero_occ_atoms.PDB_model_num 
_pdbx_unobs_or_zero_occ_atoms.polymer_flag 
_pdbx_unobs_or_zero_occ_atoms.occupancy_flag 
_pdbx_unobs_or_zero_occ_atoms.auth_asym_id 
_pdbx_unobs_or_zero_occ_atoms.auth_comp_id 
_pdbx_unobs_or_zero_occ_atoms.auth_seq_id 
_pdbx_unobs_or_zero_occ_atoms.PDB_ins_code 
_pdbx_unobs_or_zero_occ_atoms.auth_atom_id 
_pdbx_unobs_or_zero_occ_atoms.label_alt_id 
_pdbx_unobs_or_zero_occ_atoms.label_asym_id 
_pdbx_unobs_or_zero_occ_atoms.label_comp_id 
_pdbx_unobs_or_zero_occ_atoms.label_seq_id 
_pdbx_unobs_or_zero_occ_atoms.label_atom_id 
1  1 Y 1 A LYS 17  ? CE  ? A LYS 29  CE  
2  1 Y 1 A LYS 17  ? NZ  ? A LYS 29  NZ  
3  1 Y 1 A LYS 54  ? CD  ? A LYS 66  CD  
4  1 Y 1 A LYS 54  ? CE  ? A LYS 66  CE  
5  1 Y 1 A LYS 54  ? NZ  ? A LYS 66  NZ  
6  1 Y 1 A MSE 65  ? CE  ? A MSE 77  CE  
7  1 Y 1 A LYS 137 ? CG  ? A LYS 149 CG  
8  1 Y 1 A LYS 137 ? CD  ? A LYS 149 CD  
9  1 Y 1 A LYS 137 ? CE  ? A LYS 149 CE  
10 1 Y 1 A LYS 137 ? NZ  ? A LYS 149 NZ  
11 1 Y 1 A LYS 142 ? CD  ? A LYS 154 CD  
12 1 Y 1 A LYS 142 ? CE  ? A LYS 154 CE  
13 1 Y 1 A LYS 142 ? NZ  ? A LYS 154 NZ  
14 1 Y 1 A LYS 190 ? CG  ? A LYS 202 CG  
15 1 Y 1 A LYS 190 ? CD  ? A LYS 202 CD  
16 1 Y 1 A LYS 190 ? CE  ? A LYS 202 CE  
17 1 Y 1 A LYS 190 ? NZ  ? A LYS 202 NZ  
18 1 Y 1 A GLU 191 ? CA  ? A GLU 203 CA  
19 1 Y 1 A GLU 191 ? C   ? A GLU 203 C   
20 1 Y 1 A GLU 191 ? O   ? A GLU 203 O   
21 1 Y 1 A GLU 191 ? CB  ? A GLU 203 CB  
22 1 Y 1 A GLU 191 ? CG  ? A GLU 203 CG  
23 1 Y 1 A GLU 191 ? CD  ? A GLU 203 CD  
24 1 Y 1 A GLU 191 ? OE1 ? A GLU 203 OE1 
25 1 Y 1 A GLU 191 ? OE2 ? A GLU 203 OE2 
# 
loop_
_software.name 
_software.classification 
_software.version 
_software.citation_id 
_software.pdbx_ordinal 
DENZO     'data reduction' .      ? 1 
SCALEPACK 'data scaling'   .      ? 2 
SHARP     phasing          .      ? 3 
autoSHARP phasing          .      ? 4 
REFMAC    refinement       5.1.24 ? 5 
# 
_cell.length_a           61.049 
_cell.length_b           61.049 
_cell.length_c           127.500 
_cell.angle_alpha        90.00 
_cell.angle_beta         90.00 
_cell.angle_gamma        90.00 
_cell.entry_id           1VK2 
_cell.pdbx_unique_axis   ? 
_cell.Z_PDB              8 
# 
_symmetry.space_group_name_H-M             'P 43 21 2' 
_symmetry.entry_id                         1VK2 
_symmetry.pdbx_full_space_group_name_H-M   ? 
_symmetry.Int_Tables_number                96 
_symmetry.cell_setting                     ? 
_symmetry.space_group_name_Hall            ? 
# 
_exptl.crystals_number   1 
_exptl.method            'X-RAY DIFFRACTION' 
_exptl.entry_id          1VK2 
# 
_exptl_crystal.id                    1 
_exptl_crystal.density_percent_sol   53.13 
_exptl_crystal.density_Matthews      2.65 
_exptl_crystal.density_meas          ? 
_exptl_crystal.description           ? 
_exptl_crystal.F_000                 ? 
_exptl_crystal.preparation           ? 
# 
_exptl_crystal_grow.crystal_id      1 
_exptl_crystal_grow.method          'VAPOR DIFFUSION,SITTING DROP,NANODROP' 
_exptl_crystal_grow.pH              8.5 
_exptl_crystal_grow.temp            277 
_exptl_crystal_grow.pdbx_details    
'TRIS pH 8.5, 8% PEG-8000, VAPOR DIFFUSION,SITTING DROP,NANODROP, temperature 277K. cryo condition: 25% PEG-200.' 
_exptl_crystal_grow.temp_details    ? 
_exptl_crystal_grow.pdbx_pH_range   . 
# 
_diffrn.id                     1 
_diffrn.ambient_temp           100 
_diffrn.ambient_temp_details   ? 
_diffrn.crystal_id             1 
# 
_diffrn_detector.diffrn_id              1 
_diffrn_detector.detector               CCD 
_diffrn_detector.type                   ADSC 
_diffrn_detector.details                ? 
_diffrn_detector.pdbx_collection_date   2004-03-03 
# 
_diffrn_radiation.diffrn_id                        1 
_diffrn_radiation.pdbx_monochromatic_or_laue_m_l   M 
_diffrn_radiation.monochromator                    'Double Crystal Si(111)' 
_diffrn_radiation.pdbx_diffrn_protocol             MAD 
_diffrn_radiation.wavelength_id                    1 
_diffrn_radiation.pdbx_scattering_type             x-ray 
# 
loop_
_diffrn_radiation_wavelength.id 
_diffrn_radiation_wavelength.wavelength 
_diffrn_radiation_wavelength.wt 
1 1.0000 1.0 
2 0.9796 1.0 
3 0.9794 1.0 
# 
_diffrn_source.diffrn_id                   1 
_diffrn_source.source                      SYNCHROTRON 
_diffrn_source.pdbx_synchrotron_site       ALS 
_diffrn_source.pdbx_synchrotron_beamline   8.2.1 
_diffrn_source.type                        'ALS BEAMLINE 8.2.1' 
_diffrn_source.pdbx_wavelength_list        '1.0000, 0.9796, 0.9794' 
_diffrn_source.pdbx_wavelength             ? 
# 
_reflns.observed_criterion_sigma_F   ? 
_reflns.observed_criterion_sigma_I   ? 
_reflns.d_resolution_high            1.90 
_reflns.d_resolution_low             50.00 
_reflns.number_obs                   19816 
_reflns.percent_possible_obs         99.97 
_reflns.pdbx_Rmerge_I_obs            ? 
_reflns.pdbx_netI_over_sigmaI        25.15 
_reflns.B_iso_Wilson_estimate        37.82 
_reflns.pdbx_redundancy              7.87 
_reflns.pdbx_Rsym_value              0.068 
_reflns.entry_id                     1VK2 
_reflns.number_all                   ? 
_reflns.R_free_details               ? 
_reflns.limit_h_max                  ? 
_reflns.limit_h_min                  ? 
_reflns.limit_k_max                  ? 
_reflns.limit_k_min                  ? 
_reflns.limit_l_max                  ? 
_reflns.limit_l_min                  ? 
_reflns.observed_criterion_F_max     ? 
_reflns.observed_criterion_F_min     ? 
_reflns.pdbx_chi_squared             ? 
_reflns.pdbx_scaling_rejects         ? 
_reflns.pdbx_ordinal                 1 
_reflns.pdbx_diffrn_id               1 
# 
_reflns_shell.d_res_high             1.90 
_reflns_shell.d_res_low              1.97 
_reflns_shell.percent_possible_all   99.95 
_reflns_shell.pdbx_Rsym_value        0.841 
_reflns_shell.pdbx_redundancy        6.13 
_reflns_shell.number_unique_all      1938 
_reflns_shell.meanI_over_sigI_obs    2.03 
_reflns_shell.Rmerge_I_obs           ? 
_reflns_shell.percent_possible_obs   ? 
_reflns_shell.number_measured_all    ? 
_reflns_shell.number_measured_obs    ? 
_reflns_shell.number_unique_obs      ? 
_reflns_shell.pdbx_chi_squared       ? 
_reflns_shell.pdbx_ordinal           1 
_reflns_shell.pdbx_diffrn_id         1 
# 
_refine.ls_d_res_high                            1.90 
_refine.ls_d_res_low                             44.09 
_refine.pdbx_ls_sigma_F                          ? 
_refine.pdbx_ls_sigma_I                          ? 
_refine.ls_number_reflns_obs                     18702 
_refine.ls_number_reflns_R_free                  1013 
_refine.ls_percent_reflns_R_free                 5.1 
_refine.ls_percent_reflns_obs                    99.96 
_refine.ls_R_factor_obs                          0.17886 
_refine.ls_R_factor_R_work                       0.17743 
_refine.ls_R_factor_R_free                       0.20573 
_refine.pdbx_R_Free_selection_details            RANDOM 
_refine.pdbx_stereochemistry_target_values       'MAXIMUM LIKELIHOOD WITH PHASES' 
_refine.pdbx_method_to_determine_struct          MAD 
_refine.pdbx_starting_model                      ? 
_refine.pdbx_ls_cross_valid_method               THROUGHOUT 
_refine.B_iso_mean                               25.426 
_refine.aniso_B[1][1]                            1.31 
_refine.aniso_B[2][2]                            1.31 
_refine.aniso_B[3][3]                            -2.62 
_refine.aniso_B[1][2]                            0.00 
_refine.aniso_B[1][3]                            0.00 
_refine.aniso_B[2][3]                            0.00 
_refine.details                                  
;HYDROGENS HAVE BEEN ADDED IN THE RIDING POSITIONS AN FE4S4 LIGAND IS COVALENTLY BOUND TO CYS18A, CYS21A, CYS89A and CYS105A OF THE PROTEIN.  AN UNIDENTIFIED ENTITY AT THE ACTIVE SITE IS MODELED AS UNL RESIDUE.
;
_refine.pdbx_overall_ESU_R                       0.124 
_refine.pdbx_overall_ESU_R_Free                  0.117 
_refine.overall_SU_ML                            0.081 
_refine.overall_SU_B                             2.880 
_refine.correlation_coeff_Fo_to_Fc               0.966 
_refine.correlation_coeff_Fo_to_Fc_free          0.958 
_refine.solvent_model_details                    'BABINET MODEL WITH MASK' 
_refine.pdbx_solvent_vdw_probe_radii             1.40 
_refine.pdbx_solvent_ion_probe_radii             0.80 
_refine.pdbx_solvent_shrinkage_radii             0.80 
_refine.entry_id                                 1VK2 
_refine.ls_R_factor_all                          ? 
_refine.ls_number_reflns_all                     ? 
_refine.ls_redundancy_reflns_obs                 ? 
_refine.pdbx_data_cutoff_high_absF               ? 
_refine.pdbx_data_cutoff_low_absF                ? 
_refine.ls_number_parameters                     ? 
_refine.ls_number_restraints                     ? 
_refine.ls_R_factor_R_free_error                 ? 
_refine.ls_R_factor_R_free_error_details         ? 
_refine.pdbx_isotropic_thermal_model             ? 
_refine.pdbx_stereochem_target_val_spec_case     ? 
_refine.solvent_model_param_bsol                 ? 
_refine.solvent_model_param_ksol                 ? 
_refine.occupancy_max                            ? 
_refine.occupancy_min                            ? 
_refine.pdbx_data_cutoff_high_rms_absF           ? 
_refine.B_iso_min                                ? 
_refine.B_iso_max                                ? 
_refine.overall_SU_R_Cruickshank_DPI             ? 
_refine.overall_SU_R_free                        ? 
_refine.ls_wR_factor_R_free                      ? 
_refine.ls_wR_factor_R_work                      ? 
_refine.overall_FOM_free_R_set                   ? 
_refine.overall_FOM_work_R_set                   ? 
_refine.pdbx_refine_id                           'X-RAY DIFFRACTION' 
_refine.pdbx_TLS_residual_ADP_flag               'LIKELY RESIDUAL' 
_refine.pdbx_diffrn_id                           1 
_refine.pdbx_overall_phase_error                 ? 
_refine.pdbx_overall_SU_R_free_Cruickshank_DPI   ? 
_refine.pdbx_overall_SU_R_Blow_DPI               ? 
_refine.pdbx_overall_SU_R_free_Blow_DPI          ? 
# 
_refine_hist.pdbx_refine_id                   'X-RAY DIFFRACTION' 
_refine_hist.cycle_id                         LAST 
_refine_hist.pdbx_number_atoms_protein        1479 
_refine_hist.pdbx_number_atoms_nucleic_acid   0 
_refine_hist.pdbx_number_atoms_ligand         11 
_refine_hist.number_atoms_solvent             114 
_refine_hist.number_atoms_total               1604 
_refine_hist.d_res_high                       1.90 
_refine_hist.d_res_low                        44.09 
# 
loop_
_refine_ls_restr.type 
_refine_ls_restr.number 
_refine_ls_restr.dev_ideal 
_refine_ls_restr.dev_ideal_target 
_refine_ls_restr.weight 
_refine_ls_restr.pdbx_refine_id 
_refine_ls_restr.pdbx_restraint_function 
r_bond_refined_d         1516 0.018 0.021  ? 'X-RAY DIFFRACTION' ? 
r_bond_other_d           1427 0.002 0.020  ? 'X-RAY DIFFRACTION' ? 
r_angle_refined_deg      2061 1.671 1.983  ? 'X-RAY DIFFRACTION' ? 
r_angle_other_deg        3303 0.867 3.000  ? 'X-RAY DIFFRACTION' ? 
r_dihedral_angle_1_deg   189  5.693 5.000  ? 'X-RAY DIFFRACTION' ? 
r_chiral_restr           235  0.091 0.200  ? 'X-RAY DIFFRACTION' ? 
r_gen_planes_refined     1667 0.007 0.020  ? 'X-RAY DIFFRACTION' ? 
r_gen_planes_other       300  0.007 0.020  ? 'X-RAY DIFFRACTION' ? 
r_nbd_refined            318  0.208 0.200  ? 'X-RAY DIFFRACTION' ? 
r_nbd_other              1682 0.239 0.200  ? 'X-RAY DIFFRACTION' ? 
r_nbtor_other            924  0.084 0.200  ? 'X-RAY DIFFRACTION' ? 
r_xyhbond_nbd_refined    82   0.146 0.200  ? 'X-RAY DIFFRACTION' ? 
r_symmetry_vdw_refined   2    0.044 0.200  ? 'X-RAY DIFFRACTION' ? 
r_symmetry_vdw_other     31   0.353 0.200  ? 'X-RAY DIFFRACTION' ? 
r_symmetry_hbond_refined 4    0.095 0.200  ? 'X-RAY DIFFRACTION' ? 
r_mcbond_it              946  2.039 3.000  ? 'X-RAY DIFFRACTION' ? 
r_mcangle_it             1539 3.691 5.000  ? 'X-RAY DIFFRACTION' ? 
r_scbond_it              570  6.419 8.000  ? 'X-RAY DIFFRACTION' ? 
r_scangle_it             510  9.483 11.000 ? 'X-RAY DIFFRACTION' ? 
# 
_refine_ls_shell.pdbx_total_number_of_bins_used   20 
_refine_ls_shell.d_res_high                       1.900 
_refine_ls_shell.d_res_low                        1.949 
_refine_ls_shell.percent_reflns_obs               ? 
_refine_ls_shell.number_reflns_R_work             1334 
_refine_ls_shell.R_factor_R_work                  0.258 
_refine_ls_shell.percent_reflns_R_free            5.12 
_refine_ls_shell.number_reflns_R_free             72 
_refine_ls_shell.R_factor_R_free                  0.341 
_refine_ls_shell.R_factor_R_free_error            ? 
_refine_ls_shell.redundancy_reflns_obs            ? 
_refine_ls_shell.number_reflns_all                ? 
_refine_ls_shell.number_reflns_obs                ? 
_refine_ls_shell.pdbx_refine_id                   'X-RAY DIFFRACTION' 
_refine_ls_shell.R_factor_all                     ? 
# 
_struct.entry_id                  1VK2 
_struct.title                     
'Crystal structure of Uracil-DNA glycosylase (TM0511) from Thermotoga maritima at 1.90 A resolution' 
_struct.pdbx_model_details        ? 
_struct.pdbx_CASP_flag            ? 
_struct.pdbx_model_type_details   ? 
# 
_struct_keywords.text            
;TM0511, URACIL-DNA GLYCOSYLASE, STRUCTURAL GENOMICS, JCSG, PSI, Protein Structure Initiative, Joint Center for Structural Genomics, HYDROLASE
;
_struct_keywords.pdbx_keywords   HYDROLASE 
_struct_keywords.entry_id        1VK2 
# 
loop_
_struct_asym.id 
_struct_asym.pdbx_blank_PDB_chainid_flag 
_struct_asym.pdbx_modified 
_struct_asym.entity_id 
_struct_asym.details 
A N N 1 ? 
B N N 2 ? 
C N N 3 ? 
D N N 4 ? 
# 
_struct_ref.id                         1 
_struct_ref.db_name                    UNP 
_struct_ref.db_code                    Q9WYY1_THEMA 
_struct_ref.pdbx_db_accession          Q9WYY1 
_struct_ref.entity_id                  1 
_struct_ref.pdbx_seq_one_letter_code   
;MYTREELMEIVSERVKKCTACPLHLNRTNVVVGEGNLDTRIVFVGEGPGEEEDKTGRPFVGRAGMLLTELLRESGIRRED
VYICNVVKCRPPNNRTPTPEEQAACGHFLLAQIEIINPDVIVALGATALSFFVDGKKVSITKVRGNPIDWLGGKKVIPTF
HPSYLLRNRSNELRRIVLEDIEKAKSFIKKEG
;
_struct_ref.pdbx_align_begin           1 
_struct_ref.pdbx_db_isoform            ? 
# 
_struct_ref_seq.align_id                      1 
_struct_ref_seq.ref_id                        1 
_struct_ref_seq.pdbx_PDB_id_code              1VK2 
_struct_ref_seq.pdbx_strand_id                A 
_struct_ref_seq.seq_align_beg                 13 
_struct_ref_seq.pdbx_seq_align_beg_ins_code   ? 
_struct_ref_seq.seq_align_end                 204 
_struct_ref_seq.pdbx_seq_align_end_ins_code   ? 
_struct_ref_seq.pdbx_db_accession             Q9WYY1 
_struct_ref_seq.db_align_beg                  1 
_struct_ref_seq.pdbx_db_align_beg_ins_code    ? 
_struct_ref_seq.db_align_end                  192 
_struct_ref_seq.pdbx_db_align_end_ins_code    ? 
_struct_ref_seq.pdbx_auth_seq_align_beg       1 
_struct_ref_seq.pdbx_auth_seq_align_end       192 
# 
loop_
_struct_ref_seq_dif.align_id 
_struct_ref_seq_dif.pdbx_pdb_id_code 
_struct_ref_seq_dif.mon_id 
_struct_ref_seq_dif.pdbx_pdb_strand_id 
_struct_ref_seq_dif.seq_num 
_struct_ref_seq_dif.pdbx_pdb_ins_code 
_struct_ref_seq_dif.pdbx_seq_db_name 
_struct_ref_seq_dif.pdbx_seq_db_accession_code 
_struct_ref_seq_dif.db_mon_id 
_struct_ref_seq_dif.pdbx_seq_db_seq_num 
_struct_ref_seq_dif.details 
_struct_ref_seq_dif.pdbx_auth_seq_num 
_struct_ref_seq_dif.pdbx_ordinal 
1 1VK2 MET A 1  ? UNP Q9WYY1 ?   ?  'expression tag'   -11 1  
1 1VK2 GLY A 2  ? UNP Q9WYY1 ?   ?  'expression tag'   -10 2  
1 1VK2 SER A 3  ? UNP Q9WYY1 ?   ?  'expression tag'   -9  3  
1 1VK2 ASP A 4  ? UNP Q9WYY1 ?   ?  'expression tag'   -8  4  
1 1VK2 LYS A 5  ? UNP Q9WYY1 ?   ?  'expression tag'   -7  5  
1 1VK2 ILE A 6  ? UNP Q9WYY1 ?   ?  'expression tag'   -6  6  
1 1VK2 HIS A 7  ? UNP Q9WYY1 ?   ?  'expression tag'   -5  7  
1 1VK2 HIS A 8  ? UNP Q9WYY1 ?   ?  'expression tag'   -4  8  
1 1VK2 HIS A 9  ? UNP Q9WYY1 ?   ?  'expression tag'   -3  9  
1 1VK2 HIS A 10 ? UNP Q9WYY1 ?   ?  'expression tag'   -2  10 
1 1VK2 HIS A 11 ? UNP Q9WYY1 ?   ?  'expression tag'   -1  11 
1 1VK2 HIS A 12 ? UNP Q9WYY1 ?   ?  'expression tag'   0   12 
1 1VK2 MSE A 13 ? UNP Q9WYY1 MET 1  'modified residue' 1   13 
1 1VK2 MSE A 20 ? UNP Q9WYY1 MET 8  'modified residue' 8   14 
1 1VK2 MSE A 77 ? UNP Q9WYY1 MET 65 'modified residue' 65  15 
# 
_pdbx_struct_assembly.id                   1 
_pdbx_struct_assembly.details              author_defined_assembly 
_pdbx_struct_assembly.method_details       ? 
_pdbx_struct_assembly.oligomeric_details   monomeric 
_pdbx_struct_assembly.oligomeric_count     1 
# 
_pdbx_struct_assembly_gen.assembly_id       1 
_pdbx_struct_assembly_gen.oper_expression   1 
_pdbx_struct_assembly_gen.asym_id_list      A,B,C,D 
# 
_pdbx_struct_oper_list.id                   1 
_pdbx_struct_oper_list.type                 'identity operation' 
_pdbx_struct_oper_list.name                 1_555 
_pdbx_struct_oper_list.symmetry_operation   x,y,z 
_pdbx_struct_oper_list.matrix[1][1]         1.0000000000 
_pdbx_struct_oper_list.matrix[1][2]         0.0000000000 
_pdbx_struct_oper_list.matrix[1][3]         0.0000000000 
_pdbx_struct_oper_list.vector[1]            0.0000000000 
_pdbx_struct_oper_list.matrix[2][1]         0.0000000000 
_pdbx_struct_oper_list.matrix[2][2]         1.0000000000 
_pdbx_struct_oper_list.matrix[2][3]         0.0000000000 
_pdbx_struct_oper_list.vector[2]            0.0000000000 
_pdbx_struct_oper_list.matrix[3][1]         0.0000000000 
_pdbx_struct_oper_list.matrix[3][2]         0.0000000000 
_pdbx_struct_oper_list.matrix[3][3]         1.0000000000 
_pdbx_struct_oper_list.vector[3]            0.0000000000 
# 
_struct_biol.id   1 
# 
loop_
_struct_conf.conf_type_id 
_struct_conf.id 
_struct_conf.pdbx_PDB_helix_id 
_struct_conf.beg_label_comp_id 
_struct_conf.beg_label_asym_id 
_struct_conf.beg_label_seq_id 
_struct_conf.pdbx_beg_PDB_ins_code 
_struct_conf.end_label_comp_id 
_struct_conf.end_label_asym_id 
_struct_conf.end_label_seq_id 
_struct_conf.pdbx_end_PDB_ins_code 
_struct_conf.beg_auth_comp_id 
_struct_conf.beg_auth_asym_id 
_struct_conf.beg_auth_seq_id 
_struct_conf.end_auth_comp_id 
_struct_conf.end_auth_asym_id 
_struct_conf.end_auth_seq_id 
_struct_conf.pdbx_PDB_helix_class 
_struct_conf.details 
_struct_conf.pdbx_PDB_helix_length 
HELX_P HELX_P1  1  THR A 15  ? CYS A 30  ? THR A 3   CYS A 18  1 ? 16 
HELX_P HELX_P2  2  CYS A 33  ? ASN A 38  ? CYS A 21  ASN A 26  5 ? 6  
HELX_P HELX_P3  3  GLY A 61  ? GLY A 68  ? GLY A 49  GLY A 56  1 ? 8  
HELX_P HELX_P4  4  GLY A 73  ? SER A 86  ? GLY A 61  SER A 74  1 ? 14 
HELX_P HELX_P5  5  ARG A 89  ? ASP A 92  ? ARG A 77  ASP A 80  5 ? 4  
HELX_P HELX_P6  6  PRO A 103 ? ARG A 107 ? PRO A 91  ARG A 95  5 ? 5  
HELX_P HELX_P7  7  THR A 110 ? ASN A 129 ? THR A 98  ASN A 117 1 ? 20 
HELX_P HELX_P8  8  GLY A 137 ? PHE A 144 ? GLY A 125 PHE A 132 1 ? 8  
HELX_P HELX_P9  9  SER A 151 ? ARG A 156 ? SER A 139 ARG A 144 1 ? 6  
HELX_P HELX_P10 10 LEU A 163 ? GLY A 165 ? LEU A 151 GLY A 153 5 ? 3  
HELX_P HELX_P11 11 HIS A 173 ? ASN A 180 ? HIS A 161 ASN A 168 1 ? 8  
HELX_P HELX_P12 12 SER A 182 ? SER A 198 ? SER A 170 SER A 186 1 ? 17 
# 
_struct_conf_type.id          HELX_P 
_struct_conf_type.criteria    ? 
_struct_conf_type.reference   ? 
# 
loop_
_struct_conn.id 
_struct_conn.conn_type_id 
_struct_conn.pdbx_leaving_atom_flag 
_struct_conn.pdbx_PDB_id 
_struct_conn.ptnr1_label_asym_id 
_struct_conn.ptnr1_label_comp_id 
_struct_conn.ptnr1_label_seq_id 
_struct_conn.ptnr1_label_atom_id 
_struct_conn.pdbx_ptnr1_label_alt_id 
_struct_conn.pdbx_ptnr1_PDB_ins_code 
_struct_conn.pdbx_ptnr1_standard_comp_id 
_struct_conn.ptnr1_symmetry 
_struct_conn.ptnr2_label_asym_id 
_struct_conn.ptnr2_label_comp_id 
_struct_conn.ptnr2_label_seq_id 
_struct_conn.ptnr2_label_atom_id 
_struct_conn.pdbx_ptnr2_label_alt_id 
_struct_conn.pdbx_ptnr2_PDB_ins_code 
_struct_conn.ptnr1_auth_asym_id 
_struct_conn.ptnr1_auth_comp_id 
_struct_conn.ptnr1_auth_seq_id 
_struct_conn.ptnr2_auth_asym_id 
_struct_conn.ptnr2_auth_comp_id 
_struct_conn.ptnr2_auth_seq_id 
_struct_conn.ptnr2_symmetry 
_struct_conn.pdbx_ptnr3_label_atom_id 
_struct_conn.pdbx_ptnr3_label_seq_id 
_struct_conn.pdbx_ptnr3_label_comp_id 
_struct_conn.pdbx_ptnr3_label_asym_id 
_struct_conn.pdbx_ptnr3_label_alt_id 
_struct_conn.pdbx_ptnr3_PDB_ins_code 
_struct_conn.details 
_struct_conn.pdbx_dist_value 
_struct_conn.pdbx_value_order 
_struct_conn.pdbx_role 
covale1 covale both ? A MSE 13  C  ? ? ? 1_555 A TYR 14 N   ? ? A MSE 1   A TYR 2   1_555 ? ? ? ? ? ? ? 1.332 ? ? 
covale2 covale both ? A LEU 19  C  ? ? ? 1_555 A MSE 20 N   ? ? A LEU 7   A MSE 8   1_555 ? ? ? ? ? ? ? 1.322 ? ? 
covale3 covale both ? A MSE 20  C  ? ? ? 1_555 A GLU 21 N   ? ? A MSE 8   A GLU 9   1_555 ? ? ? ? ? ? ? 1.334 ? ? 
covale4 covale both ? A GLY 76  C  ? ? ? 1_555 A MSE 77 N   ? ? A GLY 64  A MSE 65  1_555 ? ? ? ? ? ? ? 1.321 ? ? 
covale5 covale both ? A MSE 77  C  ? ? ? 1_555 A LEU 78 N   ? ? A MSE 65  A LEU 66  1_555 ? ? ? ? ? ? ? 1.324 ? ? 
metalc1 metalc ?    ? A CYS 30  SG ? ? ? 1_555 B SF4 .  FE2 ? ? A CYS 18  A SF4 201 1_555 ? ? ? ? ? ? ? 2.397 ? ? 
metalc2 metalc ?    ? A CYS 33  SG ? ? ? 1_555 B SF4 .  FE4 ? ? A CYS 21  A SF4 201 1_555 ? ? ? ? ? ? ? 2.262 ? ? 
metalc3 metalc ?    ? A CYS 101 SG ? ? ? 1_555 B SF4 .  FE3 ? ? A CYS 89  A SF4 201 1_555 ? ? ? ? ? ? ? 2.336 ? ? 
metalc4 metalc ?    ? A CYS 117 SG ? ? ? 1_555 B SF4 .  FE1 ? ? A CYS 105 A SF4 201 1_555 ? ? ? ? ? ? ? 2.229 ? ? 
# 
loop_
_struct_conn_type.id 
_struct_conn_type.criteria 
_struct_conn_type.reference 
covale ? ? 
metalc ? ? 
# 
loop_
_pdbx_struct_conn_angle.id 
_pdbx_struct_conn_angle.ptnr1_label_atom_id 
_pdbx_struct_conn_angle.ptnr1_label_alt_id 
_pdbx_struct_conn_angle.ptnr1_label_asym_id 
_pdbx_struct_conn_angle.ptnr1_label_comp_id 
_pdbx_struct_conn_angle.ptnr1_label_seq_id 
_pdbx_struct_conn_angle.ptnr1_auth_atom_id 
_pdbx_struct_conn_angle.ptnr1_auth_asym_id 
_pdbx_struct_conn_angle.ptnr1_auth_comp_id 
_pdbx_struct_conn_angle.ptnr1_auth_seq_id 
_pdbx_struct_conn_angle.ptnr1_PDB_ins_code 
_pdbx_struct_conn_angle.ptnr1_symmetry 
_pdbx_struct_conn_angle.ptnr2_label_atom_id 
_pdbx_struct_conn_angle.ptnr2_label_alt_id 
_pdbx_struct_conn_angle.ptnr2_label_asym_id 
_pdbx_struct_conn_angle.ptnr2_label_comp_id 
_pdbx_struct_conn_angle.ptnr2_label_seq_id 
_pdbx_struct_conn_angle.ptnr2_auth_atom_id 
_pdbx_struct_conn_angle.ptnr2_auth_asym_id 
_pdbx_struct_conn_angle.ptnr2_auth_comp_id 
_pdbx_struct_conn_angle.ptnr2_auth_seq_id 
_pdbx_struct_conn_angle.ptnr2_PDB_ins_code 
_pdbx_struct_conn_angle.ptnr2_symmetry 
_pdbx_struct_conn_angle.ptnr3_label_atom_id 
_pdbx_struct_conn_angle.ptnr3_label_alt_id 
_pdbx_struct_conn_angle.ptnr3_label_asym_id 
_pdbx_struct_conn_angle.ptnr3_label_comp_id 
_pdbx_struct_conn_angle.ptnr3_label_seq_id 
_pdbx_struct_conn_angle.ptnr3_auth_atom_id 
_pdbx_struct_conn_angle.ptnr3_auth_asym_id 
_pdbx_struct_conn_angle.ptnr3_auth_comp_id 
_pdbx_struct_conn_angle.ptnr3_auth_seq_id 
_pdbx_struct_conn_angle.ptnr3_PDB_ins_code 
_pdbx_struct_conn_angle.ptnr3_symmetry 
_pdbx_struct_conn_angle.value 
_pdbx_struct_conn_angle.value_esd 
1  SG ? A CYS 30  ? A CYS 18  ? 1_555 FE2 ? B SF4 . ? A SF4 201 ? 1_555 S1 ? B SF4 . ? A SF4 201 ? 1_555 117.9 ? 
2  SG ? A CYS 30  ? A CYS 18  ? 1_555 FE2 ? B SF4 . ? A SF4 201 ? 1_555 S3 ? B SF4 . ? A SF4 201 ? 1_555 108.6 ? 
3  S1 ? B SF4 .   ? A SF4 201 ? 1_555 FE2 ? B SF4 . ? A SF4 201 ? 1_555 S3 ? B SF4 . ? A SF4 201 ? 1_555 106.0 ? 
4  SG ? A CYS 30  ? A CYS 18  ? 1_555 FE2 ? B SF4 . ? A SF4 201 ? 1_555 S4 ? B SF4 . ? A SF4 201 ? 1_555 110.1 ? 
5  S1 ? B SF4 .   ? A SF4 201 ? 1_555 FE2 ? B SF4 . ? A SF4 201 ? 1_555 S4 ? B SF4 . ? A SF4 201 ? 1_555 105.5 ? 
6  S3 ? B SF4 .   ? A SF4 201 ? 1_555 FE2 ? B SF4 . ? A SF4 201 ? 1_555 S4 ? B SF4 . ? A SF4 201 ? 1_555 108.4 ? 
7  SG ? A CYS 33  ? A CYS 21  ? 1_555 FE4 ? B SF4 . ? A SF4 201 ? 1_555 S1 ? B SF4 . ? A SF4 201 ? 1_555 112.7 ? 
8  SG ? A CYS 33  ? A CYS 21  ? 1_555 FE4 ? B SF4 . ? A SF4 201 ? 1_555 S2 ? B SF4 . ? A SF4 201 ? 1_555 105.3 ? 
9  S1 ? B SF4 .   ? A SF4 201 ? 1_555 FE4 ? B SF4 . ? A SF4 201 ? 1_555 S2 ? B SF4 . ? A SF4 201 ? 1_555 105.6 ? 
10 SG ? A CYS 33  ? A CYS 21  ? 1_555 FE4 ? B SF4 . ? A SF4 201 ? 1_555 S3 ? B SF4 . ? A SF4 201 ? 1_555 120.1 ? 
11 S1 ? B SF4 .   ? A SF4 201 ? 1_555 FE4 ? B SF4 . ? A SF4 201 ? 1_555 S3 ? B SF4 . ? A SF4 201 ? 1_555 104.9 ? 
12 S2 ? B SF4 .   ? A SF4 201 ? 1_555 FE4 ? B SF4 . ? A SF4 201 ? 1_555 S3 ? B SF4 . ? A SF4 201 ? 1_555 107.2 ? 
13 SG ? A CYS 101 ? A CYS 89  ? 1_555 FE3 ? B SF4 . ? A SF4 201 ? 1_555 S1 ? B SF4 . ? A SF4 201 ? 1_555 120.1 ? 
14 SG ? A CYS 101 ? A CYS 89  ? 1_555 FE3 ? B SF4 . ? A SF4 201 ? 1_555 S2 ? B SF4 . ? A SF4 201 ? 1_555 105.9 ? 
15 S1 ? B SF4 .   ? A SF4 201 ? 1_555 FE3 ? B SF4 . ? A SF4 201 ? 1_555 S2 ? B SF4 . ? A SF4 201 ? 1_555 105.4 ? 
16 SG ? A CYS 101 ? A CYS 89  ? 1_555 FE3 ? B SF4 . ? A SF4 201 ? 1_555 S4 ? B SF4 . ? A SF4 201 ? 1_555 114.9 ? 
17 S1 ? B SF4 .   ? A SF4 201 ? 1_555 FE3 ? B SF4 . ? A SF4 201 ? 1_555 S4 ? B SF4 . ? A SF4 201 ? 1_555 104.1 ? 
18 S2 ? B SF4 .   ? A SF4 201 ? 1_555 FE3 ? B SF4 . ? A SF4 201 ? 1_555 S4 ? B SF4 . ? A SF4 201 ? 1_555 105.2 ? 
19 SG ? A CYS 117 ? A CYS 105 ? 1_555 FE1 ? B SF4 . ? A SF4 201 ? 1_555 S2 ? B SF4 . ? A SF4 201 ? 1_555 112.0 ? 
20 SG ? A CYS 117 ? A CYS 105 ? 1_555 FE1 ? B SF4 . ? A SF4 201 ? 1_555 S3 ? B SF4 . ? A SF4 201 ? 1_555 112.9 ? 
21 S2 ? B SF4 .   ? A SF4 201 ? 1_555 FE1 ? B SF4 . ? A SF4 201 ? 1_555 S3 ? B SF4 . ? A SF4 201 ? 1_555 105.4 ? 
22 SG ? A CYS 117 ? A CYS 105 ? 1_555 FE1 ? B SF4 . ? A SF4 201 ? 1_555 S4 ? B SF4 . ? A SF4 201 ? 1_555 115.2 ? 
23 S2 ? B SF4 .   ? A SF4 201 ? 1_555 FE1 ? B SF4 . ? A SF4 201 ? 1_555 S4 ? B SF4 . ? A SF4 201 ? 1_555 103.2 ? 
24 S3 ? B SF4 .   ? A SF4 201 ? 1_555 FE1 ? B SF4 . ? A SF4 201 ? 1_555 S4 ? B SF4 . ? A SF4 201 ? 1_555 107.3 ? 
# 
loop_
_pdbx_modification_feature.ordinal 
_pdbx_modification_feature.label_comp_id 
_pdbx_modification_feature.label_asym_id 
_pdbx_modification_feature.label_seq_id 
_pdbx_modification_feature.label_alt_id 
_pdbx_modification_feature.modified_residue_label_comp_id 
_pdbx_modification_feature.modified_residue_label_asym_id 
_pdbx_modification_feature.modified_residue_label_seq_id 
_pdbx_modification_feature.modified_residue_label_alt_id 
_pdbx_modification_feature.auth_comp_id 
_pdbx_modification_feature.auth_asym_id 
_pdbx_modification_feature.auth_seq_id 
_pdbx_modification_feature.PDB_ins_code 
_pdbx_modification_feature.symmetry 
_pdbx_modification_feature.modified_residue_auth_comp_id 
_pdbx_modification_feature.modified_residue_auth_asym_id 
_pdbx_modification_feature.modified_residue_auth_seq_id 
_pdbx_modification_feature.modified_residue_PDB_ins_code 
_pdbx_modification_feature.modified_residue_symmetry 
_pdbx_modification_feature.comp_id_linking_atom 
_pdbx_modification_feature.modified_residue_id_linking_atom 
_pdbx_modification_feature.modified_residue_id 
_pdbx_modification_feature.ref_pcm_id 
_pdbx_modification_feature.ref_comp_id 
_pdbx_modification_feature.type 
_pdbx_modification_feature.category 
1 MSE A 13 ? . . . . MSE A 1  ? 1_555 . . . . . . . MET 1 MSE Selenomethionine 'Named protein modification' 
2 MSE A 20 ? . . . . MSE A 8  ? 1_555 . . . . . . . MET 1 MSE Selenomethionine 'Named protein modification' 
3 MSE A 77 ? . . . . MSE A 65 ? 1_555 . . . . . . . MET 1 MSE Selenomethionine 'Named protein modification' 
# 
_struct_sheet.id               A 
_struct_sheet.type             ? 
_struct_sheet.number_strands   6 
_struct_sheet.details          ? 
# 
loop_
_struct_sheet_order.sheet_id 
_struct_sheet_order.range_id_1 
_struct_sheet_order.range_id_2 
_struct_sheet_order.offset 
_struct_sheet_order.sense 
A 1 2 ? anti-parallel 
A 2 3 ? parallel      
A 3 4 ? parallel      
A 4 5 ? parallel      
A 5 6 ? anti-parallel 
# 
loop_
_struct_sheet_range.sheet_id 
_struct_sheet_range.id 
_struct_sheet_range.beg_label_comp_id 
_struct_sheet_range.beg_label_asym_id 
_struct_sheet_range.beg_label_seq_id 
_struct_sheet_range.pdbx_beg_PDB_ins_code 
_struct_sheet_range.end_label_comp_id 
_struct_sheet_range.end_label_asym_id 
_struct_sheet_range.end_label_seq_id 
_struct_sheet_range.pdbx_end_PDB_ins_code 
_struct_sheet_range.beg_auth_comp_id 
_struct_sheet_range.beg_auth_asym_id 
_struct_sheet_range.beg_auth_seq_id 
_struct_sheet_range.end_auth_comp_id 
_struct_sheet_range.end_auth_asym_id 
_struct_sheet_range.end_auth_seq_id 
A 1 GLU A 46  ? GLY A 47  ? GLU A 34  GLY A 35  
A 2 TYR A 94  ? ASN A 97  ? TYR A 82  ASN A 85  
A 3 ILE A 53  ? GLY A 57  ? ILE A 41  GLY A 45  
A 4 VAL A 132 ? LEU A 136 ? VAL A 120 LEU A 124 
A 5 LYS A 167 ? THR A 171 ? LYS A 155 THR A 159 
A 6 ILE A 160 ? ASP A 161 ? ILE A 148 ASP A 149 
# 
loop_
_pdbx_struct_sheet_hbond.sheet_id 
_pdbx_struct_sheet_hbond.range_id_1 
_pdbx_struct_sheet_hbond.range_id_2 
_pdbx_struct_sheet_hbond.range_1_label_atom_id 
_pdbx_struct_sheet_hbond.range_1_label_comp_id 
_pdbx_struct_sheet_hbond.range_1_label_asym_id 
_pdbx_struct_sheet_hbond.range_1_label_seq_id 
_pdbx_struct_sheet_hbond.range_1_PDB_ins_code 
_pdbx_struct_sheet_hbond.range_1_auth_atom_id 
_pdbx_struct_sheet_hbond.range_1_auth_comp_id 
_pdbx_struct_sheet_hbond.range_1_auth_asym_id 
_pdbx_struct_sheet_hbond.range_1_auth_seq_id 
_pdbx_struct_sheet_hbond.range_2_label_atom_id 
_pdbx_struct_sheet_hbond.range_2_label_comp_id 
_pdbx_struct_sheet_hbond.range_2_label_asym_id 
_pdbx_struct_sheet_hbond.range_2_label_seq_id 
_pdbx_struct_sheet_hbond.range_2_PDB_ins_code 
_pdbx_struct_sheet_hbond.range_2_auth_atom_id 
_pdbx_struct_sheet_hbond.range_2_auth_comp_id 
_pdbx_struct_sheet_hbond.range_2_auth_asym_id 
_pdbx_struct_sheet_hbond.range_2_auth_seq_id 
A 1 2 N GLU A 46  ? N GLU A 34  O ILE A 95  ? O ILE A 83  
A 2 3 O TYR A 94  ? O TYR A 82  N PHE A 55  ? N PHE A 43  
A 3 4 N VAL A 56  ? N VAL A 44  O LEU A 136 ? O LEU A 124 
A 4 5 N ALA A 135 ? N ALA A 123 O THR A 171 ? O THR A 159 
A 5 6 O VAL A 168 ? O VAL A 156 N ILE A 160 ? N ILE A 148 
# 
loop_
_struct_site.id 
_struct_site.pdbx_evidence_code 
_struct_site.pdbx_auth_asym_id 
_struct_site.pdbx_auth_comp_id 
_struct_site.pdbx_auth_seq_id 
_struct_site.pdbx_auth_ins_code 
_struct_site.pdbx_num_residues 
_struct_site.details 
AC1 Software A SF4 201 ? 5 'BINDING SITE FOR RESIDUE SF4 A 201' 
AC2 Software A UNL 301 ? 5 'BINDING SITE FOR RESIDUE UNL A 301' 
# 
loop_
_struct_site_gen.id 
_struct_site_gen.site_id 
_struct_site_gen.pdbx_num_res 
_struct_site_gen.label_comp_id 
_struct_site_gen.label_asym_id 
_struct_site_gen.label_seq_id 
_struct_site_gen.pdbx_auth_ins_code 
_struct_site_gen.auth_comp_id 
_struct_site_gen.auth_asym_id 
_struct_site_gen.auth_seq_id 
_struct_site_gen.label_atom_id 
_struct_site_gen.label_alt_id 
_struct_site_gen.symmetry 
_struct_site_gen.details 
1  AC1 5 CYS A 30  ? CYS A 18  . ? 1_555 ? 
2  AC1 5 CYS A 33  ? CYS A 21  . ? 1_555 ? 
3  AC1 5 HIS A 36  ? HIS A 24  . ? 1_555 ? 
4  AC1 5 CYS A 101 ? CYS A 89  . ? 1_555 ? 
5  AC1 5 CYS A 117 ? CYS A 105 . ? 1_555 ? 
6  AC2 5 GLU A 58  ? GLU A 46  . ? 1_555 ? 
7  AC2 5 GLY A 59  ? GLY A 47  . ? 1_555 ? 
8  AC2 5 HIS A 173 ? HIS A 161 . ? 1_555 ? 
9  AC2 5 HOH D .   ? HOH A 305 . ? 1_555 ? 
10 AC2 5 HOH D .   ? HOH A 319 . ? 1_555 ? 
# 
_pdbx_entry_details.entry_id                   1VK2 
_pdbx_entry_details.compound_details           ? 
_pdbx_entry_details.source_details             ? 
_pdbx_entry_details.nonpolymer_details         ? 
_pdbx_entry_details.sequence_details           ? 
_pdbx_entry_details.has_ligand_of_interest     ? 
_pdbx_entry_details.has_protein_modification   Y 
# 
loop_
_pdbx_validate_rmsd_angle.id 
_pdbx_validate_rmsd_angle.PDB_model_num 
_pdbx_validate_rmsd_angle.auth_atom_id_1 
_pdbx_validate_rmsd_angle.auth_asym_id_1 
_pdbx_validate_rmsd_angle.auth_comp_id_1 
_pdbx_validate_rmsd_angle.auth_seq_id_1 
_pdbx_validate_rmsd_angle.PDB_ins_code_1 
_pdbx_validate_rmsd_angle.label_alt_id_1 
_pdbx_validate_rmsd_angle.auth_atom_id_2 
_pdbx_validate_rmsd_angle.auth_asym_id_2 
_pdbx_validate_rmsd_angle.auth_comp_id_2 
_pdbx_validate_rmsd_angle.auth_seq_id_2 
_pdbx_validate_rmsd_angle.PDB_ins_code_2 
_pdbx_validate_rmsd_angle.label_alt_id_2 
_pdbx_validate_rmsd_angle.auth_atom_id_3 
_pdbx_validate_rmsd_angle.auth_asym_id_3 
_pdbx_validate_rmsd_angle.auth_comp_id_3 
_pdbx_validate_rmsd_angle.auth_seq_id_3 
_pdbx_validate_rmsd_angle.PDB_ins_code_3 
_pdbx_validate_rmsd_angle.label_alt_id_3 
_pdbx_validate_rmsd_angle.angle_value 
_pdbx_validate_rmsd_angle.angle_target_value 
_pdbx_validate_rmsd_angle.angle_deviation 
_pdbx_validate_rmsd_angle.angle_standard_deviation 
_pdbx_validate_rmsd_angle.linker_flag 
1 1 CB A ASP 134 ? ? CG A ASP 134 ? ? OD2 A ASP 134 ? ? 123.73 118.30 5.43  0.90 N 
2 1 NE A ARG 167 ? ? CZ A ARG 167 ? ? NH1 A ARG 167 ? ? 124.46 120.30 4.16  0.50 N 
3 1 NE A ARG 167 ? ? CZ A ARG 167 ? ? NH2 A ARG 167 ? ? 114.48 120.30 -5.82 0.50 N 
# 
_pdbx_validate_torsion.id              1 
_pdbx_validate_torsion.PDB_model_num   1 
_pdbx_validate_torsion.auth_comp_id    TRP 
_pdbx_validate_torsion.auth_asym_id    A 
_pdbx_validate_torsion.auth_seq_id     150 
_pdbx_validate_torsion.PDB_ins_code    ? 
_pdbx_validate_torsion.label_alt_id    ? 
_pdbx_validate_torsion.phi             -110.31 
_pdbx_validate_torsion.psi             -165.55 
# 
_pdbx_SG_project.id                    1 
_pdbx_SG_project.project_name          'PSI, Protein Structure Initiative' 
_pdbx_SG_project.full_name_of_center   'Joint Center for Structural Genomics' 
_pdbx_SG_project.initial_of_center     JCSG 
# 
loop_
_pdbx_struct_mod_residue.id 
_pdbx_struct_mod_residue.label_asym_id 
_pdbx_struct_mod_residue.label_comp_id 
_pdbx_struct_mod_residue.label_seq_id 
_pdbx_struct_mod_residue.auth_asym_id 
_pdbx_struct_mod_residue.auth_comp_id 
_pdbx_struct_mod_residue.auth_seq_id 
_pdbx_struct_mod_residue.PDB_ins_code 
_pdbx_struct_mod_residue.parent_comp_id 
_pdbx_struct_mod_residue.details 
1 A MSE 13 A MSE 1  ? MET SELENOMETHIONINE 
2 A MSE 20 A MSE 8  ? MET SELENOMETHIONINE 
3 A MSE 77 A MSE 65 ? MET SELENOMETHIONINE 
# 
_pdbx_refine_tls.id               1 
_pdbx_refine_tls.details          . 
_pdbx_refine_tls.method           refined 
_pdbx_refine_tls.origin_x         0.1856 
_pdbx_refine_tls.origin_y         0.2090 
_pdbx_refine_tls.origin_z         0.2978 
_pdbx_refine_tls.T[1][1]          0.0168 
_pdbx_refine_tls.T[2][2]          0.0538 
_pdbx_refine_tls.T[3][3]          0.0328 
_pdbx_refine_tls.T[1][2]          0.0169 
_pdbx_refine_tls.T[1][3]          -0.0090 
_pdbx_refine_tls.T[2][3]          0.0058 
_pdbx_refine_tls.L[1][1]          2.6387 
_pdbx_refine_tls.L[2][2]          1.8291 
_pdbx_refine_tls.L[3][3]          1.4095 
_pdbx_refine_tls.L[1][2]          -0.2507 
_pdbx_refine_tls.L[1][3]          -0.8158 
_pdbx_refine_tls.L[2][3]          0.2841 
_pdbx_refine_tls.S[1][1]          0.1256 
_pdbx_refine_tls.S[2][2]          -0.0859 
_pdbx_refine_tls.S[3][3]          -0.0397 
_pdbx_refine_tls.S[1][2]          0.0465 
_pdbx_refine_tls.S[1][3]          0.1736 
_pdbx_refine_tls.S[2][3]          0.0462 
_pdbx_refine_tls.S[2][1]          -0.1776 
_pdbx_refine_tls.S[3][1]          -0.0862 
_pdbx_refine_tls.S[3][2]          -0.0809 
_pdbx_refine_tls.pdbx_refine_id   'X-RAY DIFFRACTION' 
# 
_pdbx_refine_tls_group.id                  1 
_pdbx_refine_tls_group.refine_tls_id       1 
_pdbx_refine_tls_group.beg_label_asym_id   A 
_pdbx_refine_tls_group.beg_label_seq_id    13 
_pdbx_refine_tls_group.end_label_asym_id   B 
_pdbx_refine_tls_group.end_label_seq_id    ? 
_pdbx_refine_tls_group.selection           ALL 
_pdbx_refine_tls_group.beg_auth_asym_id    A 
_pdbx_refine_tls_group.beg_auth_seq_id     1 
_pdbx_refine_tls_group.end_auth_asym_id    A 
_pdbx_refine_tls_group.end_auth_seq_id     201 
_pdbx_refine_tls_group.pdbx_refine_id      'X-RAY DIFFRACTION' 
_pdbx_refine_tls_group.selection_details   ? 
# 
_pdbx_database_remark.id     600 
_pdbx_database_remark.text   
;HETEROGEN
AN UNIDENTIFIED ENTITY AT THE ACTIVE SITE IS MODELED AS
A UNL, UNKNOWN LIGAND, RESIDUE.
;
# 
loop_
_pdbx_unobs_or_zero_occ_residues.id 
_pdbx_unobs_or_zero_occ_residues.PDB_model_num 
_pdbx_unobs_or_zero_occ_residues.polymer_flag 
_pdbx_unobs_or_zero_occ_residues.occupancy_flag 
_pdbx_unobs_or_zero_occ_residues.auth_asym_id 
_pdbx_unobs_or_zero_occ_residues.auth_comp_id 
_pdbx_unobs_or_zero_occ_residues.auth_seq_id 
_pdbx_unobs_or_zero_occ_residues.PDB_ins_code 
_pdbx_unobs_or_zero_occ_residues.label_asym_id 
_pdbx_unobs_or_zero_occ_residues.label_comp_id 
_pdbx_unobs_or_zero_occ_residues.label_seq_id 
1  1 Y 1 A MET -11 ? A MET 1   
2  1 Y 1 A GLY -10 ? A GLY 2   
3  1 Y 1 A SER -9  ? A SER 3   
4  1 Y 1 A ASP -8  ? A ASP 4   
5  1 Y 1 A LYS -7  ? A LYS 5   
6  1 Y 1 A ILE -6  ? A ILE 6   
7  1 Y 1 A HIS -5  ? A HIS 7   
8  1 Y 1 A HIS -4  ? A HIS 8   
9  1 Y 1 A HIS -3  ? A HIS 9   
10 1 Y 1 A HIS -2  ? A HIS 10  
11 1 Y 1 A HIS -1  ? A HIS 11  
12 1 Y 1 A HIS 0   ? A HIS 12  
13 1 Y 1 A GLY 192 ? A GLY 204 
# 
loop_
_chem_comp_atom.comp_id 
_chem_comp_atom.atom_id 
_chem_comp_atom.type_symbol 
_chem_comp_atom.pdbx_aromatic_flag 
_chem_comp_atom.pdbx_stereo_config 
_chem_comp_atom.pdbx_ordinal 
ALA N    N  N N 1   
ALA CA   C  N S 2   
ALA C    C  N N 3   
ALA O    O  N N 4   
ALA CB   C  N N 5   
ALA OXT  O  N N 6   
ALA H    H  N N 7   
ALA H2   H  N N 8   
ALA HA   H  N N 9   
ALA HB1  H  N N 10  
ALA HB2  H  N N 11  
ALA HB3  H  N N 12  
ALA HXT  H  N N 13  
ARG N    N  N N 14  
ARG CA   C  N S 15  
ARG C    C  N N 16  
ARG O    O  N N 17  
ARG CB   C  N N 18  
ARG CG   C  N N 19  
ARG CD   C  N N 20  
ARG NE   N  N N 21  
ARG CZ   C  N N 22  
ARG NH1  N  N N 23  
ARG NH2  N  N N 24  
ARG OXT  O  N N 25  
ARG H    H  N N 26  
ARG H2   H  N N 27  
ARG HA   H  N N 28  
ARG HB2  H  N N 29  
ARG HB3  H  N N 30  
ARG HG2  H  N N 31  
ARG HG3  H  N N 32  
ARG HD2  H  N N 33  
ARG HD3  H  N N 34  
ARG HE   H  N N 35  
ARG HH11 H  N N 36  
ARG HH12 H  N N 37  
ARG HH21 H  N N 38  
ARG HH22 H  N N 39  
ARG HXT  H  N N 40  
ASN N    N  N N 41  
ASN CA   C  N S 42  
ASN C    C  N N 43  
ASN O    O  N N 44  
ASN CB   C  N N 45  
ASN CG   C  N N 46  
ASN OD1  O  N N 47  
ASN ND2  N  N N 48  
ASN OXT  O  N N 49  
ASN H    H  N N 50  
ASN H2   H  N N 51  
ASN HA   H  N N 52  
ASN HB2  H  N N 53  
ASN HB3  H  N N 54  
ASN HD21 H  N N 55  
ASN HD22 H  N N 56  
ASN HXT  H  N N 57  
ASP N    N  N N 58  
ASP CA   C  N S 59  
ASP C    C  N N 60  
ASP O    O  N N 61  
ASP CB   C  N N 62  
ASP CG   C  N N 63  
ASP OD1  O  N N 64  
ASP OD2  O  N N 65  
ASP OXT  O  N N 66  
ASP H    H  N N 67  
ASP H2   H  N N 68  
ASP HA   H  N N 69  
ASP HB2  H  N N 70  
ASP HB3  H  N N 71  
ASP HD2  H  N N 72  
ASP HXT  H  N N 73  
CYS N    N  N N 74  
CYS CA   C  N R 75  
CYS C    C  N N 76  
CYS O    O  N N 77  
CYS CB   C  N N 78  
CYS SG   S  N N 79  
CYS OXT  O  N N 80  
CYS H    H  N N 81  
CYS H2   H  N N 82  
CYS HA   H  N N 83  
CYS HB2  H  N N 84  
CYS HB3  H  N N 85  
CYS HG   H  N N 86  
CYS HXT  H  N N 87  
GLN N    N  N N 88  
GLN CA   C  N S 89  
GLN C    C  N N 90  
GLN O    O  N N 91  
GLN CB   C  N N 92  
GLN CG   C  N N 93  
GLN CD   C  N N 94  
GLN OE1  O  N N 95  
GLN NE2  N  N N 96  
GLN OXT  O  N N 97  
GLN H    H  N N 98  
GLN H2   H  N N 99  
GLN HA   H  N N 100 
GLN HB2  H  N N 101 
GLN HB3  H  N N 102 
GLN HG2  H  N N 103 
GLN HG3  H  N N 104 
GLN HE21 H  N N 105 
GLN HE22 H  N N 106 
GLN HXT  H  N N 107 
GLU N    N  N N 108 
GLU CA   C  N S 109 
GLU C    C  N N 110 
GLU O    O  N N 111 
GLU CB   C  N N 112 
GLU CG   C  N N 113 
GLU CD   C  N N 114 
GLU OE1  O  N N 115 
GLU OE2  O  N N 116 
GLU OXT  O  N N 117 
GLU H    H  N N 118 
GLU H2   H  N N 119 
GLU HA   H  N N 120 
GLU HB2  H  N N 121 
GLU HB3  H  N N 122 
GLU HG2  H  N N 123 
GLU HG3  H  N N 124 
GLU HE2  H  N N 125 
GLU HXT  H  N N 126 
GLY N    N  N N 127 
GLY CA   C  N N 128 
GLY C    C  N N 129 
GLY O    O  N N 130 
GLY OXT  O  N N 131 
GLY H    H  N N 132 
GLY H2   H  N N 133 
GLY HA2  H  N N 134 
GLY HA3  H  N N 135 
GLY HXT  H  N N 136 
HIS N    N  N N 137 
HIS CA   C  N S 138 
HIS C    C  N N 139 
HIS O    O  N N 140 
HIS CB   C  N N 141 
HIS CG   C  Y N 142 
HIS ND1  N  Y N 143 
HIS CD2  C  Y N 144 
HIS CE1  C  Y N 145 
HIS NE2  N  Y N 146 
HIS OXT  O  N N 147 
HIS H    H  N N 148 
HIS H2   H  N N 149 
HIS HA   H  N N 150 
HIS HB2  H  N N 151 
HIS HB3  H  N N 152 
HIS HD1  H  N N 153 
HIS HD2  H  N N 154 
HIS HE1  H  N N 155 
HIS HE2  H  N N 156 
HIS HXT  H  N N 157 
HOH O    O  N N 158 
HOH H1   H  N N 159 
HOH H2   H  N N 160 
ILE N    N  N N 161 
ILE CA   C  N S 162 
ILE C    C  N N 163 
ILE O    O  N N 164 
ILE CB   C  N S 165 
ILE CG1  C  N N 166 
ILE CG2  C  N N 167 
ILE CD1  C  N N 168 
ILE OXT  O  N N 169 
ILE H    H  N N 170 
ILE H2   H  N N 171 
ILE HA   H  N N 172 
ILE HB   H  N N 173 
ILE HG12 H  N N 174 
ILE HG13 H  N N 175 
ILE HG21 H  N N 176 
ILE HG22 H  N N 177 
ILE HG23 H  N N 178 
ILE HD11 H  N N 179 
ILE HD12 H  N N 180 
ILE HD13 H  N N 181 
ILE HXT  H  N N 182 
LEU N    N  N N 183 
LEU CA   C  N S 184 
LEU C    C  N N 185 
LEU O    O  N N 186 
LEU CB   C  N N 187 
LEU CG   C  N N 188 
LEU CD1  C  N N 189 
LEU CD2  C  N N 190 
LEU OXT  O  N N 191 
LEU H    H  N N 192 
LEU H2   H  N N 193 
LEU HA   H  N N 194 
LEU HB2  H  N N 195 
LEU HB3  H  N N 196 
LEU HG   H  N N 197 
LEU HD11 H  N N 198 
LEU HD12 H  N N 199 
LEU HD13 H  N N 200 
LEU HD21 H  N N 201 
LEU HD22 H  N N 202 
LEU HD23 H  N N 203 
LEU HXT  H  N N 204 
LYS N    N  N N 205 
LYS CA   C  N S 206 
LYS C    C  N N 207 
LYS O    O  N N 208 
LYS CB   C  N N 209 
LYS CG   C  N N 210 
LYS CD   C  N N 211 
LYS CE   C  N N 212 
LYS NZ   N  N N 213 
LYS OXT  O  N N 214 
LYS H    H  N N 215 
LYS H2   H  N N 216 
LYS HA   H  N N 217 
LYS HB2  H  N N 218 
LYS HB3  H  N N 219 
LYS HG2  H  N N 220 
LYS HG3  H  N N 221 
LYS HD2  H  N N 222 
LYS HD3  H  N N 223 
LYS HE2  H  N N 224 
LYS HE3  H  N N 225 
LYS HZ1  H  N N 226 
LYS HZ2  H  N N 227 
LYS HZ3  H  N N 228 
LYS HXT  H  N N 229 
MET N    N  N N 230 
MET CA   C  N S 231 
MET C    C  N N 232 
MET O    O  N N 233 
MET CB   C  N N 234 
MET CG   C  N N 235 
MET SD   S  N N 236 
MET CE   C  N N 237 
MET OXT  O  N N 238 
MET H    H  N N 239 
MET H2   H  N N 240 
MET HA   H  N N 241 
MET HB2  H  N N 242 
MET HB3  H  N N 243 
MET HG2  H  N N 244 
MET HG3  H  N N 245 
MET HE1  H  N N 246 
MET HE2  H  N N 247 
MET HE3  H  N N 248 
MET HXT  H  N N 249 
MSE N    N  N N 250 
MSE CA   C  N S 251 
MSE C    C  N N 252 
MSE O    O  N N 253 
MSE OXT  O  N N 254 
MSE CB   C  N N 255 
MSE CG   C  N N 256 
MSE SE   SE N N 257 
MSE CE   C  N N 258 
MSE H    H  N N 259 
MSE H2   H  N N 260 
MSE HA   H  N N 261 
MSE HXT  H  N N 262 
MSE HB2  H  N N 263 
MSE HB3  H  N N 264 
MSE HG2  H  N N 265 
MSE HG3  H  N N 266 
MSE HE1  H  N N 267 
MSE HE2  H  N N 268 
MSE HE3  H  N N 269 
PHE N    N  N N 270 
PHE CA   C  N S 271 
PHE C    C  N N 272 
PHE O    O  N N 273 
PHE CB   C  N N 274 
PHE CG   C  Y N 275 
PHE CD1  C  Y N 276 
PHE CD2  C  Y N 277 
PHE CE1  C  Y N 278 
PHE CE2  C  Y N 279 
PHE CZ   C  Y N 280 
PHE OXT  O  N N 281 
PHE H    H  N N 282 
PHE H2   H  N N 283 
PHE HA   H  N N 284 
PHE HB2  H  N N 285 
PHE HB3  H  N N 286 
PHE HD1  H  N N 287 
PHE HD2  H  N N 288 
PHE HE1  H  N N 289 
PHE HE2  H  N N 290 
PHE HZ   H  N N 291 
PHE HXT  H  N N 292 
PRO N    N  N N 293 
PRO CA   C  N S 294 
PRO C    C  N N 295 
PRO O    O  N N 296 
PRO CB   C  N N 297 
PRO CG   C  N N 298 
PRO CD   C  N N 299 
PRO OXT  O  N N 300 
PRO H    H  N N 301 
PRO HA   H  N N 302 
PRO HB2  H  N N 303 
PRO HB3  H  N N 304 
PRO HG2  H  N N 305 
PRO HG3  H  N N 306 
PRO HD2  H  N N 307 
PRO HD3  H  N N 308 
PRO HXT  H  N N 309 
SER N    N  N N 310 
SER CA   C  N S 311 
SER C    C  N N 312 
SER O    O  N N 313 
SER CB   C  N N 314 
SER OG   O  N N 315 
SER OXT  O  N N 316 
SER H    H  N N 317 
SER H2   H  N N 318 
SER HA   H  N N 319 
SER HB2  H  N N 320 
SER HB3  H  N N 321 
SER HG   H  N N 322 
SER HXT  H  N N 323 
SF4 FE1  FE N N 324 
SF4 FE2  FE N N 325 
SF4 FE3  FE N N 326 
SF4 FE4  FE N N 327 
SF4 S1   S  N N 328 
SF4 S2   S  N N 329 
SF4 S3   S  N N 330 
SF4 S4   S  N N 331 
THR N    N  N N 332 
THR CA   C  N S 333 
THR C    C  N N 334 
THR O    O  N N 335 
THR CB   C  N R 336 
THR OG1  O  N N 337 
THR CG2  C  N N 338 
THR OXT  O  N N 339 
THR H    H  N N 340 
THR H2   H  N N 341 
THR HA   H  N N 342 
THR HB   H  N N 343 
THR HG1  H  N N 344 
THR HG21 H  N N 345 
THR HG22 H  N N 346 
THR HG23 H  N N 347 
THR HXT  H  N N 348 
TRP N    N  N N 349 
TRP CA   C  N S 350 
TRP C    C  N N 351 
TRP O    O  N N 352 
TRP CB   C  N N 353 
TRP CG   C  Y N 354 
TRP CD1  C  Y N 355 
TRP CD2  C  Y N 356 
TRP NE1  N  Y N 357 
TRP CE2  C  Y N 358 
TRP CE3  C  Y N 359 
TRP CZ2  C  Y N 360 
TRP CZ3  C  Y N 361 
TRP CH2  C  Y N 362 
TRP OXT  O  N N 363 
TRP H    H  N N 364 
TRP H2   H  N N 365 
TRP HA   H  N N 366 
TRP HB2  H  N N 367 
TRP HB3  H  N N 368 
TRP HD1  H  N N 369 
TRP HE1  H  N N 370 
TRP HE3  H  N N 371 
TRP HZ2  H  N N 372 
TRP HZ3  H  N N 373 
TRP HH2  H  N N 374 
TRP HXT  H  N N 375 
TYR N    N  N N 376 
TYR CA   C  N S 377 
TYR C    C  N N 378 
TYR O    O  N N 379 
TYR CB   C  N N 380 
TYR CG   C  Y N 381 
TYR CD1  C  Y N 382 
TYR CD2  C  Y N 383 
TYR CE1  C  Y N 384 
TYR CE2  C  Y N 385 
TYR CZ   C  Y N 386 
TYR OH   O  N N 387 
TYR OXT  O  N N 388 
TYR H    H  N N 389 
TYR H2   H  N N 390 
TYR HA   H  N N 391 
TYR HB2  H  N N 392 
TYR HB3  H  N N 393 
TYR HD1  H  N N 394 
TYR HD2  H  N N 395 
TYR HE1  H  N N 396 
TYR HE2  H  N N 397 
TYR HH   H  N N 398 
TYR HXT  H  N N 399 
VAL N    N  N N 400 
VAL CA   C  N S 401 
VAL C    C  N N 402 
VAL O    O  N N 403 
VAL CB   C  N N 404 
VAL CG1  C  N N 405 
VAL CG2  C  N N 406 
VAL OXT  O  N N 407 
VAL H    H  N N 408 
VAL H2   H  N N 409 
VAL HA   H  N N 410 
VAL HB   H  N N 411 
VAL HG11 H  N N 412 
VAL HG12 H  N N 413 
VAL HG13 H  N N 414 
VAL HG21 H  N N 415 
VAL HG22 H  N N 416 
VAL HG23 H  N N 417 
VAL HXT  H  N N 418 
# 
loop_
_chem_comp_bond.comp_id 
_chem_comp_bond.atom_id_1 
_chem_comp_bond.atom_id_2 
_chem_comp_bond.value_order 
_chem_comp_bond.pdbx_aromatic_flag 
_chem_comp_bond.pdbx_stereo_config 
_chem_comp_bond.pdbx_ordinal 
ALA N   CA   sing N N 1   
ALA N   H    sing N N 2   
ALA N   H2   sing N N 3   
ALA CA  C    sing N N 4   
ALA CA  CB   sing N N 5   
ALA CA  HA   sing N N 6   
ALA C   O    doub N N 7   
ALA C   OXT  sing N N 8   
ALA CB  HB1  sing N N 9   
ALA CB  HB2  sing N N 10  
ALA CB  HB3  sing N N 11  
ALA OXT HXT  sing N N 12  
ARG N   CA   sing N N 13  
ARG N   H    sing N N 14  
ARG N   H2   sing N N 15  
ARG CA  C    sing N N 16  
ARG CA  CB   sing N N 17  
ARG CA  HA   sing N N 18  
ARG C   O    doub N N 19  
ARG C   OXT  sing N N 20  
ARG CB  CG   sing N N 21  
ARG CB  HB2  sing N N 22  
ARG CB  HB3  sing N N 23  
ARG CG  CD   sing N N 24  
ARG CG  HG2  sing N N 25  
ARG CG  HG3  sing N N 26  
ARG CD  NE   sing N N 27  
ARG CD  HD2  sing N N 28  
ARG CD  HD3  sing N N 29  
ARG NE  CZ   sing N N 30  
ARG NE  HE   sing N N 31  
ARG CZ  NH1  sing N N 32  
ARG CZ  NH2  doub N N 33  
ARG NH1 HH11 sing N N 34  
ARG NH1 HH12 sing N N 35  
ARG NH2 HH21 sing N N 36  
ARG NH2 HH22 sing N N 37  
ARG OXT HXT  sing N N 38  
ASN N   CA   sing N N 39  
ASN N   H    sing N N 40  
ASN N   H2   sing N N 41  
ASN CA  C    sing N N 42  
ASN CA  CB   sing N N 43  
ASN CA  HA   sing N N 44  
ASN C   O    doub N N 45  
ASN C   OXT  sing N N 46  
ASN CB  CG   sing N N 47  
ASN CB  HB2  sing N N 48  
ASN CB  HB3  sing N N 49  
ASN CG  OD1  doub N N 50  
ASN CG  ND2  sing N N 51  
ASN ND2 HD21 sing N N 52  
ASN ND2 HD22 sing N N 53  
ASN OXT HXT  sing N N 54  
ASP N   CA   sing N N 55  
ASP N   H    sing N N 56  
ASP N   H2   sing N N 57  
ASP CA  C    sing N N 58  
ASP CA  CB   sing N N 59  
ASP CA  HA   sing N N 60  
ASP C   O    doub N N 61  
ASP C   OXT  sing N N 62  
ASP CB  CG   sing N N 63  
ASP CB  HB2  sing N N 64  
ASP CB  HB3  sing N N 65  
ASP CG  OD1  doub N N 66  
ASP CG  OD2  sing N N 67  
ASP OD2 HD2  sing N N 68  
ASP OXT HXT  sing N N 69  
CYS N   CA   sing N N 70  
CYS N   H    sing N N 71  
CYS N   H2   sing N N 72  
CYS CA  C    sing N N 73  
CYS CA  CB   sing N N 74  
CYS CA  HA   sing N N 75  
CYS C   O    doub N N 76  
CYS C   OXT  sing N N 77  
CYS CB  SG   sing N N 78  
CYS CB  HB2  sing N N 79  
CYS CB  HB3  sing N N 80  
CYS SG  HG   sing N N 81  
CYS OXT HXT  sing N N 82  
GLN N   CA   sing N N 83  
GLN N   H    sing N N 84  
GLN N   H2   sing N N 85  
GLN CA  C    sing N N 86  
GLN CA  CB   sing N N 87  
GLN CA  HA   sing N N 88  
GLN C   O    doub N N 89  
GLN C   OXT  sing N N 90  
GLN CB  CG   sing N N 91  
GLN CB  HB2  sing N N 92  
GLN CB  HB3  sing N N 93  
GLN CG  CD   sing N N 94  
GLN CG  HG2  sing N N 95  
GLN CG  HG3  sing N N 96  
GLN CD  OE1  doub N N 97  
GLN CD  NE2  sing N N 98  
GLN NE2 HE21 sing N N 99  
GLN NE2 HE22 sing N N 100 
GLN OXT HXT  sing N N 101 
GLU N   CA   sing N N 102 
GLU N   H    sing N N 103 
GLU N   H2   sing N N 104 
GLU CA  C    sing N N 105 
GLU CA  CB   sing N N 106 
GLU CA  HA   sing N N 107 
GLU C   O    doub N N 108 
GLU C   OXT  sing N N 109 
GLU CB  CG   sing N N 110 
GLU CB  HB2  sing N N 111 
GLU CB  HB3  sing N N 112 
GLU CG  CD   sing N N 113 
GLU CG  HG2  sing N N 114 
GLU CG  HG3  sing N N 115 
GLU CD  OE1  doub N N 116 
GLU CD  OE2  sing N N 117 
GLU OE2 HE2  sing N N 118 
GLU OXT HXT  sing N N 119 
GLY N   CA   sing N N 120 
GLY N   H    sing N N 121 
GLY N   H2   sing N N 122 
GLY CA  C    sing N N 123 
GLY CA  HA2  sing N N 124 
GLY CA  HA3  sing N N 125 
GLY C   O    doub N N 126 
GLY C   OXT  sing N N 127 
GLY OXT HXT  sing N N 128 
HIS N   CA   sing N N 129 
HIS N   H    sing N N 130 
HIS N   H2   sing N N 131 
HIS CA  C    sing N N 132 
HIS CA  CB   sing N N 133 
HIS CA  HA   sing N N 134 
HIS C   O    doub N N 135 
HIS C   OXT  sing N N 136 
HIS CB  CG   sing N N 137 
HIS CB  HB2  sing N N 138 
HIS CB  HB3  sing N N 139 
HIS CG  ND1  sing Y N 140 
HIS CG  CD2  doub Y N 141 
HIS ND1 CE1  doub Y N 142 
HIS ND1 HD1  sing N N 143 
HIS CD2 NE2  sing Y N 144 
HIS CD2 HD2  sing N N 145 
HIS CE1 NE2  sing Y N 146 
HIS CE1 HE1  sing N N 147 
HIS NE2 HE2  sing N N 148 
HIS OXT HXT  sing N N 149 
HOH O   H1   sing N N 150 
HOH O   H2   sing N N 151 
ILE N   CA   sing N N 152 
ILE N   H    sing N N 153 
ILE N   H2   sing N N 154 
ILE CA  C    sing N N 155 
ILE CA  CB   sing N N 156 
ILE CA  HA   sing N N 157 
ILE C   O    doub N N 158 
ILE C   OXT  sing N N 159 
ILE CB  CG1  sing N N 160 
ILE CB  CG2  sing N N 161 
ILE CB  HB   sing N N 162 
ILE CG1 CD1  sing N N 163 
ILE CG1 HG12 sing N N 164 
ILE CG1 HG13 sing N N 165 
ILE CG2 HG21 sing N N 166 
ILE CG2 HG22 sing N N 167 
ILE CG2 HG23 sing N N 168 
ILE CD1 HD11 sing N N 169 
ILE CD1 HD12 sing N N 170 
ILE CD1 HD13 sing N N 171 
ILE OXT HXT  sing N N 172 
LEU N   CA   sing N N 173 
LEU N   H    sing N N 174 
LEU N   H2   sing N N 175 
LEU CA  C    sing N N 176 
LEU CA  CB   sing N N 177 
LEU CA  HA   sing N N 178 
LEU C   O    doub N N 179 
LEU C   OXT  sing N N 180 
LEU CB  CG   sing N N 181 
LEU CB  HB2  sing N N 182 
LEU CB  HB3  sing N N 183 
LEU CG  CD1  sing N N 184 
LEU CG  CD2  sing N N 185 
LEU CG  HG   sing N N 186 
LEU CD1 HD11 sing N N 187 
LEU CD1 HD12 sing N N 188 
LEU CD1 HD13 sing N N 189 
LEU CD2 HD21 sing N N 190 
LEU CD2 HD22 sing N N 191 
LEU CD2 HD23 sing N N 192 
LEU OXT HXT  sing N N 193 
LYS N   CA   sing N N 194 
LYS N   H    sing N N 195 
LYS N   H2   sing N N 196 
LYS CA  C    sing N N 197 
LYS CA  CB   sing N N 198 
LYS CA  HA   sing N N 199 
LYS C   O    doub N N 200 
LYS C   OXT  sing N N 201 
LYS CB  CG   sing N N 202 
LYS CB  HB2  sing N N 203 
LYS CB  HB3  sing N N 204 
LYS CG  CD   sing N N 205 
LYS CG  HG2  sing N N 206 
LYS CG  HG3  sing N N 207 
LYS CD  CE   sing N N 208 
LYS CD  HD2  sing N N 209 
LYS CD  HD3  sing N N 210 
LYS CE  NZ   sing N N 211 
LYS CE  HE2  sing N N 212 
LYS CE  HE3  sing N N 213 
LYS NZ  HZ1  sing N N 214 
LYS NZ  HZ2  sing N N 215 
LYS NZ  HZ3  sing N N 216 
LYS OXT HXT  sing N N 217 
MET N   CA   sing N N 218 
MET N   H    sing N N 219 
MET N   H2   sing N N 220 
MET CA  C    sing N N 221 
MET CA  CB   sing N N 222 
MET CA  HA   sing N N 223 
MET C   O    doub N N 224 
MET C   OXT  sing N N 225 
MET CB  CG   sing N N 226 
MET CB  HB2  sing N N 227 
MET CB  HB3  sing N N 228 
MET CG  SD   sing N N 229 
MET CG  HG2  sing N N 230 
MET CG  HG3  sing N N 231 
MET SD  CE   sing N N 232 
MET CE  HE1  sing N N 233 
MET CE  HE2  sing N N 234 
MET CE  HE3  sing N N 235 
MET OXT HXT  sing N N 236 
MSE N   CA   sing N N 237 
MSE N   H    sing N N 238 
MSE N   H2   sing N N 239 
MSE CA  C    sing N N 240 
MSE CA  CB   sing N N 241 
MSE CA  HA   sing N N 242 
MSE C   O    doub N N 243 
MSE C   OXT  sing N N 244 
MSE OXT HXT  sing N N 245 
MSE CB  CG   sing N N 246 
MSE CB  HB2  sing N N 247 
MSE CB  HB3  sing N N 248 
MSE CG  SE   sing N N 249 
MSE CG  HG2  sing N N 250 
MSE CG  HG3  sing N N 251 
MSE SE  CE   sing N N 252 
MSE CE  HE1  sing N N 253 
MSE CE  HE2  sing N N 254 
MSE CE  HE3  sing N N 255 
PHE N   CA   sing N N 256 
PHE N   H    sing N N 257 
PHE N   H2   sing N N 258 
PHE CA  C    sing N N 259 
PHE CA  CB   sing N N 260 
PHE CA  HA   sing N N 261 
PHE C   O    doub N N 262 
PHE C   OXT  sing N N 263 
PHE CB  CG   sing N N 264 
PHE CB  HB2  sing N N 265 
PHE CB  HB3  sing N N 266 
PHE CG  CD1  doub Y N 267 
PHE CG  CD2  sing Y N 268 
PHE CD1 CE1  sing Y N 269 
PHE CD1 HD1  sing N N 270 
PHE CD2 CE2  doub Y N 271 
PHE CD2 HD2  sing N N 272 
PHE CE1 CZ   doub Y N 273 
PHE CE1 HE1  sing N N 274 
PHE CE2 CZ   sing Y N 275 
PHE CE2 HE2  sing N N 276 
PHE CZ  HZ   sing N N 277 
PHE OXT HXT  sing N N 278 
PRO N   CA   sing N N 279 
PRO N   CD   sing N N 280 
PRO N   H    sing N N 281 
PRO CA  C    sing N N 282 
PRO CA  CB   sing N N 283 
PRO CA  HA   sing N N 284 
PRO C   O    doub N N 285 
PRO C   OXT  sing N N 286 
PRO CB  CG   sing N N 287 
PRO CB  HB2  sing N N 288 
PRO CB  HB3  sing N N 289 
PRO CG  CD   sing N N 290 
PRO CG  HG2  sing N N 291 
PRO CG  HG3  sing N N 292 
PRO CD  HD2  sing N N 293 
PRO CD  HD3  sing N N 294 
PRO OXT HXT  sing N N 295 
SER N   CA   sing N N 296 
SER N   H    sing N N 297 
SER N   H2   sing N N 298 
SER CA  C    sing N N 299 
SER CA  CB   sing N N 300 
SER CA  HA   sing N N 301 
SER C   O    doub N N 302 
SER C   OXT  sing N N 303 
SER CB  OG   sing N N 304 
SER CB  HB2  sing N N 305 
SER CB  HB3  sing N N 306 
SER OG  HG   sing N N 307 
SER OXT HXT  sing N N 308 
SF4 FE1 S2   sing N N 309 
SF4 FE1 S3   sing N N 310 
SF4 FE1 S4   sing N N 311 
SF4 FE2 S1   sing N N 312 
SF4 FE2 S3   sing N N 313 
SF4 FE2 S4   sing N N 314 
SF4 FE3 S1   sing N N 315 
SF4 FE3 S2   sing N N 316 
SF4 FE3 S4   sing N N 317 
SF4 FE4 S1   sing N N 318 
SF4 FE4 S2   sing N N 319 
SF4 FE4 S3   sing N N 320 
THR N   CA   sing N N 321 
THR N   H    sing N N 322 
THR N   H2   sing N N 323 
THR CA  C    sing N N 324 
THR CA  CB   sing N N 325 
THR CA  HA   sing N N 326 
THR C   O    doub N N 327 
THR C   OXT  sing N N 328 
THR CB  OG1  sing N N 329 
THR CB  CG2  sing N N 330 
THR CB  HB   sing N N 331 
THR OG1 HG1  sing N N 332 
THR CG2 HG21 sing N N 333 
THR CG2 HG22 sing N N 334 
THR CG2 HG23 sing N N 335 
THR OXT HXT  sing N N 336 
TRP N   CA   sing N N 337 
TRP N   H    sing N N 338 
TRP N   H2   sing N N 339 
TRP CA  C    sing N N 340 
TRP CA  CB   sing N N 341 
TRP CA  HA   sing N N 342 
TRP C   O    doub N N 343 
TRP C   OXT  sing N N 344 
TRP CB  CG   sing N N 345 
TRP CB  HB2  sing N N 346 
TRP CB  HB3  sing N N 347 
TRP CG  CD1  doub Y N 348 
TRP CG  CD2  sing Y N 349 
TRP CD1 NE1  sing Y N 350 
TRP CD1 HD1  sing N N 351 
TRP CD2 CE2  doub Y N 352 
TRP CD2 CE3  sing Y N 353 
TRP NE1 CE2  sing Y N 354 
TRP NE1 HE1  sing N N 355 
TRP CE2 CZ2  sing Y N 356 
TRP CE3 CZ3  doub Y N 357 
TRP CE3 HE3  sing N N 358 
TRP CZ2 CH2  doub Y N 359 
TRP CZ2 HZ2  sing N N 360 
TRP CZ3 CH2  sing Y N 361 
TRP CZ3 HZ3  sing N N 362 
TRP CH2 HH2  sing N N 363 
TRP OXT HXT  sing N N 364 
TYR N   CA   sing N N 365 
TYR N   H    sing N N 366 
TYR N   H2   sing N N 367 
TYR CA  C    sing N N 368 
TYR CA  CB   sing N N 369 
TYR CA  HA   sing N N 370 
TYR C   O    doub N N 371 
TYR C   OXT  sing N N 372 
TYR CB  CG   sing N N 373 
TYR CB  HB2  sing N N 374 
TYR CB  HB3  sing N N 375 
TYR CG  CD1  doub Y N 376 
TYR CG  CD2  sing Y N 377 
TYR CD1 CE1  sing Y N 378 
TYR CD1 HD1  sing N N 379 
TYR CD2 CE2  doub Y N 380 
TYR CD2 HD2  sing N N 381 
TYR CE1 CZ   doub Y N 382 
TYR CE1 HE1  sing N N 383 
TYR CE2 CZ   sing Y N 384 
TYR CE2 HE2  sing N N 385 
TYR CZ  OH   sing N N 386 
TYR OH  HH   sing N N 387 
TYR OXT HXT  sing N N 388 
VAL N   CA   sing N N 389 
VAL N   H    sing N N 390 
VAL N   H2   sing N N 391 
VAL CA  C    sing N N 392 
VAL CA  CB   sing N N 393 
VAL CA  HA   sing N N 394 
VAL C   O    doub N N 395 
VAL C   OXT  sing N N 396 
VAL CB  CG1  sing N N 397 
VAL CB  CG2  sing N N 398 
VAL CB  HB   sing N N 399 
VAL CG1 HG11 sing N N 400 
VAL CG1 HG12 sing N N 401 
VAL CG1 HG13 sing N N 402 
VAL CG2 HG21 sing N N 403 
VAL CG2 HG22 sing N N 404 
VAL CG2 HG23 sing N N 405 
VAL OXT HXT  sing N N 406 
# 
_atom_sites.entry_id                    1VK2 
_atom_sites.fract_transf_matrix[1][1]   0.01316445 
_atom_sites.fract_transf_matrix[1][2]   -0.00691439 
_atom_sites.fract_transf_matrix[1][3]   0.00686969 
_atom_sites.fract_transf_matrix[2][1]   0.00393100 
_atom_sites.fract_transf_matrix[2][2]   0.01433065 
_atom_sites.fract_transf_matrix[2][3]   0.00689088 
_atom_sites.fract_transf_matrix[3][1]   -0.00427056 
_atom_sites.fract_transf_matrix[3][2]   -0.00186235 
_atom_sites.fract_transf_matrix[3][3]   0.00630925 
_atom_sites.fract_transf_vector[1]      0.860313 
_atom_sites.fract_transf_vector[2]      0.346756 
_atom_sites.fract_transf_vector[3]      0.576690 
# 
loop_
_atom_type.symbol 
C  
FE 
N  
O  
S  
SE 
# 
loop_
_atom_site.group_PDB 
_atom_site.id 
_atom_site.type_symbol 
_atom_site.label_atom_id 
_atom_site.label_alt_id 
_atom_site.label_comp_id 
_atom_site.label_asym_id 
_atom_site.label_entity_id 
_atom_site.label_seq_id 
_atom_site.pdbx_PDB_ins_code 
_atom_site.Cartn_x 
_atom_site.Cartn_y 
_atom_site.Cartn_z 
_atom_site.occupancy 
_atom_site.B_iso_or_equiv 
_atom_site.pdbx_formal_charge 
_atom_site.auth_seq_id 
_atom_site.auth_comp_id 
_atom_site.auth_asym_id 
_atom_site.auth_atom_id 
_atom_site.pdbx_PDB_model_num 
HETATM 1    N  N   . MSE A 1 13  ? -16.971 -11.702 20.327  1.00 52.89 ? 1   MSE A N   1 
HETATM 2    C  CA  . MSE A 1 13  ? -17.422 -12.250 18.994  1.00 54.98 ? 1   MSE A CA  1 
HETATM 3    C  C   . MSE A 1 13  ? -16.281 -12.496 17.998  1.00 52.37 ? 1   MSE A C   1 
HETATM 4    O  O   . MSE A 1 13  ? -15.918 -13.652 17.737  1.00 51.83 ? 1   MSE A O   1 
HETATM 5    C  CB  . MSE A 1 13  ? -18.429 -11.311 18.347  1.00 56.37 ? 1   MSE A CB  1 
HETATM 6    C  CG  . MSE A 1 13  ? -19.740 -11.303 19.074  1.00 71.15 ? 1   MSE A CG  1 
HETATM 7    SE SE  . MSE A 1 13  ? -21.140 -12.484 18.289  1.00 88.99 ? 1   MSE A SE  1 
HETATM 8    C  CE  . MSE A 1 13  ? -22.487 -10.909 17.962  1.00 77.31 ? 1   MSE A CE  1 
ATOM   9    N  N   . TYR A 1 14  ? -15.754 -11.415 17.426  1.00 46.86 ? 2   TYR A N   1 
ATOM   10   C  CA  . TYR A 1 14  ? -14.651 -11.493 16.453  1.00 46.59 ? 2   TYR A CA  1 
ATOM   11   C  C   . TYR A 1 14  ? -13.770 -10.239 16.587  1.00 41.47 ? 2   TYR A C   1 
ATOM   12   O  O   . TYR A 1 14  ? -14.262 -9.125  16.488  1.00 42.72 ? 2   TYR A O   1 
ATOM   13   C  CB  . TYR A 1 14  ? -15.203 -11.590 15.023  1.00 47.75 ? 2   TYR A CB  1 
ATOM   14   C  CG  . TYR A 1 14  ? -16.266 -10.538 14.716  1.00 56.64 ? 2   TYR A CG  1 
ATOM   15   C  CD1 . TYR A 1 14  ? -15.911 -9.250  14.264  1.00 60.85 ? 2   TYR A CD1 1 
ATOM   16   C  CD2 . TYR A 1 14  ? -17.620 -10.810 14.900  1.00 56.92 ? 2   TYR A CD2 1 
ATOM   17   C  CE1 . TYR A 1 14  ? -16.883 -8.273  13.995  1.00 64.80 ? 2   TYR A CE1 1 
ATOM   18   C  CE2 . TYR A 1 14  ? -18.598 -9.838  14.636  1.00 62.37 ? 2   TYR A CE2 1 
ATOM   19   C  CZ  . TYR A 1 14  ? -18.225 -8.580  14.181  1.00 65.61 ? 2   TYR A CZ  1 
ATOM   20   O  OH  . TYR A 1 14  ? -19.186 -7.630  13.917  1.00 71.60 ? 2   TYR A OH  1 
ATOM   21   N  N   . THR A 1 15  ? -12.477 -10.405 16.801  1.00 33.54 ? 3   THR A N   1 
ATOM   22   C  CA  . THR A 1 15  ? -11.587 -9.253  16.911  1.00 28.70 ? 3   THR A CA  1 
ATOM   23   C  C   . THR A 1 15  ? -11.035 -8.842  15.542  1.00 24.39 ? 3   THR A C   1 
ATOM   24   O  O   . THR A 1 15  ? -11.127 -9.586  14.570  1.00 23.53 ? 3   THR A O   1 
ATOM   25   C  CB  . THR A 1 15  ? -10.421 -9.567  17.833  1.00 27.41 ? 3   THR A CB  1 
ATOM   26   O  OG1 . THR A 1 15  ? -9.706  -10.705 17.331  1.00 25.08 ? 3   THR A OG1 1 
ATOM   27   C  CG2 . THR A 1 15  ? -10.924 -9.949  19.189  1.00 30.05 ? 3   THR A CG2 1 
ATOM   28   N  N   . ARG A 1 16  ? -10.504 -7.642  15.463  1.00 22.32 ? 4   ARG A N   1 
ATOM   29   C  CA  . ARG A 1 16  ? -9.789  -7.194  14.256  1.00 22.63 ? 4   ARG A CA  1 
ATOM   30   C  C   . ARG A 1 16  ? -8.708  -8.214  13.875  1.00 22.97 ? 4   ARG A C   1 
ATOM   31   O  O   . ARG A 1 16  ? -8.538  -8.517  12.700  1.00 19.92 ? 4   ARG A O   1 
ATOM   32   C  CB  . ARG A 1 16  ? -9.113  -5.834  14.460  1.00 20.39 ? 4   ARG A CB  1 
ATOM   33   C  CG  . ARG A 1 16  ? -10.073 -4.685  14.666  1.00 24.40 ? 4   ARG A CG  1 
ATOM   34   C  CD  . ARG A 1 16  ? -9.404  -3.302  14.666  1.00 16.95 ? 4   ARG A CD  1 
ATOM   35   N  NE  . ARG A 1 16  ? -10.443 -2.291  14.674  1.00 19.02 ? 4   ARG A NE  1 
ATOM   36   C  CZ  . ARG A 1 16  ? -10.285 -1.048  14.276  1.00 22.18 ? 4   ARG A CZ  1 
ATOM   37   N  NH1 . ARG A 1 16  ? -9.104  -0.599  13.895  1.00 24.16 ? 4   ARG A NH1 1 
ATOM   38   N  NH2 . ARG A 1 16  ? -11.329 -0.231  14.300  1.00 22.98 ? 4   ARG A NH2 1 
ATOM   39   N  N   . GLU A 1 17  ? -7.997  -8.723  14.875  1.00 21.46 ? 5   GLU A N   1 
ATOM   40   C  CA  . GLU A 1 17  ? -6.932  -9.706  14.649  1.00 24.00 ? 5   GLU A CA  1 
ATOM   41   C  C   . GLU A 1 17  ? -7.452  -10.992 13.996  1.00 22.51 ? 5   GLU A C   1 
ATOM   42   O  O   . GLU A 1 17  ? -6.837  -11.512 13.058  1.00 21.47 ? 5   GLU A O   1 
ATOM   43   C  CB  . GLU A 1 17  ? -6.233  -10.054 15.953  1.00 26.03 ? 5   GLU A CB  1 
ATOM   44   C  CG  . GLU A 1 17  ? -5.327  -8.965  16.500  1.00 33.95 ? 5   GLU A CG  1 
ATOM   45   C  CD  . GLU A 1 17  ? -6.071  -7.807  17.211  1.00 32.93 ? 5   GLU A CD  1 
ATOM   46   O  OE1 . GLU A 1 17  ? -7.269  -7.892  17.539  1.00 19.73 ? 5   GLU A OE1 1 
ATOM   47   O  OE2 . GLU A 1 17  ? -5.421  -6.772  17.433  1.00 26.24 ? 5   GLU A OE2 1 
ATOM   48   N  N   . GLU A 1 18  ? -8.561  -11.505 14.487  1.00 22.65 ? 6   GLU A N   1 
ATOM   49   C  CA  . GLU A 1 18  ? -9.209  -12.682 13.886  1.00 23.18 ? 6   GLU A CA  1 
ATOM   50   C  C   . GLU A 1 18  ? -9.742  -12.385 12.501  1.00 24.08 ? 6   GLU A C   1 
ATOM   51   O  O   . GLU A 1 18  ? -9.664  -13.244 11.621  1.00 25.61 ? 6   GLU A O   1 
ATOM   52   C  CB  . GLU A 1 18  ? -10.364 -13.197 14.761  1.00 24.91 ? 6   GLU A CB  1 
ATOM   53   C  CG  . GLU A 1 18  ? -9.898  -13.751 16.107  1.00 32.99 ? 6   GLU A CG  1 
ATOM   54   C  CD  . GLU A 1 18  ? -11.047 -14.064 17.068  1.00 45.82 ? 6   GLU A CD  1 
ATOM   55   O  OE1 . GLU A 1 18  ? -12.144 -13.452 16.946  1.00 42.46 ? 6   GLU A OE1 1 
ATOM   56   O  OE2 . GLU A 1 18  ? -10.850 -14.950 17.944  1.00 52.95 ? 6   GLU A OE2 1 
ATOM   57   N  N   . LEU A 1 19  ? -10.302 -11.192 12.285  1.00 19.91 ? 7   LEU A N   1 
ATOM   58   C  CA  . LEU A 1 19  ? -10.775 -10.838 10.948  1.00 17.96 ? 7   LEU A CA  1 
ATOM   59   C  C   . LEU A 1 19  ? -9.601  -10.794 9.957   1.00 21.47 ? 7   LEU A C   1 
ATOM   60   O  O   . LEU A 1 19  ? -9.713  -11.241 8.800   1.00 18.62 ? 7   LEU A O   1 
ATOM   61   C  CB  . LEU A 1 19  ? -11.489 -9.500  10.963  1.00 20.39 ? 7   LEU A CB  1 
ATOM   62   C  CG  . LEU A 1 19  ? -12.816 -9.485  11.714  1.00 21.53 ? 7   LEU A CG  1 
ATOM   63   C  CD1 . LEU A 1 19  ? -13.363 -8.068  11.810  1.00 30.55 ? 7   LEU A CD1 1 
ATOM   64   C  CD2 . LEU A 1 19  ? -13.830 -10.454 11.078  1.00 25.41 ? 7   LEU A CD2 1 
HETATM 65   N  N   . MSE A 1 20  ? -8.484  -10.235 10.392  1.00 21.81 ? 8   MSE A N   1 
HETATM 66   C  CA  . MSE A 1 20  ? -7.333  -10.120 9.534   1.00 23.80 ? 8   MSE A CA  1 
HETATM 67   C  C   . MSE A 1 20  ? -6.763  -11.496 9.227   1.00 22.55 ? 8   MSE A C   1 
HETATM 68   O  O   . MSE A 1 20  ? -6.272  -11.707 8.125   1.00 22.91 ? 8   MSE A O   1 
HETATM 69   C  CB  . MSE A 1 20  ? -6.264  -9.211  10.152  1.00 21.49 ? 8   MSE A CB  1 
HETATM 70   C  CG  . MSE A 1 20  ? -5.127  -8.863  9.196   1.00 32.03 ? 8   MSE A CG  1 
HETATM 71   SE SE  . MSE A 1 20  ? -5.814  -7.937  7.516   1.00 36.05 ? 8   MSE A SE  1 
HETATM 72   C  CE  . MSE A 1 20  ? -6.561  -6.421  8.383   1.00 28.94 ? 8   MSE A CE  1 
ATOM   73   N  N   . GLU A 1 21  ? -6.803  -12.406 10.202  1.00 24.51 ? 9   GLU A N   1 
ATOM   74   C  CA  . GLU A 1 21  ? -6.324  -13.772 10.011  1.00 25.58 ? 9   GLU A CA  1 
ATOM   75   C  C   . GLU A 1 21  ? -7.235  -14.487 8.993   1.00 26.24 ? 9   GLU A C   1 
ATOM   76   O  O   . GLU A 1 21  ? -6.748  -15.201 8.136   1.00 24.85 ? 9   GLU A O   1 
ATOM   77   C  CB  . GLU A 1 21  ? -6.250  -14.510 11.356  1.00 29.53 ? 9   GLU A CB  1 
ATOM   78   C  CG  . GLU A 1 21  ? -5.878  -15.982 11.243  1.00 43.70 ? 9   GLU A CG  1 
ATOM   79   C  CD  . GLU A 1 21  ? -4.401  -16.257 10.914  1.00 63.21 ? 9   GLU A CD  1 
ATOM   80   O  OE1 . GLU A 1 21  ? -3.785  -15.544 10.074  1.00 71.99 ? 9   GLU A OE1 1 
ATOM   81   O  OE2 . GLU A 1 21  ? -3.854  -17.233 11.496  1.00 78.13 ? 9   GLU A OE2 1 
ATOM   82   N  N   . ILE A 1 22  ? -8.542  -14.238 9.037   1.00 24.41 ? 10  ILE A N   1 
ATOM   83   C  CA  . ILE A 1 22  ? -9.440  -14.783 8.015   1.00 26.81 ? 10  ILE A CA  1 
ATOM   84   C  C   . ILE A 1 22  ? -9.099  -14.288 6.605   1.00 26.44 ? 10  ILE A C   1 
ATOM   85   O  O   . ILE A 1 22  ? -9.009  -15.092 5.664   1.00 26.17 ? 10  ILE A O   1 
ATOM   86   C  CB  . ILE A 1 22  ? -10.902 -14.488 8.360   1.00 27.08 ? 10  ILE A CB  1 
ATOM   87   C  CG1 . ILE A 1 22  ? -11.331 -15.310 9.570   1.00 23.28 ? 10  ILE A CG1 1 
ATOM   88   C  CG2 . ILE A 1 22  ? -11.830 -14.789 7.169   1.00 30.82 ? 10  ILE A CG2 1 
ATOM   89   C  CD1 . ILE A 1 22  ? -12.592 -14.796 10.223  1.00 36.17 ? 10  ILE A CD1 1 
ATOM   90   N  N   . VAL A 1 23  ? -8.875  -12.986 6.455   1.00 22.06 ? 11  VAL A N   1 
ATOM   91   C  CA  . VAL A 1 23  ? -8.377  -12.429 5.201   1.00 21.22 ? 11  VAL A CA  1 
ATOM   92   C  C   . VAL A 1 23  ? -7.077  -13.137 4.795   1.00 23.15 ? 11  VAL A C   1 
ATOM   93   O  O   . VAL A 1 23  ? -6.952  -13.580 3.679   1.00 21.27 ? 11  VAL A O   1 
ATOM   94   C  CB  . VAL A 1 23  ? -8.120  -10.907 5.289   1.00 25.77 ? 11  VAL A CB  1 
ATOM   95   C  CG1 . VAL A 1 23  ? -7.388  -10.372 4.044   1.00 26.42 ? 11  VAL A CG1 1 
ATOM   96   C  CG2 . VAL A 1 23  ? -9.442  -10.150 5.561   1.00 25.23 ? 11  VAL A CG2 1 
ATOM   97   N  N   . SER A 1 24  ? -6.126  -13.236 5.694   1.00 23.14 ? 12  SER A N   1 
ATOM   98   C  CA  . SER A 1 24  ? -4.842  -13.885 5.365   1.00 25.37 ? 12  SER A CA  1 
ATOM   99   C  C   . SER A 1 24  ? -5.004  -15.339 4.872   1.00 27.27 ? 12  SER A C   1 
ATOM   100  O  O   . SER A 1 24  ? -4.407  -15.733 3.869   1.00 21.91 ? 12  SER A O   1 
ATOM   101  C  CB  . SER A 1 24  ? -3.931  -13.789 6.591   1.00 27.18 ? 12  SER A CB  1 
ATOM   102  O  OG  . SER A 1 24  ? -2.701  -14.422 6.347   1.00 35.14 ? 12  SER A OG  1 
ATOM   103  N  N   . GLU A 1 25  ? -5.849  -16.138 5.538   1.00 29.24 ? 13  GLU A N   1 
ATOM   104  C  CA  . GLU A 1 25  ? -6.067  -17.528 5.103   1.00 30.69 ? 13  GLU A CA  1 
ATOM   105  C  C   . GLU A 1 25  ? -6.755  -17.598 3.739   1.00 27.31 ? 13  GLU A C   1 
ATOM   106  O  O   . GLU A 1 25  ? -6.416  -18.432 2.917   1.00 26.95 ? 13  GLU A O   1 
ATOM   107  C  CB  . GLU A 1 25  ? -6.858  -18.324 6.156   1.00 32.55 ? 13  GLU A CB  1 
ATOM   108  C  CG  . GLU A 1 25  ? -6.037  -18.565 7.427   1.00 44.10 ? 13  GLU A CG  1 
ATOM   109  C  CD  . GLU A 1 25  ? -4.780  -19.422 7.187   1.00 54.71 ? 13  GLU A CD  1 
ATOM   110  O  OE1 . GLU A 1 25  ? -4.912  -20.528 6.610   1.00 59.99 ? 13  GLU A OE1 1 
ATOM   111  O  OE2 . GLU A 1 25  ? -3.659  -18.994 7.554   1.00 55.41 ? 13  GLU A OE2 1 
ATOM   112  N  N   . ARG A 1 26  ? -7.689  -16.692 3.474   1.00 21.51 ? 14  ARG A N   1 
ATOM   113  C  CA  . ARG A 1 26  ? -8.309  -16.632 2.170   1.00 21.22 ? 14  ARG A CA  1 
ATOM   114  C  C   . ARG A 1 26  ? -7.304  -16.220 1.095   1.00 23.47 ? 14  ARG A C   1 
ATOM   115  O  O   . ARG A 1 26  ? -7.318  -16.761 0.007   1.00 27.13 ? 14  ARG A O   1 
ATOM   116  C  CB  . ARG A 1 26  ? -9.489  -15.652 2.170   1.00 20.62 ? 14  ARG A CB  1 
ATOM   117  C  CG  . ARG A 1 26  ? -10.679 -16.124 2.940   1.00 25.77 ? 14  ARG A CG  1 
ATOM   118  C  CD  . ARG A 1 26  ? -11.862 -15.132 2.947   1.00 35.07 ? 14  ARG A CD  1 
ATOM   119  N  NE  . ARG A 1 26  ? -12.949 -15.589 3.825   1.00 38.83 ? 14  ARG A NE  1 
ATOM   120  C  CZ  . ARG A 1 26  ? -14.097 -14.926 4.017   1.00 48.82 ? 14  ARG A CZ  1 
ATOM   121  N  NH1 . ARG A 1 26  ? -14.344 -13.781 3.376   1.00 57.42 ? 14  ARG A NH1 1 
ATOM   122  N  NH2 . ARG A 1 26  ? -15.018 -15.417 4.839   1.00 48.89 ? 14  ARG A NH2 1 
ATOM   123  N  N   . VAL A 1 27  ? -6.421  -15.272 1.389   1.00 23.23 ? 15  VAL A N   1 
ATOM   124  C  CA  . VAL A 1 27  ? -5.395  -14.860 0.416   1.00 25.29 ? 15  VAL A CA  1 
ATOM   125  C  C   . VAL A 1 27  ? -4.504  -16.067 0.083   1.00 25.68 ? 15  VAL A C   1 
ATOM   126  O  O   . VAL A 1 27  ? -4.271  -16.340 -1.075  1.00 24.68 ? 15  VAL A O   1 
ATOM   127  C  CB  . VAL A 1 27  ? -4.544  -13.658 0.943   1.00 22.51 ? 15  VAL A CB  1 
ATOM   128  C  CG1 . VAL A 1 27  ? -3.267  -13.460 0.134   1.00 24.62 ? 15  VAL A CG1 1 
ATOM   129  C  CG2 . VAL A 1 27  ? -5.402  -12.360 1.026   1.00 22.80 ? 15  VAL A CG2 1 
ATOM   130  N  N   . LYS A 1 28  ? -4.035  -16.777 1.101   1.00 25.67 ? 16  LYS A N   1 
ATOM   131  C  CA  . LYS A 1 28  ? -3.164  -17.928 0.923   1.00 27.66 ? 16  LYS A CA  1 
ATOM   132  C  C   . LYS A 1 28  ? -3.814  -19.016 0.044   1.00 29.16 ? 16  LYS A C   1 
ATOM   133  O  O   . LYS A 1 28  ? -3.106  -19.685 -0.657  1.00 27.39 ? 16  LYS A O   1 
ATOM   134  C  CB  . LYS A 1 28  ? -2.744  -18.536 2.267   1.00 27.31 ? 16  LYS A CB  1 
ATOM   135  C  CG  . LYS A 1 28  ? -1.799  -17.698 3.061   1.00 35.43 ? 16  LYS A CG  1 
ATOM   136  C  CD  . LYS A 1 28  ? -1.390  -18.330 4.379   1.00 43.67 ? 16  LYS A CD  1 
ATOM   137  C  CE  . LYS A 1 28  ? -0.360  -17.431 5.093   1.00 44.76 ? 16  LYS A CE  1 
ATOM   138  N  NZ  . LYS A 1 28  ? 0.080   -17.989 6.403   1.00 44.91 ? 16  LYS A NZ  1 
ATOM   139  N  N   . LYS A 1 29  ? -5.138  -19.143 0.065   1.00 27.50 ? 17  LYS A N   1 
ATOM   140  C  CA  . LYS A 1 29  ? -5.873  -20.119 -0.748  1.00 30.95 ? 17  LYS A CA  1 
ATOM   141  C  C   . LYS A 1 29  ? -6.305  -19.587 -2.113  1.00 29.45 ? 17  LYS A C   1 
ATOM   142  O  O   . LYS A 1 29  ? -6.904  -20.321 -2.908  1.00 25.86 ? 17  LYS A O   1 
ATOM   143  C  CB  . LYS A 1 29  ? -7.150  -20.580 -0.009  1.00 32.62 ? 17  LYS A CB  1 
ATOM   144  C  CG  . LYS A 1 29  ? -6.906  -21.562 1.146   1.00 42.77 ? 17  LYS A CG  1 
ATOM   145  C  CD  . LYS A 1 29  ? -8.203  -21.794 1.971   1.00 44.42 ? 17  LYS A CD  1 
ATOM   146  N  N   . CYS A 1 30  ? -6.075  -18.307 -2.367  1.00 25.96 ? 18  CYS A N   1 
ATOM   147  C  CA  . CYS A 1 30  ? -6.616  -17.641 -3.543  1.00 26.31 ? 18  CYS A CA  1 
ATOM   148  C  C   . CYS A 1 30  ? -5.948  -18.054 -4.858  1.00 26.92 ? 18  CYS A C   1 
ATOM   149  O  O   . CYS A 1 30  ? -4.732  -18.018 -4.970  1.00 27.56 ? 18  CYS A O   1 
ATOM   150  C  CB  . CYS A 1 30  ? -6.452  -16.125 -3.414  1.00 27.27 ? 18  CYS A CB  1 
ATOM   151  S  SG  . CYS A 1 30  ? -7.324  -15.283 -4.754  1.00 25.76 ? 18  CYS A SG  1 
ATOM   152  N  N   . THR A 1 31  ? -6.764  -18.366 -5.861  1.00 28.35 ? 19  THR A N   1 
ATOM   153  C  CA  . THR A 1 31  ? -6.283  -18.611 -7.214  1.00 29.56 ? 19  THR A CA  1 
ATOM   154  C  C   . THR A 1 31  ? -7.073  -17.771 -8.239  1.00 30.32 ? 19  THR A C   1 
ATOM   155  O  O   . THR A 1 31  ? -7.194  -18.177 -9.411  1.00 30.06 ? 19  THR A O   1 
ATOM   156  C  CB  . THR A 1 31  ? -6.441  -20.130 -7.541  1.00 28.38 ? 19  THR A CB  1 
ATOM   157  O  OG1 . THR A 1 31  ? -7.821  -20.497 -7.415  1.00 30.78 ? 19  THR A OG1 1 
ATOM   158  C  CG2 . THR A 1 31  ? -5.739  -21.014 -6.522  1.00 35.42 ? 19  THR A CG2 1 
ATOM   159  N  N   . ALA A 1 32  ? -7.603  -16.617 -7.804  1.00 28.03 ? 20  ALA A N   1 
ATOM   160  C  CA  . ALA A 1 32  ? -8.536  -15.830 -8.629  1.00 30.10 ? 20  ALA A CA  1 
ATOM   161  C  C   . ALA A 1 32  ? -7.856  -15.149 -9.819  1.00 31.66 ? 20  ALA A C   1 
ATOM   162  O  O   . ALA A 1 32  ? -8.537  -14.622 -10.679 1.00 31.92 ? 20  ALA A O   1 
ATOM   163  C  CB  . ALA A 1 32  ? -9.292  -14.759 -7.765  1.00 29.29 ? 20  ALA A CB  1 
ATOM   164  N  N   . CYS A 1 33  ? -6.527  -15.086 -9.830  1.00 30.24 ? 21  CYS A N   1 
ATOM   165  C  CA  . CYS A 1 33  ? -5.822  -14.485 -10.962 1.00 29.50 ? 21  CYS A CA  1 
ATOM   166  C  C   . CYS A 1 33  ? -4.533  -15.274 -11.234 1.00 28.97 ? 21  CYS A C   1 
ATOM   167  O  O   . CYS A 1 33  ? -4.165  -16.135 -10.415 1.00 27.29 ? 21  CYS A O   1 
ATOM   168  C  CB  . CYS A 1 33  ? -5.575  -12.966 -10.715 1.00 28.86 ? 21  CYS A CB  1 
ATOM   169  S  SG  . CYS A 1 33  ? -4.006  -12.516 -9.897  1.00 24.10 ? 21  CYS A SG  1 
ATOM   170  N  N   . PRO A 1 34  ? -3.876  -15.014 -12.377 1.00 27.97 ? 22  PRO A N   1 
ATOM   171  C  CA  . PRO A 1 34  ? -2.690  -15.799 -12.767 1.00 27.02 ? 22  PRO A CA  1 
ATOM   172  C  C   . PRO A 1 34  ? -1.472  -15.628 -11.848 1.00 25.23 ? 22  PRO A C   1 
ATOM   173  O  O   . PRO A 1 34  ? -0.554  -16.455 -11.929 1.00 21.76 ? 22  PRO A O   1 
ATOM   174  C  CB  . PRO A 1 34  ? -2.370  -15.291 -14.202 1.00 30.53 ? 22  PRO A CB  1 
ATOM   175  C  CG  . PRO A 1 34  ? -3.688  -14.614 -14.692 1.00 32.57 ? 22  PRO A CG  1 
ATOM   176  C  CD  . PRO A 1 34  ? -4.213  -13.975 -13.392 1.00 29.43 ? 22  PRO A CD  1 
ATOM   177  N  N   . LEU A 1 35  ? -1.446  -14.574 -11.011 1.00 25.27 ? 23  LEU A N   1 
ATOM   178  C  CA  . LEU A 1 35  ? -0.295  -14.321 -10.135 1.00 24.99 ? 23  LEU A CA  1 
ATOM   179  C  C   . LEU A 1 35  ? -0.093  -15.433 -9.100  1.00 25.20 ? 23  LEU A C   1 
ATOM   180  O  O   . LEU A 1 35  ? 1.024   -15.655 -8.658  1.00 25.65 ? 23  LEU A O   1 
ATOM   181  C  CB  . LEU A 1 35  ? -0.395  -12.950 -9.442  1.00 24.49 ? 23  LEU A CB  1 
ATOM   182  C  CG  . LEU A 1 35  ? -0.503  -11.768 -10.398 1.00 20.87 ? 23  LEU A CG  1 
ATOM   183  C  CD1 . LEU A 1 35  ? -0.570  -10.403 -9.656  1.00 25.29 ? 23  LEU A CD1 1 
ATOM   184  C  CD2 . LEU A 1 35  ? 0.622   -11.772 -11.409 1.00 26.21 ? 23  LEU A CD2 1 
ATOM   185  N  N   . HIS A 1 36  ? -1.147  -16.173 -8.747  1.00 25.85 ? 24  HIS A N   1 
ATOM   186  C  CA  . HIS A 1 36  ? -0.971  -17.298 -7.797  1.00 27.55 ? 24  HIS A CA  1 
ATOM   187  C  C   . HIS A 1 36  ? -0.006  -18.358 -8.297  1.00 28.61 ? 24  HIS A C   1 
ATOM   188  O  O   . HIS A 1 36  ? 0.555   -19.091 -7.496  1.00 28.72 ? 24  HIS A O   1 
ATOM   189  C  CB  . HIS A 1 36  ? -2.307  -17.949 -7.438  1.00 31.06 ? 24  HIS A CB  1 
ATOM   190  C  CG  . HIS A 1 36  ? -2.772  -18.974 -8.437  1.00 34.99 ? 24  HIS A CG  1 
ATOM   191  N  ND1 . HIS A 1 36  ? -3.428  -18.632 -9.603  1.00 34.11 ? 24  HIS A ND1 1 
ATOM   192  C  CD2 . HIS A 1 36  ? -2.683  -20.327 -8.436  1.00 40.32 ? 24  HIS A CD2 1 
ATOM   193  C  CE1 . HIS A 1 36  ? -3.726  -19.733 -10.276 1.00 40.15 ? 24  HIS A CE1 1 
ATOM   194  N  NE2 . HIS A 1 36  ? -3.286  -20.775 -9.589  1.00 38.01 ? 24  HIS A NE2 1 
ATOM   195  N  N   . LEU A 1 37  ? 0.163   -18.470 -9.616  1.00 28.83 ? 25  LEU A N   1 
ATOM   196  C  CA  . LEU A 1 37  ? 1.093   -19.462 -10.188 1.00 31.85 ? 25  LEU A CA  1 
ATOM   197  C  C   . LEU A 1 37  ? 2.567   -19.062 -10.027 1.00 31.77 ? 25  LEU A C   1 
ATOM   198  O  O   . LEU A 1 37  ? 3.448   -19.886 -10.177 1.00 27.48 ? 25  LEU A O   1 
ATOM   199  C  CB  . LEU A 1 37  ? 0.809   -19.658 -11.683 1.00 32.63 ? 25  LEU A CB  1 
ATOM   200  C  CG  . LEU A 1 37  ? -0.555  -20.300 -11.971 1.00 37.47 ? 25  LEU A CG  1 
ATOM   201  C  CD1 . LEU A 1 37  ? -0.881  -20.298 -13.492 1.00 41.56 ? 25  LEU A CD1 1 
ATOM   202  C  CD2 . LEU A 1 37  ? -0.591  -21.747 -11.390 1.00 39.59 ? 25  LEU A CD2 1 
ATOM   203  N  N   . ASN A 1 38  ? 2.825   -17.780 -9.786  1.00 32.94 ? 26  ASN A N   1 
ATOM   204  C  CA  . ASN A 1 38  ? 4.196   -17.283 -9.752  1.00 33.61 ? 26  ASN A CA  1 
ATOM   205  C  C   . ASN A 1 38  ? 4.792   -17.124 -8.336  1.00 32.28 ? 26  ASN A C   1 
ATOM   206  O  O   . ASN A 1 38  ? 6.008   -17.197 -8.162  1.00 29.94 ? 26  ASN A O   1 
ATOM   207  C  CB  . ASN A 1 38  ? 4.259   -15.916 -10.430 1.00 34.79 ? 26  ASN A CB  1 
ATOM   208  C  CG  . ASN A 1 38  ? 5.687   -15.436 -10.598 1.00 36.58 ? 26  ASN A CG  1 
ATOM   209  O  OD1 . ASN A 1 38  ? 6.466   -16.108 -11.275 1.00 36.93 ? 26  ASN A OD1 1 
ATOM   210  N  ND2 . ASN A 1 38  ? 6.060   -14.321 -9.946  1.00 28.63 ? 26  ASN A ND2 1 
ATOM   211  N  N   . ARG A 1 39  ? 3.957   -16.801 -7.350  1.00 31.37 ? 27  ARG A N   1 
ATOM   212  C  CA  . ARG A 1 39  ? 4.498   -16.368 -6.053  1.00 31.63 ? 27  ARG A CA  1 
ATOM   213  C  C   . ARG A 1 39  ? 4.919   -17.533 -5.157  1.00 30.81 ? 27  ARG A C   1 
ATOM   214  O  O   . ARG A 1 39  ? 4.339   -18.613 -5.184  1.00 30.87 ? 27  ARG A O   1 
ATOM   215  C  CB  . ARG A 1 39  ? 3.565   -15.404 -5.310  1.00 29.60 ? 27  ARG A CB  1 
ATOM   216  C  CG  . ARG A 1 39  ? 2.475   -16.016 -4.439  1.00 28.85 ? 27  ARG A CG  1 
ATOM   217  C  CD  . ARG A 1 39  ? 1.479   -16.815 -5.198  1.00 25.29 ? 27  ARG A CD  1 
ATOM   218  N  NE  . ARG A 1 39  ? 0.400   -17.311 -4.347  1.00 28.47 ? 27  ARG A NE  1 
ATOM   219  C  CZ  . ARG A 1 39  ? 0.451   -18.453 -3.674  1.00 36.20 ? 27  ARG A CZ  1 
ATOM   220  N  NH1 . ARG A 1 39  ? 1.539   -19.219 -3.715  1.00 32.92 ? 27  ARG A NH1 1 
ATOM   221  N  NH2 . ARG A 1 39  ? -0.585  -18.834 -2.953  1.00 33.75 ? 27  ARG A NH2 1 
ATOM   222  N  N   . THR A 1 40  ? 5.975   -17.280 -4.398  1.00 26.44 ? 28  THR A N   1 
ATOM   223  C  CA  . THR A 1 40  ? 6.433   -18.171 -3.333  1.00 29.12 ? 28  THR A CA  1 
ATOM   224  C  C   . THR A 1 40  ? 5.590   -18.021 -2.070  1.00 25.88 ? 28  THR A C   1 
ATOM   225  O  O   . THR A 1 40  ? 5.200   -18.988 -1.456  1.00 26.83 ? 28  THR A O   1 
ATOM   226  C  CB  . THR A 1 40  ? 7.930   -17.839 -3.084  1.00 30.96 ? 28  THR A CB  1 
ATOM   227  O  OG1 . THR A 1 40  ? 8.634   -18.053 -4.320  1.00 38.99 ? 28  THR A OG1 1 
ATOM   228  C  CG2 . THR A 1 40  ? 8.595   -18.800 -2.138  1.00 36.35 ? 28  THR A CG2 1 
ATOM   229  N  N   . ASN A 1 41  ? 5.327   -16.792 -1.659  1.00 21.85 ? 29  ASN A N   1 
ATOM   230  C  CA  . ASN A 1 41  ? 4.481   -16.523 -0.513  1.00 22.77 ? 29  ASN A CA  1 
ATOM   231  C  C   . ASN A 1 41  ? 3.584   -15.365 -0.833  1.00 20.36 ? 29  ASN A C   1 
ATOM   232  O  O   . ASN A 1 41  ? 4.023   -14.414 -1.468  1.00 20.39 ? 29  ASN A O   1 
ATOM   233  C  CB  . ASN A 1 41  ? 5.316   -16.121 0.693   1.00 22.23 ? 29  ASN A CB  1 
ATOM   234  C  CG  . ASN A 1 41  ? 6.242   -17.217 1.131   1.00 26.87 ? 29  ASN A CG  1 
ATOM   235  O  OD1 . ASN A 1 41  ? 5.796   -18.193 1.667   1.00 24.02 ? 29  ASN A OD1 1 
ATOM   236  N  ND2 . ASN A 1 41  ? 7.522   -17.078 0.841   1.00 19.38 ? 29  ASN A ND2 1 
ATOM   237  N  N   . VAL A 1 42  ? 2.334   -15.431 -0.400  1.00 19.94 ? 30  VAL A N   1 
ATOM   238  C  CA  . VAL A 1 42  ? 1.491   -14.247 -0.500  1.00 20.58 ? 30  VAL A CA  1 
ATOM   239  C  C   . VAL A 1 42  ? 2.018   -13.203 0.510   1.00 23.59 ? 30  VAL A C   1 
ATOM   240  O  O   . VAL A 1 42  ? 2.699   -13.552 1.511   1.00 23.30 ? 30  VAL A O   1 
ATOM   241  C  CB  . VAL A 1 42  ? 0.013   -14.602 -0.233  1.00 21.61 ? 30  VAL A CB  1 
ATOM   242  C  CG1 . VAL A 1 42  ? -0.499  -15.640 -1.260  1.00 25.35 ? 30  VAL A CG1 1 
ATOM   243  C  CG2 . VAL A 1 42  ? -0.180  -15.098 1.233   1.00 23.54 ? 30  VAL A CG2 1 
ATOM   244  N  N   . VAL A 1 43  ? 1.730   -11.942 0.256   1.00 22.63 ? 31  VAL A N   1 
ATOM   245  C  CA  . VAL A 1 43  ? 2.212   -10.875 1.125   1.00 19.53 ? 31  VAL A CA  1 
ATOM   246  C  C   . VAL A 1 43  ? 0.992   -10.059 1.522   1.00 20.39 ? 31  VAL A C   1 
ATOM   247  O  O   . VAL A 1 43  ? 0.469   -9.274  0.759   1.00 20.17 ? 31  VAL A O   1 
ATOM   248  C  CB  . VAL A 1 43  ? 3.271   -10.015 0.401   1.00 23.00 ? 31  VAL A CB  1 
ATOM   249  C  CG1 . VAL A 1 43  ? 3.683   -8.810  1.254   1.00 23.54 ? 31  VAL A CG1 1 
ATOM   250  C  CG2 . VAL A 1 43  ? 4.514   -10.856 0.053   1.00 19.70 ? 31  VAL A CG2 1 
ATOM   251  N  N   . VAL A 1 44  ? 0.473   -10.317 2.690   1.00 20.99 ? 32  VAL A N   1 
ATOM   252  C  CA  . VAL A 1 44  ? -0.791  -9.697  3.091   1.00 21.30 ? 32  VAL A CA  1 
ATOM   253  C  C   . VAL A 1 44  ? -0.727  -8.226  3.505   1.00 24.34 ? 32  VAL A C   1 
ATOM   254  O  O   . VAL A 1 44  ? -1.528  -7.363  3.026   1.00 23.64 ? 32  VAL A O   1 
ATOM   255  C  CB  . VAL A 1 44  ? -1.453  -10.557 4.185   1.00 21.24 ? 32  VAL A CB  1 
ATOM   256  C  CG1 . VAL A 1 44  ? -2.722  -9.872  4.727   1.00 28.54 ? 32  VAL A CG1 1 
ATOM   257  C  CG2 . VAL A 1 44  ? -1.810  -11.902 3.573   1.00 27.08 ? 32  VAL A CG2 1 
ATOM   258  N  N   . GLY A 1 45  ? 0.222   -7.906  4.354   1.00 21.45 ? 33  GLY A N   1 
ATOM   259  C  CA  . GLY A 1 45  ? 0.241   -6.603  4.997   1.00 23.43 ? 33  GLY A CA  1 
ATOM   260  C  C   . GLY A 1 45  ? 0.731   -6.768  6.446   1.00 23.91 ? 33  GLY A C   1 
ATOM   261  O  O   . GLY A 1 45  ? 0.720   -7.845  6.975   1.00 22.73 ? 33  GLY A O   1 
ATOM   262  N  N   . GLU A 1 46  ? 1.208   -5.693  7.060   1.00 20.75 ? 34  GLU A N   1 
ATOM   263  C  CA  . GLU A 1 46  ? 1.759   -5.748  8.377   1.00 21.43 ? 34  GLU A CA  1 
ATOM   264  C  C   . GLU A 1 46  ? 1.625   -4.426  9.095   1.00 21.40 ? 34  GLU A C   1 
ATOM   265  O  O   . GLU A 1 46  ? 1.765   -3.360  8.495   1.00 18.68 ? 34  GLU A O   1 
ATOM   266  C  CB  . GLU A 1 46  ? 3.260   -6.077  8.170   1.00 25.18 ? 34  GLU A CB  1 
ATOM   267  C  CG  . GLU A 1 46  ? 4.216   -6.147  9.308   1.00 37.33 ? 34  GLU A CG  1 
ATOM   268  C  CD  . GLU A 1 46  ? 5.607   -6.437  8.725   1.00 42.03 ? 34  GLU A CD  1 
ATOM   269  O  OE1 . GLU A 1 46  ? 5.839   -7.567  8.264   1.00 30.45 ? 34  GLU A OE1 1 
ATOM   270  O  OE2 . GLU A 1 46  ? 6.440   -5.525  8.646   1.00 35.69 ? 34  GLU A OE2 1 
ATOM   271  N  N   . GLY A 1 47  ? 1.496   -4.552  10.413  1.00 21.84 ? 35  GLY A N   1 
ATOM   272  C  CA  . GLY A 1 47  ? 1.650   -3.517  11.403  1.00 20.15 ? 35  GLY A CA  1 
ATOM   273  C  C   . GLY A 1 47  ? 0.393   -3.390  12.269  1.00 22.97 ? 35  GLY A C   1 
ATOM   274  O  O   . GLY A 1 47  ? -0.290  -4.356  12.572  1.00 20.80 ? 35  GLY A O   1 
ATOM   275  N  N   . ASN A 1 48  ? 0.106   -2.166  12.640  1.00 22.49 ? 36  ASN A N   1 
ATOM   276  C  CA  . ASN A 1 48  ? -0.801  -1.839  13.731  1.00 21.17 ? 36  ASN A CA  1 
ATOM   277  C  C   . ASN A 1 48  ? -2.229  -1.783  13.181  1.00 18.52 ? 36  ASN A C   1 
ATOM   278  O  O   . ASN A 1 48  ? -2.562  -0.928  12.366  1.00 18.14 ? 36  ASN A O   1 
ATOM   279  C  CB  . ASN A 1 48  ? -0.396  -0.470  14.230  1.00 20.36 ? 36  ASN A CB  1 
ATOM   280  C  CG  . ASN A 1 48  ? -1.256  0.055   15.405  1.00 21.00 ? 36  ASN A CG  1 
ATOM   281  O  OD1 . ASN A 1 48  ? -2.101  -0.635  15.936  1.00 18.43 ? 36  ASN A OD1 1 
ATOM   282  N  ND2 . ASN A 1 48  ? -0.945  1.267   15.850  1.00 18.18 ? 36  ASN A ND2 1 
ATOM   283  N  N   . LEU A 1 49  ? -3.075  -2.694  13.638  1.00 19.09 ? 37  LEU A N   1 
ATOM   284  C  CA  . LEU A 1 49  ? -4.486  -2.731  13.222  1.00 19.48 ? 37  LEU A CA  1 
ATOM   285  C  C   . LEU A 1 49  ? -5.350  -1.555  13.751  1.00 18.00 ? 37  LEU A C   1 
ATOM   286  O  O   . LEU A 1 49  ? -6.484  -1.410  13.345  1.00 18.08 ? 37  LEU A O   1 
ATOM   287  C  CB  . LEU A 1 49  ? -5.136  -4.068  13.627  1.00 19.42 ? 37  LEU A CB  1 
ATOM   288  C  CG  . LEU A 1 49  ? -4.452  -5.314  13.007  1.00 23.83 ? 37  LEU A CG  1 
ATOM   289  C  CD1 . LEU A 1 49  ? -5.217  -6.555  13.396  1.00 25.95 ? 37  LEU A CD1 1 
ATOM   290  C  CD2 . LEU A 1 49  ? -4.375  -5.238  11.496  1.00 25.87 ? 37  LEU A CD2 1 
ATOM   291  N  N   . ASP A 1 50  ? -4.798  -0.732  14.637  1.00 17.89 ? 38  ASP A N   1 
ATOM   292  C  CA  . ASP A 1 50  ? -5.460  0.464   15.162  1.00 14.60 ? 38  ASP A CA  1 
ATOM   293  C  C   . ASP A 1 50  ? -4.809  1.738   14.657  1.00 18.91 ? 38  ASP A C   1 
ATOM   294  O  O   . ASP A 1 50  ? -5.032  2.805   15.217  1.00 20.20 ? 38  ASP A O   1 
ATOM   295  C  CB  . ASP A 1 50  ? -5.403  0.474   16.663  1.00 18.35 ? 38  ASP A CB  1 
ATOM   296  C  CG  . ASP A 1 50  ? -6.176  -0.674  17.249  1.00 24.67 ? 38  ASP A CG  1 
ATOM   297  O  OD1 . ASP A 1 50  ? -7.414  -0.729  17.050  1.00 23.48 ? 38  ASP A OD1 1 
ATOM   298  O  OD2 . ASP A 1 50  ? -5.604  -1.604  17.844  1.00 21.54 ? 38  ASP A OD2 1 
ATOM   299  N  N   . THR A 1 51  ? -4.044  1.653   13.574  1.00 17.39 ? 39  THR A N   1 
ATOM   300  C  CA  . THR A 1 51  ? -3.453  2.853   12.978  1.00 17.72 ? 39  THR A CA  1 
ATOM   301  C  C   . THR A 1 51  ? -4.590  3.707   12.427  1.00 20.02 ? 39  THR A C   1 
ATOM   302  O  O   . THR A 1 51  ? -5.653  3.179   12.011  1.00 18.28 ? 39  THR A O   1 
ATOM   303  C  CB  . THR A 1 51  ? -2.449  2.473   11.826  1.00 17.73 ? 39  THR A CB  1 
ATOM   304  O  OG1 . THR A 1 51  ? -1.862  3.651   11.317  1.00 15.94 ? 39  THR A OG1 1 
ATOM   305  C  CG2 . THR A 1 51  ? -3.183  1.809   10.593  1.00 17.94 ? 39  THR A CG2 1 
ATOM   306  N  N   . ARG A 1 52  ? -4.374  5.022   12.441  1.00 16.94 ? 40  ARG A N   1 
ATOM   307  C  CA  . ARG A 1 52  ? -5.238  5.940   11.707  1.00 16.79 ? 40  ARG A CA  1 
ATOM   308  C  C   . ARG A 1 52  ? -4.758  6.244   10.267  1.00 16.32 ? 40  ARG A C   1 
ATOM   309  O  O   . ARG A 1 52  ? -5.456  6.946   9.540   1.00 18.24 ? 40  ARG A O   1 
ATOM   310  C  CB  . ARG A 1 52  ? -5.508  7.221   12.520  1.00 20.06 ? 40  ARG A CB  1 
ATOM   311  C  CG  . ARG A 1 52  ? -6.431  6.980   13.793  1.00 27.74 ? 40  ARG A CG  1 
ATOM   312  C  CD  . ARG A 1 52  ? -7.663  6.146   13.448  1.00 41.65 ? 40  ARG A CD  1 
ATOM   313  N  NE  . ARG A 1 52  ? -8.652  5.977   14.513  1.00 61.65 ? 40  ARG A NE  1 
ATOM   314  C  CZ  . ARG A 1 52  ? -9.552  6.887   14.893  1.00 63.83 ? 40  ARG A CZ  1 
ATOM   315  N  NH1 . ARG A 1 52  ? -9.623  8.083   14.310  1.00 55.70 ? 40  ARG A NH1 1 
ATOM   316  N  NH2 . ARG A 1 52  ? -10.398 6.587   15.874  1.00 72.99 ? 40  ARG A NH2 1 
ATOM   317  N  N   . ILE A 1 53  ? -3.608  5.697   9.879   1.00 18.22 ? 41  ILE A N   1 
ATOM   318  C  CA  . ILE A 1 53  ? -3.002  5.953   8.588   1.00 17.62 ? 41  ILE A CA  1 
ATOM   319  C  C   . ILE A 1 53  ? -2.436  4.662   8.042   1.00 17.07 ? 41  ILE A C   1 
ATOM   320  O  O   . ILE A 1 53  ? -1.709  3.965   8.741   1.00 17.85 ? 41  ILE A O   1 
ATOM   321  C  CB  . ILE A 1 53  ? -1.978  7.071   8.675   1.00 19.73 ? 41  ILE A CB  1 
ATOM   322  C  CG1 . ILE A 1 53  ? -1.326  7.305   7.315   1.00 24.42 ? 41  ILE A CG1 1 
ATOM   323  C  CG2 . ILE A 1 53  ? -0.880  6.809   9.730   1.00 17.35 ? 41  ILE A CG2 1 
ATOM   324  C  CD1 . ILE A 1 53  ? -0.653  8.700   7.204   1.00 29.91 ? 41  ILE A CD1 1 
ATOM   325  N  N   . VAL A 1 54  ? -2.856  4.316   6.822   1.00 19.47 ? 42  VAL A N   1 
ATOM   326  C  CA  . VAL A 1 54  ? -2.420  3.116   6.091   1.00 18.81 ? 42  VAL A CA  1 
ATOM   327  C  C   . VAL A 1 54  ? -1.628  3.523   4.862   1.00 20.17 ? 42  VAL A C   1 
ATOM   328  O  O   . VAL A 1 54  ? -1.976  4.510   4.219   1.00 17.89 ? 42  VAL A O   1 
ATOM   329  C  CB  . VAL A 1 54  ? -3.642  2.275   5.713   1.00 21.10 ? 42  VAL A CB  1 
ATOM   330  C  CG1 . VAL A 1 54  ? -3.343  1.112   4.734   1.00 22.01 ? 42  VAL A CG1 1 
ATOM   331  C  CG2 . VAL A 1 54  ? -4.297  1.726   6.988   1.00 20.82 ? 42  VAL A CG2 1 
ATOM   332  N  N   . PHE A 1 55  ? -0.533  2.790   4.587   1.00 17.38 ? 43  PHE A N   1 
ATOM   333  C  CA  . PHE A 1 55  ? 0.273   2.997   3.392   1.00 18.40 ? 43  PHE A CA  1 
ATOM   334  C  C   . PHE A 1 55  ? 0.032   1.836   2.447   1.00 19.91 ? 43  PHE A C   1 
ATOM   335  O  O   . PHE A 1 55  ? 0.134   0.686   2.850   1.00 18.74 ? 43  PHE A O   1 
ATOM   336  C  CB  . PHE A 1 55  ? 1.747   3.111   3.739   1.00 16.04 ? 43  PHE A CB  1 
ATOM   337  C  CG  . PHE A 1 55  ? 2.061   4.345   4.514   1.00 16.82 ? 43  PHE A CG  1 
ATOM   338  C  CD1 . PHE A 1 55  ? 1.813   4.417   5.872   1.00 21.94 ? 43  PHE A CD1 1 
ATOM   339  C  CD2 . PHE A 1 55  ? 2.579   5.454   3.873   1.00 18.19 ? 43  PHE A CD2 1 
ATOM   340  C  CE1 . PHE A 1 55  ? 2.056   5.587   6.578   1.00 20.71 ? 43  PHE A CE1 1 
ATOM   341  C  CE2 . PHE A 1 55  ? 2.852   6.636   4.585   1.00 20.49 ? 43  PHE A CE2 1 
ATOM   342  C  CZ  . PHE A 1 55  ? 2.585   6.705   5.924   1.00 18.21 ? 43  PHE A CZ  1 
ATOM   343  N  N   . VAL A 1 56  ? -0.233  2.160   1.188   1.00 16.43 ? 44  VAL A N   1 
ATOM   344  C  CA  . VAL A 1 56  ? -0.632  1.168   0.181   1.00 16.97 ? 44  VAL A CA  1 
ATOM   345  C  C   . VAL A 1 56  ? 0.248   1.334   -1.054  1.00 17.71 ? 44  VAL A C   1 
ATOM   346  O  O   . VAL A 1 56  ? 0.303   2.405   -1.657  1.00 20.07 ? 44  VAL A O   1 
ATOM   347  C  CB  . VAL A 1 56  ? -2.069  1.358   -0.265  1.00 18.74 ? 44  VAL A CB  1 
ATOM   348  C  CG1 . VAL A 1 56  ? -2.401  0.320   -1.234  1.00 19.35 ? 44  VAL A CG1 1 
ATOM   349  C  CG2 . VAL A 1 56  ? -3.039  1.293   0.898   1.00 18.71 ? 44  VAL A CG2 1 
ATOM   350  N  N   . GLY A 1 57  ? 0.933   0.276   -1.403  1.00 19.38 ? 45  GLY A N   1 
ATOM   351  C  CA  . GLY A 1 57  ? 1.747   0.215   -2.614  1.00 21.22 ? 45  GLY A CA  1 
ATOM   352  C  C   . GLY A 1 57  ? 1.150   -0.680  -3.680  1.00 20.64 ? 45  GLY A C   1 
ATOM   353  O  O   . GLY A 1 57  ? -0.047  -0.976  -3.683  1.00 23.80 ? 45  GLY A O   1 
ATOM   354  N  N   . GLU A 1 58  ? 1.993   -1.098  -4.613  1.00 22.14 ? 46  GLU A N   1 
ATOM   355  C  CA  . GLU A 1 58  ? 1.557   -1.812  -5.799  1.00 22.09 ? 46  GLU A CA  1 
ATOM   356  C  C   . GLU A 1 58  ? 1.414   -3.316  -5.566  1.00 23.15 ? 46  GLU A C   1 
ATOM   357  O  O   . GLU A 1 58  ? 0.352   -3.903  -5.784  1.00 24.65 ? 46  GLU A O   1 
ATOM   358  C  CB  . GLU A 1 58  ? 2.550   -1.549  -6.954  1.00 22.99 ? 46  GLU A CB  1 
ATOM   359  C  CG  . GLU A 1 58  ? 2.243   -2.367  -8.188  1.00 23.64 ? 46  GLU A CG  1 
ATOM   360  C  CD  . GLU A 1 58  ? 3.055   -1.923  -9.391  1.00 32.94 ? 46  GLU A CD  1 
ATOM   361  O  OE1 . GLU A 1 58  ? 2.792   -0.811  -9.944  1.00 31.11 ? 46  GLU A OE1 1 
ATOM   362  O  OE2 . GLU A 1 58  ? 3.923   -2.706  -9.813  1.00 28.27 ? 46  GLU A OE2 1 
ATOM   363  N  N   . GLY A 1 59  ? 2.506   -3.950  -5.168  1.00 22.87 ? 47  GLY A N   1 
ATOM   364  C  CA  . GLY A 1 59  ? 2.517   -5.390  -5.012  1.00 20.77 ? 47  GLY A CA  1 
ATOM   365  C  C   . GLY A 1 59  ? 3.917   -5.830  -4.594  1.00 25.09 ? 47  GLY A C   1 
ATOM   366  O  O   . GLY A 1 59  ? 4.835   -5.016  -4.465  1.00 21.18 ? 47  GLY A O   1 
ATOM   367  N  N   . PRO A 1 60  ? 4.091   -7.111  -4.326  1.00 24.46 ? 48  PRO A N   1 
ATOM   368  C  CA  . PRO A 1 60  ? 5.374   -7.584  -3.798  1.00 24.71 ? 48  PRO A CA  1 
ATOM   369  C  C   . PRO A 1 60  ? 6.487   -7.622  -4.834  1.00 24.14 ? 48  PRO A C   1 
ATOM   370  O  O   . PRO A 1 60  ? 6.235   -7.895  -5.988  1.00 25.76 ? 48  PRO A O   1 
ATOM   371  C  CB  . PRO A 1 60  ? 5.055   -9.043  -3.390  1.00 26.21 ? 48  PRO A CB  1 
ATOM   372  C  CG  . PRO A 1 60  ? 3.643   -9.175  -3.380  1.00 25.33 ? 48  PRO A CG  1 
ATOM   373  C  CD  . PRO A 1 60  ? 3.094   -8.184  -4.373  1.00 22.45 ? 48  PRO A CD  1 
ATOM   374  N  N   . GLY A 1 61  ? 7.706   -7.366  -4.405  1.00 23.50 ? 49  GLY A N   1 
ATOM   375  C  CA  . GLY A 1 61  ? 8.894   -7.650  -5.176  1.00 24.40 ? 49  GLY A CA  1 
ATOM   376  C  C   . GLY A 1 61  ? 9.529   -8.956  -4.676  1.00 26.41 ? 49  GLY A C   1 
ATOM   377  O  O   . GLY A 1 61  ? 8.890   -9.720  -3.963  1.00 26.05 ? 49  GLY A O   1 
ATOM   378  N  N   . GLU A 1 62  ? 10.789  -9.199  -5.038  1.00 25.20 ? 50  GLU A N   1 
ATOM   379  C  CA  . GLU A 1 62  ? 11.493  -10.451 -4.681  1.00 26.10 ? 50  GLU A CA  1 
ATOM   380  C  C   . GLU A 1 62  ? 11.680  -10.731 -3.186  1.00 21.28 ? 50  GLU A C   1 
ATOM   381  O  O   . GLU A 1 62  ? 11.450  -11.854 -2.723  1.00 23.07 ? 50  GLU A O   1 
ATOM   382  C  CB  . GLU A 1 62  ? 12.850  -10.507 -5.382  1.00 27.46 ? 50  GLU A CB  1 
ATOM   383  C  CG  . GLU A 1 62  ? 12.643  -10.794 -6.872  1.00 39.23 ? 50  GLU A CG  1 
ATOM   384  C  CD  . GLU A 1 62  ? 13.940  -10.765 -7.686  1.00 52.97 ? 50  GLU A CD  1 
ATOM   385  O  OE1 . GLU A 1 62  ? 15.012  -11.116 -7.141  1.00 59.53 ? 50  GLU A OE1 1 
ATOM   386  O  OE2 . GLU A 1 62  ? 13.868  -10.397 -8.873  1.00 50.16 ? 50  GLU A OE2 1 
ATOM   387  N  N   . GLU A 1 63  ? 12.095  -9.721  -2.433  1.00 20.78 ? 51  GLU A N   1 
ATOM   388  C  CA  . GLU A 1 63  ? 12.376  -9.897  -1.019  1.00 23.90 ? 51  GLU A CA  1 
ATOM   389  C  C   . GLU A 1 63  ? 11.044  -10.069 -0.248  1.00 24.88 ? 51  GLU A C   1 
ATOM   390  O  O   . GLU A 1 63  ? 10.966  -10.839 0.721   1.00 23.69 ? 51  GLU A O   1 
ATOM   391  C  CB  . GLU A 1 63  ? 13.173  -8.703  -0.459  1.00 26.08 ? 51  GLU A CB  1 
ATOM   392  C  CG  . GLU A 1 63  ? 14.598  -8.541  -1.019  1.00 36.77 ? 51  GLU A CG  1 
ATOM   393  C  CD  . GLU A 1 63  ? 14.693  -7.795  -2.363  1.00 54.56 ? 51  GLU A CD  1 
ATOM   394  O  OE1 . GLU A 1 63  ? 13.644  -7.647  -3.089  1.00 50.27 ? 51  GLU A OE1 1 
ATOM   395  O  OE2 . GLU A 1 63  ? 15.840  -7.365  -2.708  1.00 54.90 ? 51  GLU A OE2 1 
ATOM   396  N  N   . GLU A 1 64  ? 10.021  -9.321  -0.665  1.00 22.75 ? 52  GLU A N   1 
ATOM   397  C  CA  . GLU A 1 64  ? 8.666   -9.480  -0.112  1.00 20.91 ? 52  GLU A CA  1 
ATOM   398  C  C   . GLU A 1 64  ? 8.165   -10.916 -0.318  1.00 19.46 ? 52  GLU A C   1 
ATOM   399  O  O   . GLU A 1 64  ? 7.667   -11.597 0.592   1.00 19.40 ? 52  GLU A O   1 
ATOM   400  C  CB  . GLU A 1 64  ? 7.688   -8.454  -0.714  1.00 22.95 ? 52  GLU A CB  1 
ATOM   401  C  CG  . GLU A 1 64  ? 7.945   -6.978  -0.363  1.00 22.59 ? 52  GLU A CG  1 
ATOM   402  C  CD  . GLU A 1 64  ? 9.203   -6.373  -1.042  1.00 29.08 ? 52  GLU A CD  1 
ATOM   403  O  OE1 . GLU A 1 64  ? 9.578   -6.782  -2.200  1.00 28.45 ? 52  GLU A OE1 1 
ATOM   404  O  OE2 . GLU A 1 64  ? 9.809   -5.446  -0.457  1.00 27.62 ? 52  GLU A OE2 1 
ATOM   405  N  N   . ASP A 1 65  ? 8.330   -11.412 -1.526  1.00 21.58 ? 53  ASP A N   1 
ATOM   406  C  CA  . ASP A 1 65  ? 7.887   -12.746 -1.882  1.00 22.21 ? 53  ASP A CA  1 
ATOM   407  C  C   . ASP A 1 65  ? 8.596   -13.863 -1.051  1.00 22.34 ? 53  ASP A C   1 
ATOM   408  O  O   . ASP A 1 65  ? 7.987   -14.834 -0.626  1.00 22.58 ? 53  ASP A O   1 
ATOM   409  C  CB  . ASP A 1 65  ? 8.169   -12.923 -3.368  1.00 24.59 ? 53  ASP A CB  1 
ATOM   410  C  CG  . ASP A 1 65  ? 7.741   -14.243 -3.881  1.00 30.68 ? 53  ASP A CG  1 
ATOM   411  O  OD1 . ASP A 1 65  ? 6.557   -14.608 -3.728  1.00 26.94 ? 53  ASP A OD1 1 
ATOM   412  O  OD2 . ASP A 1 65  ? 8.525   -14.983 -4.478  1.00 32.51 ? 53  ASP A OD2 1 
ATOM   413  N  N   . LYS A 1 66  ? 9.872   -13.664 -0.801  1.00 21.43 ? 54  LYS A N   1 
ATOM   414  C  CA  . LYS A 1 66  ? 10.691  -14.616 -0.053  1.00 22.24 ? 54  LYS A CA  1 
ATOM   415  C  C   . LYS A 1 66  ? 10.308  -14.643 1.416   1.00 20.86 ? 54  LYS A C   1 
ATOM   416  O  O   . LYS A 1 66  ? 10.469  -15.679 2.085   1.00 22.34 ? 54  LYS A O   1 
ATOM   417  C  CB  . LYS A 1 66  ? 12.212  -14.229 -0.155  1.00 27.02 ? 54  LYS A CB  1 
ATOM   418  C  CG  . LYS A 1 66  ? 12.937  -14.804 -1.365  1.00 41.19 ? 54  LYS A CG  1 
ATOM   419  N  N   . THR A 1 67  ? 9.820   -13.512 1.950   1.00 20.28 ? 55  THR A N   1 
ATOM   420  C  CA  . THR A 1 67  ? 9.624   -13.364 3.406   1.00 20.15 ? 55  THR A CA  1 
ATOM   421  C  C   . THR A 1 67  ? 8.198   -13.359 3.796   1.00 19.30 ? 55  THR A C   1 
ATOM   422  O  O   . THR A 1 67  ? 7.898   -13.607 4.945   1.00 19.27 ? 55  THR A O   1 
ATOM   423  C  CB  . THR A 1 67  ? 10.238  -12.047 3.925   1.00 23.32 ? 55  THR A CB  1 
ATOM   424  O  OG1 . THR A 1 67  ? 9.641   -10.930 3.221   1.00 21.42 ? 55  THR A OG1 1 
ATOM   425  C  CG2 . THR A 1 67  ? 11.742  -12.005 3.669   1.00 24.12 ? 55  THR A CG2 1 
ATOM   426  N  N   . GLY A 1 68  ? 7.273   -13.128 2.844   1.00 20.11 ? 56  GLY A N   1 
ATOM   427  C  CA  . GLY A 1 68  ? 5.870   -12.905 3.181   1.00 21.00 ? 56  GLY A CA  1 
ATOM   428  C  C   . GLY A 1 68  ? 5.515   -11.536 3.758   1.00 22.57 ? 56  GLY A C   1 
ATOM   429  O  O   . GLY A 1 68  ? 4.392   -11.298 4.213   1.00 22.54 ? 56  GLY A O   1 
ATOM   430  N  N   . ARG A 1 69  ? 6.452   -10.605 3.714   1.00 19.33 ? 57  ARG A N   1 
ATOM   431  C  CA  . ARG A 1 69  ? 6.306   -9.318  4.392   1.00 17.51 ? 57  ARG A CA  1 
ATOM   432  C  C   . ARG A 1 69  ? 6.382   -8.217  3.373   1.00 20.21 ? 57  ARG A C   1 
ATOM   433  O  O   . ARG A 1 69  ? 7.172   -8.328  2.440   1.00 20.69 ? 57  ARG A O   1 
ATOM   434  C  CB  . ARG A 1 69  ? 7.462   -9.136  5.373   1.00 20.17 ? 57  ARG A CB  1 
ATOM   435  C  CG  . ARG A 1 69  ? 7.412   -10.100 6.502   1.00 23.54 ? 57  ARG A CG  1 
ATOM   436  C  CD  . ARG A 1 69  ? 8.540   -9.954  7.484   1.00 30.23 ? 57  ARG A CD  1 
ATOM   437  N  NE  . ARG A 1 69  ? 8.363   -8.682  8.159   1.00 30.15 ? 57  ARG A NE  1 
ATOM   438  C  CZ  . ARG A 1 69  ? 9.342   -7.935  8.649   1.00 42.85 ? 57  ARG A CZ  1 
ATOM   439  N  NH1 . ARG A 1 69  ? 10.611  -8.300  8.567   1.00 40.44 ? 57  ARG A NH1 1 
ATOM   440  N  NH2 . ARG A 1 69  ? 9.048   -6.807  9.253   1.00 40.23 ? 57  ARG A NH2 1 
ATOM   441  N  N   . PRO A 1 70  ? 5.620   -7.119  3.573   1.00 21.25 ? 58  PRO A N   1 
ATOM   442  C  CA  . PRO A 1 70  ? 5.604   -6.003  2.626   1.00 22.96 ? 58  PRO A CA  1 
ATOM   443  C  C   . PRO A 1 70  ? 6.748   -5.037  2.838   1.00 20.09 ? 58  PRO A C   1 
ATOM   444  O  O   . PRO A 1 70  ? 7.257   -4.885  3.955   1.00 22.35 ? 58  PRO A O   1 
ATOM   445  C  CB  . PRO A 1 70  ? 4.261   -5.300  2.950   1.00 26.11 ? 58  PRO A CB  1 
ATOM   446  C  CG  . PRO A 1 70  ? 4.228   -5.435  4.467   1.00 25.61 ? 58  PRO A CG  1 
ATOM   447  C  CD  . PRO A 1 70  ? 4.676   -6.881  4.678   1.00 23.22 ? 58  PRO A CD  1 
ATOM   448  N  N   . PHE A 1 71  ? 7.210   -4.429  1.750   1.00 19.63 ? 59  PHE A N   1 
ATOM   449  C  CA  . PHE A 1 71  ? 8.246   -3.388  1.839   1.00 20.85 ? 59  PHE A CA  1 
ATOM   450  C  C   . PHE A 1 71  ? 9.463   -3.756  2.687   1.00 21.26 ? 59  PHE A C   1 
ATOM   451  O  O   . PHE A 1 71  ? 9.853   -3.059  3.647   1.00 20.10 ? 59  PHE A O   1 
ATOM   452  C  CB  . PHE A 1 71  ? 7.587   -2.093  2.310   1.00 22.09 ? 59  PHE A CB  1 
ATOM   453  C  CG  . PHE A 1 71  ? 6.773   -1.412  1.225   1.00 20.04 ? 59  PHE A CG  1 
ATOM   454  C  CD1 . PHE A 1 71  ? 7.411   -0.769  0.169   1.00 31.53 ? 59  PHE A CD1 1 
ATOM   455  C  CD2 . PHE A 1 71  ? 5.406   -1.437  1.234   1.00 32.28 ? 59  PHE A CD2 1 
ATOM   456  C  CE1 . PHE A 1 71  ? 6.679   -0.149  -0.827  1.00 31.16 ? 59  PHE A CE1 1 
ATOM   457  C  CE2 . PHE A 1 71  ? 4.673   -0.821  0.202   1.00 27.28 ? 59  PHE A CE2 1 
ATOM   458  C  CZ  . PHE A 1 71  ? 5.302   -0.180  -0.781  1.00 35.49 ? 59  PHE A CZ  1 
ATOM   459  N  N   . VAL A 1 72  ? 10.112  -4.830  2.295   1.00 20.74 ? 60  VAL A N   1 
ATOM   460  C  CA  . VAL A 1 72  ? 11.329  -5.275  2.962   1.00 23.53 ? 60  VAL A CA  1 
ATOM   461  C  C   . VAL A 1 72  ? 12.583  -5.236  2.045   1.00 23.84 ? 60  VAL A C   1 
ATOM   462  O  O   . VAL A 1 72  ? 13.688  -5.378  2.521   1.00 23.48 ? 60  VAL A O   1 
ATOM   463  C  CB  . VAL A 1 72  ? 11.192  -6.700  3.552   1.00 24.52 ? 60  VAL A CB  1 
ATOM   464  C  CG1 . VAL A 1 72  ? 10.302  -6.672  4.761   1.00 31.35 ? 60  VAL A CG1 1 
ATOM   465  C  CG2 . VAL A 1 72  ? 10.688  -7.671  2.517   1.00 30.20 ? 60  VAL A CG2 1 
ATOM   466  N  N   . GLY A 1 73  ? 12.403  -5.055  0.749   1.00 23.07 ? 61  GLY A N   1 
ATOM   467  C  CA  . GLY A 1 73  ? 13.545  -4.873  -0.148  1.00 21.97 ? 61  GLY A CA  1 
ATOM   468  C  C   . GLY A 1 73  ? 14.022  -3.434  -0.153  1.00 21.34 ? 61  GLY A C   1 
ATOM   469  O  O   . GLY A 1 73  ? 13.758  -2.671  0.785   1.00 20.46 ? 61  GLY A O   1 
ATOM   470  N  N   . ARG A 1 74  ? 14.693  -3.046  -1.232  1.00 19.86 ? 62  ARG A N   1 
ATOM   471  C  CA  . ARG A 1 74  ? 15.331  -1.736  -1.289  1.00 18.33 ? 62  ARG A CA  1 
ATOM   472  C  C   . ARG A 1 74  ? 14.335  -0.608  -1.180  1.00 18.45 ? 62  ARG A C   1 
ATOM   473  O  O   . ARG A 1 74  ? 14.552  0.323   -0.426  1.00 18.37 ? 62  ARG A O   1 
ATOM   474  C  CB  . ARG A 1 74  ? 16.170  -1.583  -2.549  1.00 18.99 ? 62  ARG A CB  1 
ATOM   475  C  CG  . ARG A 1 74  ? 17.364  -2.565  -2.645  1.00 16.61 ? 62  ARG A CG  1 
ATOM   476  C  CD  . ARG A 1 74  ? 18.544  -2.292  -1.738  1.00 22.54 ? 62  ARG A CD  1 
ATOM   477  N  NE  . ARG A 1 74  ? 19.277  -1.087  -2.110  1.00 19.29 ? 62  ARG A NE  1 
ATOM   478  C  CZ  . ARG A 1 74  ? 20.289  -0.632  -1.437  1.00 23.65 ? 62  ARG A CZ  1 
ATOM   479  N  NH1 . ARG A 1 74  ? 20.713  -1.274  -0.375  1.00 24.10 ? 62  ARG A NH1 1 
ATOM   480  N  NH2 . ARG A 1 74  ? 20.914  0.448   -1.849  1.00 24.29 ? 62  ARG A NH2 1 
ATOM   481  N  N   . ALA A 1 75  ? 13.213  -0.685  -1.875  1.00 17.89 ? 63  ALA A N   1 
ATOM   482  C  CA  . ALA A 1 75  ? 12.179  0.357   -1.809  1.00 19.06 ? 63  ALA A CA  1 
ATOM   483  C  C   . ALA A 1 75  ? 11.584  0.446   -0.425  1.00 20.59 ? 63  ALA A C   1 
ATOM   484  O  O   . ALA A 1 75  ? 11.239  1.531   0.111   1.00 19.97 ? 63  ALA A O   1 
ATOM   485  C  CB  . ALA A 1 75  ? 11.070  0.050   -2.827  1.00 21.37 ? 63  ALA A CB  1 
ATOM   486  N  N   . GLY A 1 76  ? 11.480  -0.706  0.186   1.00 21.04 ? 64  GLY A N   1 
ATOM   487  C  CA  . GLY A 1 76  ? 10.977  -0.788  1.537   1.00 20.35 ? 64  GLY A CA  1 
ATOM   488  C  C   . GLY A 1 76  ? 11.868  -0.234  2.589   1.00 19.64 ? 64  GLY A C   1 
ATOM   489  O  O   . GLY A 1 76  ? 11.392  0.423   3.499   1.00 20.49 ? 64  GLY A O   1 
HETATM 490  N  N   . MSE A 1 77  ? 13.166  -0.449  2.473   1.00 19.52 ? 65  MSE A N   1 
HETATM 491  C  CA  . MSE A 1 77  ? 14.118  0.205   3.393   1.00 22.78 ? 65  MSE A CA  1 
HETATM 492  C  C   . MSE A 1 77  ? 14.087  1.747   3.194   1.00 22.25 ? 65  MSE A C   1 
HETATM 493  O  O   . MSE A 1 77  ? 14.164  2.512   4.142   1.00 23.87 ? 65  MSE A O   1 
HETATM 494  C  CB  . MSE A 1 77  ? 15.549  -0.327  3.163   1.00 24.22 ? 65  MSE A CB  1 
HETATM 495  C  CG  . MSE A 1 77  ? 15.682  -1.819  3.417   1.00 35.71 ? 65  MSE A CG  1 
HETATM 496  SE SE  . MSE A 1 77  ? 17.334  -2.487  2.432   1.00 50.13 ? 65  MSE A SE  1 
ATOM   497  N  N   . LEU A 1 78  ? 13.941  2.203   1.960   1.00 22.53 ? 66  LEU A N   1 
ATOM   498  C  CA  . LEU A 1 78  ? 13.742  3.650   1.738   1.00 21.63 ? 66  LEU A CA  1 
ATOM   499  C  C   . LEU A 1 78  ? 12.454  4.146   2.393   1.00 23.35 ? 66  LEU A C   1 
ATOM   500  O  O   . LEU A 1 78  ? 12.442  5.183   3.042   1.00 22.25 ? 66  LEU A O   1 
ATOM   501  C  CB  . LEU A 1 78  ? 13.739  3.994   0.246   1.00 21.07 ? 66  LEU A CB  1 
ATOM   502  C  CG  . LEU A 1 78  ? 13.468  5.463   -0.130  1.00 26.45 ? 66  LEU A CG  1 
ATOM   503  C  CD1 . LEU A 1 78  ? 14.332  6.336   0.704   1.00 35.55 ? 66  LEU A CD1 1 
ATOM   504  C  CD2 . LEU A 1 78  ? 13.799  5.696   -1.585  1.00 39.41 ? 66  LEU A CD2 1 
ATOM   505  N  N   . LEU A 1 79  ? 11.372  3.390   2.261   1.00 20.19 ? 67  LEU A N   1 
ATOM   506  C  CA  . LEU A 1 79  ? 10.141  3.758   2.875   1.00 21.16 ? 67  LEU A CA  1 
ATOM   507  C  C   . LEU A 1 79  ? 10.329  3.900   4.383   1.00 20.64 ? 67  LEU A C   1 
ATOM   508  O  O   . LEU A 1 79  ? 9.813   4.850   4.980   1.00 18.92 ? 67  LEU A O   1 
ATOM   509  C  CB  . LEU A 1 79  ? 9.008   2.788   2.578   1.00 19.40 ? 67  LEU A CB  1 
ATOM   510  C  CG  . LEU A 1 79  ? 7.650   3.182   3.202   1.00 23.72 ? 67  LEU A CG  1 
ATOM   511  C  CD1 . LEU A 1 79  ? 7.085   4.441   2.674   1.00 25.96 ? 67  LEU A CD1 1 
ATOM   512  C  CD2 . LEU A 1 79  ? 6.607   2.077   3.013   1.00 27.59 ? 67  LEU A CD2 1 
ATOM   513  N  N   . THR A 1 80  ? 10.998  2.940   4.995   1.00 19.11 ? 68  THR A N   1 
ATOM   514  C  CA  . THR A 1 80  ? 11.276  3.044   6.440   1.00 22.33 ? 68  THR A CA  1 
ATOM   515  C  C   . THR A 1 80  ? 11.897  4.399   6.790   1.00 24.29 ? 68  THR A C   1 
ATOM   516  O  O   . THR A 1 80  ? 11.567  5.025   7.817   1.00 20.31 ? 68  THR A O   1 
ATOM   517  C  CB  . THR A 1 80  ? 12.164  1.900   6.864   1.00 23.32 ? 68  THR A CB  1 
ATOM   518  O  OG1 . THR A 1 80  ? 11.449  0.685   6.651   1.00 24.78 ? 68  THR A OG1 1 
ATOM   519  C  CG2 . THR A 1 80  ? 12.522  1.941   8.380   1.00 28.32 ? 68  THR A CG2 1 
ATOM   520  N  N   . GLU A 1 81  ? 12.810  4.863   5.943   1.00 25.91 ? 69  GLU A N   1 
ATOM   521  C  CA  . GLU A 1 81  ? 13.506  6.105   6.242   1.00 24.84 ? 69  GLU A CA  1 
ATOM   522  C  C   . GLU A 1 81  ? 12.606  7.311   5.990   1.00 22.89 ? 69  GLU A C   1 
ATOM   523  O  O   . GLU A 1 81  ? 12.677  8.281   6.729   1.00 21.35 ? 69  GLU A O   1 
ATOM   524  C  CB  . GLU A 1 81  ? 14.803  6.247   5.448   1.00 26.16 ? 69  GLU A CB  1 
ATOM   525  C  CG  . GLU A 1 81  ? 15.899  5.264   5.846   1.00 36.52 ? 69  GLU A CG  1 
ATOM   526  C  CD  . GLU A 1 81  ? 16.078  5.143   7.372   1.00 43.41 ? 69  GLU A CD  1 
ATOM   527  O  OE1 . GLU A 1 81  ? 16.178  6.198   8.064   1.00 35.09 ? 69  GLU A OE1 1 
ATOM   528  O  OE2 . GLU A 1 81  ? 16.096  3.988   7.887   1.00 40.43 ? 69  GLU A OE2 1 
ATOM   529  N  N   . LEU A 1 82  ? 11.783  7.274   4.954   1.00 21.77 ? 70  LEU A N   1 
ATOM   530  C  CA  . LEU A 1 82  ? 10.808  8.343   4.758   1.00 22.45 ? 70  LEU A CA  1 
ATOM   531  C  C   . LEU A 1 82  ? 9.856   8.482   5.965   1.00 23.34 ? 70  LEU A C   1 
ATOM   532  O  O   . LEU A 1 82  ? 9.603   9.578   6.471   1.00 20.44 ? 70  LEU A O   1 
ATOM   533  C  CB  . LEU A 1 82  ? 10.048  8.154   3.473   1.00 22.52 ? 70  LEU A CB  1 
ATOM   534  C  CG  . LEU A 1 82  ? 10.889  8.183   2.199   1.00 27.07 ? 70  LEU A CG  1 
ATOM   535  C  CD1 . LEU A 1 82  ? 10.021  7.733   1.102   1.00 26.49 ? 70  LEU A CD1 1 
ATOM   536  C  CD2 . LEU A 1 82  ? 11.416  9.578   1.887   1.00 24.77 ? 70  LEU A CD2 1 
ATOM   537  N  N   . LEU A 1 83  ? 9.408   7.347   6.469   1.00 22.64 ? 71  LEU A N   1 
ATOM   538  C  CA  . LEU A 1 83  ? 8.552   7.343   7.649   1.00 21.89 ? 71  LEU A CA  1 
ATOM   539  C  C   . LEU A 1 83  ? 9.287   7.912   8.865   1.00 22.65 ? 71  LEU A C   1 
ATOM   540  O  O   . LEU A 1 83  ? 8.752   8.812   9.552   1.00 21.86 ? 71  LEU A O   1 
ATOM   541  C  CB  . LEU A 1 83  ? 8.008   5.911   7.892   1.00 22.44 ? 71  LEU A CB  1 
ATOM   542  C  CG  . LEU A 1 83  ? 6.961   5.388   6.884   1.00 26.42 ? 71  LEU A CG  1 
ATOM   543  C  CD1 . LEU A 1 83  ? 6.586   3.946   7.197   1.00 28.32 ? 71  LEU A CD1 1 
ATOM   544  C  CD2 . LEU A 1 83  ? 5.729   6.204   6.885   1.00 34.14 ? 71  LEU A CD2 1 
ATOM   545  N  N   . ARG A 1 84  ? 10.505  7.441   9.125   1.00 21.21 ? 72  ARG A N   1 
ATOM   546  C  CA  . ARG A 1 84  ? 11.296  7.982   10.221  1.00 26.72 ? 72  ARG A CA  1 
ATOM   547  C  C   . ARG A 1 84  ? 11.469  9.503   10.147  1.00 24.94 ? 72  ARG A C   1 
ATOM   548  O  O   . ARG A 1 84  ? 11.378  10.203  11.176  1.00 25.05 ? 72  ARG A O   1 
ATOM   549  C  CB  . ARG A 1 84  ? 12.668  7.292   10.268  1.00 29.58 ? 72  ARG A CB  1 
ATOM   550  C  CG  . ARG A 1 84  ? 13.670  7.830   11.319  1.00 36.59 ? 72  ARG A CG  1 
ATOM   551  C  CD  . ARG A 1 84  ? 14.987  7.037   11.310  1.00 38.09 ? 72  ARG A CD  1 
ATOM   552  N  NE  . ARG A 1 84  ? 14.800  5.882   12.187  1.00 51.77 ? 72  ARG A NE  1 
ATOM   553  C  CZ  . ARG A 1 84  ? 14.895  4.594   11.851  1.00 57.08 ? 72  ARG A CZ  1 
ATOM   554  N  NH1 . ARG A 1 84  ? 15.230  4.203   10.629  1.00 55.33 ? 72  ARG A NH1 1 
ATOM   555  N  NH2 . ARG A 1 84  ? 14.666  3.672   12.776  1.00 66.31 ? 72  ARG A NH2 1 
ATOM   556  N  N   . GLU A 1 85  ? 11.730  10.019  8.939   1.00 24.16 ? 73  GLU A N   1 
ATOM   557  C  CA  . GLU A 1 85  ? 11.907  11.446  8.734   1.00 24.01 ? 73  GLU A CA  1 
ATOM   558  C  C   . GLU A 1 85  ? 10.562  12.177  8.808   1.00 25.44 ? 73  GLU A C   1 
ATOM   559  O  O   . GLU A 1 85  ? 10.548  13.383  8.888   1.00 23.88 ? 73  GLU A O   1 
ATOM   560  C  CB  . GLU A 1 85  ? 12.599  11.743  7.407   1.00 24.46 ? 73  GLU A CB  1 
ATOM   561  C  CG  . GLU A 1 85  ? 14.024  11.190  7.348   1.00 31.09 ? 73  GLU A CG  1 
ATOM   562  C  CD  . GLU A 1 85  ? 14.581  10.997  5.926   1.00 38.21 ? 73  GLU A CD  1 
ATOM   563  O  OE1 . GLU A 1 85  ? 14.040  11.580  4.958   1.00 40.71 ? 73  GLU A OE1 1 
ATOM   564  O  OE2 . GLU A 1 85  ? 15.600  10.269  5.777   1.00 39.42 ? 73  GLU A OE2 1 
ATOM   565  N  N   . SER A 1 86  ? 9.444   11.453  8.746   1.00 23.12 ? 74  SER A N   1 
ATOM   566  C  CA  . SER A 1 86  ? 8.109   12.036  8.974   1.00 25.30 ? 74  SER A CA  1 
ATOM   567  C  C   . SER A 1 86  ? 7.633   11.807  10.414  1.00 28.02 ? 74  SER A C   1 
ATOM   568  O  O   . SER A 1 86  ? 6.472   12.074  10.739  1.00 29.43 ? 74  SER A O   1 
ATOM   569  C  CB  . SER A 1 86  ? 7.085   11.433  7.996   1.00 24.72 ? 74  SER A CB  1 
ATOM   570  O  OG  . SER A 1 86  ? 7.594   11.367  6.663   1.00 23.28 ? 74  SER A OG  1 
ATOM   571  N  N   . GLY A 1 87  ? 8.514   11.289  11.267  1.00 26.29 ? 75  GLY A N   1 
ATOM   572  C  CA  . GLY A 1 87  ? 8.162   11.029  12.647  1.00 26.82 ? 75  GLY A CA  1 
ATOM   573  C  C   . GLY A 1 87  ? 7.256   9.818   12.851  1.00 27.74 ? 75  GLY A C   1 
ATOM   574  O  O   . GLY A 1 87  ? 6.479   9.784   13.801  1.00 30.96 ? 75  GLY A O   1 
ATOM   575  N  N   . ILE A 1 88  ? 7.382   8.794   12.020  1.00 24.89 ? 76  ILE A N   1 
ATOM   576  C  CA  . ILE A 1 88  ? 6.487   7.651   12.076  1.00 24.74 ? 76  ILE A CA  1 
ATOM   577  C  C   . ILE A 1 88  ? 7.324   6.398   12.227  1.00 27.24 ? 76  ILE A C   1 
ATOM   578  O  O   . ILE A 1 88  ? 8.270   6.156   11.449  1.00 26.55 ? 76  ILE A O   1 
ATOM   579  C  CB  . ILE A 1 88  ? 5.620   7.553   10.792  1.00 24.75 ? 76  ILE A CB  1 
ATOM   580  C  CG1 . ILE A 1 88  ? 4.646   8.719   10.699  1.00 30.21 ? 76  ILE A CG1 1 
ATOM   581  C  CG2 . ILE A 1 88  ? 4.866   6.212   10.727  1.00 29.74 ? 76  ILE A CG2 1 
ATOM   582  C  CD1 . ILE A 1 88  ? 3.982   8.834   9.353   1.00 24.76 ? 76  ILE A CD1 1 
ATOM   583  N  N   . ARG A 1 89  ? 6.969   5.577   13.204  1.00 27.73 ? 77  ARG A N   1 
ATOM   584  C  CA  . ARG A 1 89  ? 7.542   4.225   13.331  1.00 27.49 ? 77  ARG A CA  1 
ATOM   585  C  C   . ARG A 1 89  ? 6.710   3.240   12.517  1.00 28.59 ? 77  ARG A C   1 
ATOM   586  O  O   . ARG A 1 89  ? 5.473   3.235   12.619  1.00 24.08 ? 77  ARG A O   1 
ATOM   587  C  CB  . ARG A 1 89  ? 7.546   3.767   14.807  1.00 28.87 ? 77  ARG A CB  1 
ATOM   588  C  CG  . ARG A 1 89  ? 8.659   4.276   15.747  1.00 38.59 ? 77  ARG A CG  1 
ATOM   589  C  CD  . ARG A 1 89  ? 8.745   3.454   17.095  1.00 45.72 ? 77  ARG A CD  1 
ATOM   590  N  NE  . ARG A 1 89  ? 7.489   2.738   17.405  1.00 54.02 ? 77  ARG A NE  1 
ATOM   591  C  CZ  . ARG A 1 89  ? 7.265   1.934   18.457  1.00 52.77 ? 77  ARG A CZ  1 
ATOM   592  N  NH1 . ARG A 1 89  ? 8.209   1.710   19.362  1.00 57.39 ? 77  ARG A NH1 1 
ATOM   593  N  NH2 . ARG A 1 89  ? 6.065   1.352   18.603  1.00 39.09 ? 77  ARG A NH2 1 
ATOM   594  N  N   . ARG A 1 90  ? 7.358   2.394   11.710  1.00 24.23 ? 78  ARG A N   1 
ATOM   595  C  CA  . ARG A 1 90  ? 6.632   1.417   10.882  1.00 29.51 ? 78  ARG A CA  1 
ATOM   596  C  C   . ARG A 1 90  ? 5.707   0.546   11.682  1.00 25.54 ? 78  ARG A C   1 
ATOM   597  O  O   . ARG A 1 90  ? 4.665   0.180   11.211  1.00 22.82 ? 78  ARG A O   1 
ATOM   598  C  CB  . ARG A 1 90  ? 7.600   0.431   10.190  1.00 29.03 ? 78  ARG A CB  1 
ATOM   599  C  CG  . ARG A 1 90  ? 7.863   0.748   8.839   1.00 37.31 ? 78  ARG A CG  1 
ATOM   600  C  CD  . ARG A 1 90  ? 8.849   -0.159  8.245   1.00 42.72 ? 78  ARG A CD  1 
ATOM   601  N  NE  . ARG A 1 90  ? 8.221   -1.321  7.632   1.00 35.97 ? 78  ARG A NE  1 
ATOM   602  C  CZ  . ARG A 1 90  ? 8.516   -1.783  6.416   1.00 33.10 ? 78  ARG A CZ  1 
ATOM   603  N  NH1 . ARG A 1 90  ? 9.462   -1.194  5.676   1.00 27.96 ? 78  ARG A NH1 1 
ATOM   604  N  NH2 . ARG A 1 90  ? 7.884   -2.861  5.951   1.00 31.48 ? 78  ARG A NH2 1 
ATOM   605  N  N   . GLU A 1 91  ? 6.134   0.198   12.906  1.00 22.92 ? 79  GLU A N   1 
ATOM   606  C  CA  . GLU A 1 91  ? 5.349   -0.665  13.798  1.00 27.60 ? 79  GLU A CA  1 
ATOM   607  C  C   . GLU A 1 91  ? 4.029   -0.036  14.169  1.00 23.03 ? 79  GLU A C   1 
ATOM   608  O  O   . GLU A 1 91  ? 3.061   -0.730  14.482  1.00 25.71 ? 79  GLU A O   1 
ATOM   609  C  CB  . GLU A 1 91  ? 6.145   -0.999  15.111  1.00 29.98 ? 79  GLU A CB  1 
ATOM   610  C  CG  . GLU A 1 91  ? 7.569   -1.478  14.853  1.00 43.98 ? 79  GLU A CG  1 
ATOM   611  C  CD  . GLU A 1 91  ? 8.526   -0.384  14.317  1.00 30.97 ? 79  GLU A CD  1 
ATOM   612  O  OE1 . GLU A 1 91  ? 8.635   0.684   14.957  1.00 60.58 ? 79  GLU A OE1 1 
ATOM   613  O  OE2 . GLU A 1 91  ? 9.193   -0.614  13.289  1.00 53.25 ? 79  GLU A OE2 1 
ATOM   614  N  N   . ASP A 1 92  ? 3.980   1.281   14.168  1.00 20.97 ? 80  ASP A N   1 
ATOM   615  C  CA  . ASP A 1 92  ? 2.798   2.026   14.587  1.00 19.65 ? 80  ASP A CA  1 
ATOM   616  C  C   . ASP A 1 92  ? 1.755   2.209   13.458  1.00 19.68 ? 80  ASP A C   1 
ATOM   617  O  O   . ASP A 1 92  ? 0.640   2.588   13.734  1.00 19.83 ? 80  ASP A O   1 
ATOM   618  C  CB  . ASP A 1 92  ? 3.165   3.421   15.106  1.00 19.51 ? 80  ASP A CB  1 
ATOM   619  C  CG  . ASP A 1 92  ? 3.803   3.406   16.478  1.00 28.01 ? 80  ASP A CG  1 
ATOM   620  O  OD1 . ASP A 1 92  ? 3.630   2.389   17.219  1.00 29.66 ? 80  ASP A OD1 1 
ATOM   621  O  OD2 . ASP A 1 92  ? 4.527   4.379   16.856  1.00 32.74 ? 80  ASP A OD2 1 
ATOM   622  N  N   . VAL A 1 93  ? 2.116   1.934   12.205  1.00 18.79 ? 81  VAL A N   1 
ATOM   623  C  CA  . VAL A 1 93  ? 1.183   2.076   11.071  1.00 14.32 ? 81  VAL A CA  1 
ATOM   624  C  C   . VAL A 1 93  ? 0.951   0.713   10.401  1.00 16.37 ? 81  VAL A C   1 
ATOM   625  O  O   . VAL A 1 93  ? 1.455   -0.302  10.880  1.00 19.40 ? 81  VAL A O   1 
ATOM   626  C  CB  . VAL A 1 93  ? 1.645   3.169   10.082  1.00 19.56 ? 81  VAL A CB  1 
ATOM   627  C  CG1 . VAL A 1 93  ? 1.744   4.539   10.815  1.00 23.56 ? 81  VAL A CG1 1 
ATOM   628  C  CG2 . VAL A 1 93  ? 2.972   2.808   9.398   1.00 23.49 ? 81  VAL A CG2 1 
ATOM   629  N  N   . TYR A 1 94  ? 0.155   0.697   9.344   1.00 18.95 ? 82  TYR A N   1 
ATOM   630  C  CA  . TYR A 1 94  ? -0.141  -0.510  8.586   1.00 18.52 ? 82  TYR A CA  1 
ATOM   631  C  C   . TYR A 1 94  ? 0.259   -0.286  7.143   1.00 18.28 ? 82  TYR A C   1 
ATOM   632  O  O   . TYR A 1 94  ? 0.001   0.759   6.584   1.00 20.59 ? 82  TYR A O   1 
ATOM   633  C  CB  . TYR A 1 94  ? -1.608  -0.899  8.695   1.00 19.28 ? 82  TYR A CB  1 
ATOM   634  C  CG  . TYR A 1 94  ? -1.866  -2.322  8.257   1.00 15.47 ? 82  TYR A CG  1 
ATOM   635  C  CD1 . TYR A 1 94  ? -1.649  -3.403  9.118   1.00 17.63 ? 82  TYR A CD1 1 
ATOM   636  C  CD2 . TYR A 1 94  ? -2.277  -2.590  6.980   1.00 19.95 ? 82  TYR A CD2 1 
ATOM   637  C  CE1 . TYR A 1 94  ? -1.894  -4.722  8.690   1.00 19.11 ? 82  TYR A CE1 1 
ATOM   638  C  CE2 . TYR A 1 94  ? -2.523  -3.891  6.570   1.00 17.83 ? 82  TYR A CE2 1 
ATOM   639  C  CZ  . TYR A 1 94  ? -2.321  -4.937  7.412   1.00 20.10 ? 82  TYR A CZ  1 
ATOM   640  O  OH  . TYR A 1 94  ? -2.577  -6.219  6.894   1.00 22.29 ? 82  TYR A OH  1 
ATOM   641  N  N   . ILE A 1 95  ? 0.900   -1.296  6.568   1.00 16.73 ? 83  ILE A N   1 
ATOM   642  C  CA  . ILE A 1 95  ? 1.504   -1.214  5.255   1.00 18.21 ? 83  ILE A CA  1 
ATOM   643  C  C   . ILE A 1 95  ? 1.064   -2.431  4.434   1.00 17.63 ? 83  ILE A C   1 
ATOM   644  O  O   . ILE A 1 95  ? 1.071   -3.556  4.912   1.00 19.47 ? 83  ILE A O   1 
ATOM   645  C  CB  . ILE A 1 95  ? 3.029   -1.177  5.371   1.00 19.42 ? 83  ILE A CB  1 
ATOM   646  C  CG1 . ILE A 1 95  ? 3.456   0.145   6.055   1.00 19.21 ? 83  ILE A CG1 1 
ATOM   647  C  CG2 . ILE A 1 95  ? 3.669   -1.290  4.031   1.00 30.58 ? 83  ILE A CG2 1 
ATOM   648  C  CD1 . ILE A 1 95  ? 4.968   0.106   6.356   1.00 33.84 ? 83  ILE A CD1 1 
ATOM   649  N  N   . CYS A 1 96  ? 0.591   -2.171  3.220   1.00 21.25 ? 84  CYS A N   1 
ATOM   650  C  CA  . CYS A 1 96  ? 0.105   -3.252  2.370   1.00 19.57 ? 84  CYS A CA  1 
ATOM   651  C  C   . CYS A 1 96  ? 0.134   -2.795  0.910   1.00 22.31 ? 84  CYS A C   1 
ATOM   652  O  O   . CYS A 1 96  ? 0.717   -1.750  0.608   1.00 19.73 ? 84  CYS A O   1 
ATOM   653  C  CB  . CYS A 1 96  ? -1.282  -3.654  2.813   1.00 21.66 ? 84  CYS A CB  1 
ATOM   654  S  SG  . CYS A 1 96  ? -2.534  -2.334  2.785   1.00 24.71 ? 84  CYS A SG  1 
ATOM   655  N  N   . ASN A 1 97  ? -0.496  -3.585  0.027   1.00 23.10 ? 85  ASN A N   1 
ATOM   656  C  CA  . ASN A 1 97  ? -0.423  -3.411  -1.415  1.00 23.11 ? 85  ASN A CA  1 
ATOM   657  C  C   . ASN A 1 97  ? -1.735  -3.771  -2.069  1.00 22.78 ? 85  ASN A C   1 
ATOM   658  O  O   . ASN A 1 97  ? -2.566  -4.465  -1.493  1.00 23.94 ? 85  ASN A O   1 
ATOM   659  C  CB  . ASN A 1 97  ? 0.639   -4.312  -2.023  1.00 23.70 ? 85  ASN A CB  1 
ATOM   660  C  CG  . ASN A 1 97  ? 2.055   -3.944  -1.597  1.00 21.86 ? 85  ASN A CG  1 
ATOM   661  O  OD1 . ASN A 1 97  ? 2.494   -2.806  -1.791  1.00 26.77 ? 85  ASN A OD1 1 
ATOM   662  N  ND2 . ASN A 1 97  ? 2.820   -4.951  -1.142  1.00 22.37 ? 85  ASN A ND2 1 
ATOM   663  N  N   . VAL A 1 98  ? -1.889  -3.302  -3.300  1.00 22.58 ? 86  VAL A N   1 
ATOM   664  C  CA  . VAL A 1 98  ? -3.048  -3.607  -4.073  1.00 21.12 ? 86  VAL A CA  1 
ATOM   665  C  C   . VAL A 1 98  ? -3.108  -5.100  -4.422  1.00 22.75 ? 86  VAL A C   1 
ATOM   666  O  O   . VAL A 1 98  ? -4.177  -5.720  -4.349  1.00 22.11 ? 86  VAL A O   1 
ATOM   667  C  CB  . VAL A 1 98  ? -3.092  -2.774  -5.341  1.00 21.68 ? 86  VAL A CB  1 
ATOM   668  C  CG1 . VAL A 1 98  ? -4.285  -3.241  -6.248  1.00 23.75 ? 86  VAL A CG1 1 
ATOM   669  C  CG2 . VAL A 1 98  ? -3.302  -1.280  -4.989  1.00 24.48 ? 86  VAL A CG2 1 
ATOM   670  N  N   . VAL A 1 99  ? -1.981  -5.680  -4.829  1.00 23.07 ? 87  VAL A N   1 
ATOM   671  C  CA  . VAL A 1 99  ? -1.959  -7.104  -5.119  1.00 23.98 ? 87  VAL A CA  1 
ATOM   672  C  C   . VAL A 1 99  ? -1.045  -7.845  -4.121  1.00 24.10 ? 87  VAL A C   1 
ATOM   673  O  O   . VAL A 1 99  ? -0.085  -7.289  -3.558  1.00 22.85 ? 87  VAL A O   1 
ATOM   674  C  CB  . VAL A 1 99  ? -1.605  -7.465  -6.594  1.00 25.99 ? 87  VAL A CB  1 
ATOM   675  C  CG1 . VAL A 1 99  ? -2.463  -6.633  -7.618  1.00 25.24 ? 87  VAL A CG1 1 
ATOM   676  C  CG2 . VAL A 1 99  ? -0.162  -7.320  -6.854  1.00 24.49 ? 87  VAL A CG2 1 
ATOM   677  N  N   . LYS A 1 100 ? -1.441  -9.068  -3.851  1.00 18.77 ? 88  LYS A N   1 
ATOM   678  C  CA  . LYS A 1 100 ? -0.850  -9.896  -2.802  1.00 21.67 ? 88  LYS A CA  1 
ATOM   679  C  C   . LYS A 1 100 ? 0.232   -10.861 -3.296  1.00 23.11 ? 88  LYS A C   1 
ATOM   680  O  O   . LYS A 1 100 ? 1.034   -11.378 -2.492  1.00 21.31 ? 88  LYS A O   1 
ATOM   681  C  CB  . LYS A 1 100 ? -1.977  -10.698 -2.118  1.00 24.36 ? 88  LYS A CB  1 
ATOM   682  C  CG  . LYS A 1 100 ? -2.505  -10.068 -0.839  1.00 27.47 ? 88  LYS A CG  1 
ATOM   683  C  CD  . LYS A 1 100 ? -2.868  -8.633  -1.023  1.00 26.77 ? 88  LYS A CD  1 
ATOM   684  C  CE  . LYS A 1 100 ? -3.717  -8.056  0.147   1.00 25.31 ? 88  LYS A CE  1 
ATOM   685  N  NZ  . LYS A 1 100 ? -3.906  -6.563  -0.168  1.00 20.44 ? 88  LYS A NZ  1 
ATOM   686  N  N   . CYS A 1 101 ? 0.248   -11.117 -4.598  1.00 23.72 ? 89  CYS A N   1 
ATOM   687  C  CA  . CYS A 1 101 ? 1.196   -12.079 -5.196  1.00 21.57 ? 89  CYS A CA  1 
ATOM   688  C  C   . CYS A 1 101 ? 2.224   -11.415 -6.141  1.00 25.21 ? 89  CYS A C   1 
ATOM   689  O  O   . CYS A 1 101 ? 1.860   -10.586 -6.996  1.00 23.03 ? 89  CYS A O   1 
ATOM   690  C  CB  . CYS A 1 101 ? 0.432   -13.106 -5.992  1.00 26.34 ? 89  CYS A CB  1 
ATOM   691  S  SG  . CYS A 1 101 ? -0.622  -14.083 -4.915  1.00 26.06 ? 89  CYS A SG  1 
ATOM   692  N  N   . ARG A 1 102 ? 3.496   -11.798 -6.037  1.00 23.15 ? 90  ARG A N   1 
ATOM   693  C  CA  . ARG A 1 102 ? 4.515   -11.181 -6.896  1.00 26.19 ? 90  ARG A CA  1 
ATOM   694  C  C   . ARG A 1 102 ? 4.317   -11.591 -8.361  1.00 27.82 ? 90  ARG A C   1 
ATOM   695  O  O   . ARG A 1 102 ? 4.310   -12.788 -8.648  1.00 26.99 ? 90  ARG A O   1 
ATOM   696  C  CB  . ARG A 1 102 ? 5.928   -11.612 -6.487  1.00 23.95 ? 90  ARG A CB  1 
ATOM   697  C  CG  . ARG A 1 102 ? 6.995   -10.906 -7.283  1.00 28.05 ? 90  ARG A CG  1 
ATOM   698  C  CD  . ARG A 1 102 ? 8.430   -11.403 -6.961  1.00 32.34 ? 90  ARG A CD  1 
ATOM   699  N  NE  . ARG A 1 102 ? 8.612   -12.674 -7.612  1.00 51.99 ? 90  ARG A NE  1 
ATOM   700  C  CZ  . ARG A 1 102 ? 9.299   -12.880 -8.737  1.00 53.50 ? 90  ARG A CZ  1 
ATOM   701  N  NH1 . ARG A 1 102 ? 9.945   -11.894 -9.363  1.00 51.09 ? 90  ARG A NH1 1 
ATOM   702  N  NH2 . ARG A 1 102 ? 9.335   -14.111 -9.233  1.00 46.58 ? 90  ARG A NH2 1 
ATOM   703  N  N   . PRO A 1 103 ? 4.191   -10.631 -9.285  1.00 27.99 ? 91  PRO A N   1 
ATOM   704  C  CA  . PRO A 1 103 ? 4.174   -10.986 -10.712 1.00 25.65 ? 91  PRO A CA  1 
ATOM   705  C  C   . PRO A 1 103 ? 5.517   -11.497 -11.254 1.00 26.66 ? 91  PRO A C   1 
ATOM   706  O  O   . PRO A 1 103 ? 6.581   -11.144 -10.764 1.00 26.60 ? 91  PRO A O   1 
ATOM   707  C  CB  . PRO A 1 103 ? 3.721   -9.676  -11.412 1.00 23.78 ? 91  PRO A CB  1 
ATOM   708  C  CG  . PRO A 1 103 ? 3.136   -8.823  -10.318 1.00 26.10 ? 91  PRO A CG  1 
ATOM   709  C  CD  . PRO A 1 103 ? 3.961   -9.178  -9.085  1.00 29.49 ? 91  PRO A CD  1 
ATOM   710  N  N   . PRO A 1 104 ? 5.447   -12.345 -12.279 1.00 32.45 ? 92  PRO A N   1 
ATOM   711  C  CA  . PRO A 1 104 ? 6.663   -12.817 -12.954 1.00 30.38 ? 92  PRO A CA  1 
ATOM   712  C  C   . PRO A 1 104 ? 7.546   -11.629 -13.350 1.00 29.42 ? 92  PRO A C   1 
ATOM   713  O  O   . PRO A 1 104 ? 7.018   -10.633 -13.882 1.00 23.19 ? 92  PRO A O   1 
ATOM   714  C  CB  . PRO A 1 104 ? 6.128   -13.515 -14.216 1.00 30.50 ? 92  PRO A CB  1 
ATOM   715  C  CG  . PRO A 1 104 ? 4.659   -13.843 -13.938 1.00 34.15 ? 92  PRO A CG  1 
ATOM   716  C  CD  . PRO A 1 104 ? 4.206   -12.882 -12.889 1.00 30.73 ? 92  PRO A CD  1 
ATOM   717  N  N   . ASN A 1 105 ? 8.855   -11.723 -13.094 1.00 31.84 ? 93  ASN A N   1 
ATOM   718  C  CA  . ASN A 1 105 ? 9.822   -10.652 -13.443 1.00 34.02 ? 93  ASN A CA  1 
ATOM   719  C  C   . ASN A 1 105 ? 9.501   -9.291  -12.823 1.00 32.73 ? 93  ASN A C   1 
ATOM   720  O  O   . ASN A 1 105 ? 9.969   -8.261  -13.291 1.00 34.52 ? 93  ASN A O   1 
ATOM   721  C  CB  . ASN A 1 105 ? 9.965   -10.507 -14.979 1.00 35.93 ? 93  ASN A CB  1 
ATOM   722  C  CG  . ASN A 1 105 ? 10.146  -11.853 -15.677 1.00 43.64 ? 93  ASN A CG  1 
ATOM   723  O  OD1 . ASN A 1 105 ? 9.325   -12.259 -16.506 1.00 46.32 ? 93  ASN A OD1 1 
ATOM   724  N  ND2 . ASN A 1 105 ? 11.208  -12.565 -15.315 1.00 41.51 ? 93  ASN A ND2 1 
ATOM   725  N  N   . ASN A 1 106 ? 8.720   -9.291  -11.748 1.00 30.69 ? 94  ASN A N   1 
ATOM   726  C  CA  . ASN A 1 106 ? 8.289   -8.055  -11.086 1.00 31.79 ? 94  ASN A CA  1 
ATOM   727  C  C   . ASN A 1 106 ? 7.551   -7.103  -12.031 1.00 31.03 ? 94  ASN A C   1 
ATOM   728  O  O   . ASN A 1 106 ? 7.570   -5.906  -11.824 1.00 30.81 ? 94  ASN A O   1 
ATOM   729  C  CB  . ASN A 1 106 ? 9.491   -7.338  -10.424 1.00 33.17 ? 94  ASN A CB  1 
ATOM   730  C  CG  . ASN A 1 106 ? 10.325  -8.290  -9.561  1.00 42.32 ? 94  ASN A CG  1 
ATOM   731  O  OD1 . ASN A 1 106 ? 9.789   -8.897  -8.645  1.00 35.05 ? 94  ASN A OD1 1 
ATOM   732  N  ND2 . ASN A 1 106 ? 11.609  -8.493  -9.915  1.00 45.45 ? 94  ASN A ND2 1 
ATOM   733  N  N   . ARG A 1 107 ? 6.877   -7.626  -13.050 1.00 29.67 ? 95  ARG A N   1 
ATOM   734  C  CA  . ARG A 1 107 ? 6.158   -6.734  -13.944 1.00 27.86 ? 95  ARG A CA  1 
ATOM   735  C  C   . ARG A 1 107 ? 5.008   -6.081  -13.147 1.00 29.73 ? 95  ARG A C   1 
ATOM   736  O  O   . ARG A 1 107 ? 4.593   -6.544  -12.050 1.00 27.12 ? 95  ARG A O   1 
ATOM   737  C  CB  . ARG A 1 107 ? 5.680   -7.446  -15.203 1.00 26.66 ? 95  ARG A CB  1 
ATOM   738  C  CG  . ARG A 1 107 ? 4.622   -8.547  -14.936 1.00 32.93 ? 95  ARG A CG  1 
ATOM   739  C  CD  . ARG A 1 107 ? 3.744   -8.878  -16.118 1.00 30.29 ? 95  ARG A CD  1 
ATOM   740  N  NE  . ARG A 1 107 ? 2.999   -10.109 -15.859 1.00 26.79 ? 95  ARG A NE  1 
ATOM   741  C  CZ  . ARG A 1 107 ? 1.859   -10.188 -15.169 1.00 30.76 ? 95  ARG A CZ  1 
ATOM   742  N  NH1 . ARG A 1 107 ? 1.319   -9.111  -14.624 1.00 29.25 ? 95  ARG A NH1 1 
ATOM   743  N  NH2 . ARG A 1 107 ? 1.263   -11.370 -15.006 1.00 21.88 ? 95  ARG A NH2 1 
ATOM   744  N  N   . THR A 1 108 ? 4.537   -4.957  -13.669 1.00 28.32 ? 96  THR A N   1 
ATOM   745  C  CA  . THR A 1 108 ? 3.337   -4.315  -13.128 1.00 28.71 ? 96  THR A CA  1 
ATOM   746  C  C   . THR A 1 108 ? 2.188   -5.335  -13.197 1.00 26.06 ? 96  THR A C   1 
ATOM   747  O  O   . THR A 1 108 ? 2.033   -6.028  -14.199 1.00 23.22 ? 96  THR A O   1 
ATOM   748  C  CB  . THR A 1 108 ? 3.019   -3.094  -13.969 1.00 30.36 ? 96  THR A CB  1 
ATOM   749  O  OG1 . THR A 1 108 ? 4.226   -2.339  -14.123 1.00 25.70 ? 96  THR A OG1 1 
ATOM   750  C  CG2 . THR A 1 108 ? 2.020   -2.156  -13.257 1.00 34.74 ? 96  THR A CG2 1 
ATOM   751  N  N   . PRO A 1 109 ? 1.387   -5.450  -12.155 1.00 25.80 ? 97  PRO A N   1 
ATOM   752  C  CA  . PRO A 1 109 ? 0.211   -6.302  -12.259 1.00 28.14 ? 97  PRO A CA  1 
ATOM   753  C  C   . PRO A 1 109 ? -0.739  -5.677  -13.301 1.00 26.65 ? 97  PRO A C   1 
ATOM   754  O  O   . PRO A 1 109 ? -0.786  -4.437  -13.383 1.00 27.76 ? 97  PRO A O   1 
ATOM   755  C  CB  . PRO A 1 109 ? -0.377  -6.253  -10.840 1.00 29.07 ? 97  PRO A CB  1 
ATOM   756  C  CG  . PRO A 1 109 ? 0.059   -4.938  -10.313 1.00 34.38 ? 97  PRO A CG  1 
ATOM   757  C  CD  . PRO A 1 109 ? 1.476   -4.776  -10.842 1.00 30.18 ? 97  PRO A CD  1 
ATOM   758  N  N   . THR A 1 110 ? -1.451  -6.508  -14.061 1.00 28.30 ? 98  THR A N   1 
ATOM   759  C  CA  . THR A 1 110 ? -2.369  -6.041  -15.082 1.00 26.59 ? 98  THR A CA  1 
ATOM   760  C  C   . THR A 1 110 ? -3.590  -5.491  -14.372 1.00 29.06 ? 98  THR A C   1 
ATOM   761  O  O   . THR A 1 110 ? -3.858  -5.859  -13.201 1.00 26.44 ? 98  THR A O   1 
ATOM   762  C  CB  . THR A 1 110 ? -2.836  -7.208  -16.003 1.00 30.10 ? 98  THR A CB  1 
ATOM   763  O  OG1 . THR A 1 110 ? -3.596  -8.153  -15.226 1.00 28.62 ? 98  THR A OG1 1 
ATOM   764  C  CG2 . THR A 1 110 ? -1.640  -8.020  -16.612 1.00 30.45 ? 98  THR A CG2 1 
ATOM   765  N  N   . PRO A 1 111 ? -4.349  -4.636  -15.060 1.00 29.31 ? 99  PRO A N   1 
ATOM   766  C  CA  . PRO A 1 111 ? -5.635  -4.152  -14.515 1.00 29.90 ? 99  PRO A CA  1 
ATOM   767  C  C   . PRO A 1 111 ? -6.569  -5.268  -14.071 1.00 27.67 ? 99  PRO A C   1 
ATOM   768  O  O   . PRO A 1 111 ? -7.197  -5.143  -13.029 1.00 30.30 ? 99  PRO A O   1 
ATOM   769  C  CB  . PRO A 1 111 ? -6.251  -3.334  -15.657 1.00 29.53 ? 99  PRO A CB  1 
ATOM   770  C  CG  . PRO A 1 111 ? -5.132  -3.019  -16.607 1.00 35.71 ? 99  PRO A CG  1 
ATOM   771  C  CD  . PRO A 1 111 ? -4.024  -4.043  -16.375 1.00 32.40 ? 99  PRO A CD  1 
ATOM   772  N  N   . GLU A 1 112 ? -6.578  -6.381  -14.793 1.00 26.26 ? 100 GLU A N   1 
ATOM   773  C  CA  . GLU A 1 112 ? -7.427  -7.540  -14.469 1.00 26.44 ? 100 GLU A CA  1 
ATOM   774  C  C   . GLU A 1 112 ? -6.938  -8.153  -13.142 1.00 26.53 ? 100 GLU A C   1 
ATOM   775  O  O   . GLU A 1 112 ? -7.730  -8.547  -12.303 1.00 27.00 ? 100 GLU A O   1 
ATOM   776  C  CB  . GLU A 1 112 ? -7.328  -8.594  -15.587 1.00 26.04 ? 100 GLU A CB  1 
ATOM   777  C  CG  . GLU A 1 112 ? -7.918  -8.181  -16.948 1.00 39.05 ? 100 GLU A CG  1 
ATOM   778  C  CD  . GLU A 1 112 ? -7.223  -7.011  -17.699 1.00 46.28 ? 100 GLU A CD  1 
ATOM   779  O  OE1 . GLU A 1 112 ? -6.011  -6.674  -17.488 1.00 32.17 ? 100 GLU A OE1 1 
ATOM   780  O  OE2 . GLU A 1 112 ? -7.918  -6.423  -18.565 1.00 49.94 ? 100 GLU A OE2 1 
ATOM   781  N  N   . GLU A 1 113 ? -5.623  -8.224  -12.951 1.00 25.82 ? 101 GLU A N   1 
ATOM   782  C  CA  . GLU A 1 113 ? -5.085  -8.774  -11.704 1.00 25.72 ? 101 GLU A CA  1 
ATOM   783  C  C   . GLU A 1 113 ? -5.393  -7.844  -10.537 1.00 27.93 ? 101 GLU A C   1 
ATOM   784  O  O   . GLU A 1 113 ? -5.811  -8.312  -9.481  1.00 25.29 ? 101 GLU A O   1 
ATOM   785  C  CB  . GLU A 1 113 ? -3.582  -9.041  -11.830 1.00 26.61 ? 101 GLU A CB  1 
ATOM   786  C  CG  . GLU A 1 113 ? -3.332  -10.166 -12.829 1.00 26.04 ? 101 GLU A CG  1 
ATOM   787  C  CD  . GLU A 1 113 ? -1.927  -10.199 -13.373 1.00 29.51 ? 101 GLU A CD  1 
ATOM   788  O  OE1 . GLU A 1 113 ? -1.152  -9.245  -13.179 1.00 28.52 ? 101 GLU A OE1 1 
ATOM   789  O  OE2 . GLU A 1 113 ? -1.595  -11.214 -13.972 1.00 24.78 ? 101 GLU A OE2 1 
ATOM   790  N  N   . GLN A 1 114 ? -5.242  -6.532  -10.756 1.00 25.93 ? 102 GLN A N   1 
ATOM   791  C  CA  . GLN A 1 114 ? -5.541  -5.561  -9.719  1.00 26.69 ? 102 GLN A CA  1 
ATOM   792  C  C   . GLN A 1 114 ? -7.023  -5.683  -9.320  1.00 28.58 ? 102 GLN A C   1 
ATOM   793  O  O   . GLN A 1 114 ? -7.334  -5.705  -8.123  1.00 23.47 ? 102 GLN A O   1 
ATOM   794  C  CB  . GLN A 1 114 ? -5.192  -4.126  -10.181 1.00 27.28 ? 102 GLN A CB  1 
ATOM   795  C  CG  . GLN A 1 114 ? -3.703  -3.893  -10.589 1.00 24.38 ? 102 GLN A CG  1 
ATOM   796  C  CD  . GLN A 1 114 ? -3.518  -2.600  -11.381 1.00 32.53 ? 102 GLN A CD  1 
ATOM   797  O  OE1 . GLN A 1 114 ? -4.129  -1.592  -11.047 1.00 28.85 ? 102 GLN A OE1 1 
ATOM   798  N  NE2 . GLN A 1 114 ? -2.704  -2.631  -12.414 1.00 27.27 ? 102 GLN A NE2 1 
ATOM   799  N  N   . ALA A 1 115 ? -7.923  -5.802  -10.312 1.00 29.00 ? 103 ALA A N   1 
ATOM   800  C  CA  . ALA A 1 115 ? -9.368  -5.947  -10.047 1.00 31.11 ? 103 ALA A CA  1 
ATOM   801  C  C   . ALA A 1 115 ? -9.678  -7.230  -9.263  1.00 30.90 ? 103 ALA A C   1 
ATOM   802  O  O   . ALA A 1 115 ? -10.469 -7.206  -8.332  1.00 30.22 ? 103 ALA A O   1 
ATOM   803  C  CB  . ALA A 1 115 ? -10.208 -5.894  -11.358 1.00 30.65 ? 103 ALA A CB  1 
ATOM   804  N  N   . ALA A 1 116 ? -9.035  -8.339  -9.612  1.00 27.92 ? 104 ALA A N   1 
ATOM   805  C  CA  . ALA A 1 116 ? -9.315  -9.609  -8.928  1.00 27.14 ? 104 ALA A CA  1 
ATOM   806  C  C   . ALA A 1 116 ? -8.900  -9.546  -7.443  1.00 24.55 ? 104 ALA A C   1 
ATOM   807  O  O   . ALA A 1 116 ? -9.566  -10.102 -6.562  1.00 26.45 ? 104 ALA A O   1 
ATOM   808  C  CB  . ALA A 1 116 ? -8.614  -10.771 -9.642  1.00 27.24 ? 104 ALA A CB  1 
ATOM   809  N  N   . CYS A 1 117 ? -7.801  -8.863  -7.165  1.00 22.57 ? 105 CYS A N   1 
ATOM   810  C  CA  . CYS A 1 117 ? -7.201  -8.897  -5.810  1.00 22.68 ? 105 CYS A CA  1 
ATOM   811  C  C   . CYS A 1 117 ? -7.806  -7.846  -4.859  1.00 24.83 ? 105 CYS A C   1 
ATOM   812  O  O   . CYS A 1 117 ? -7.726  -8.000  -3.648  1.00 25.15 ? 105 CYS A O   1 
ATOM   813  C  CB  . CYS A 1 117 ? -5.699  -8.682  -5.880  1.00 20.58 ? 105 CYS A CB  1 
ATOM   814  S  SG  . CYS A 1 117 ? -4.923  -9.468  -4.424  1.00 24.06 ? 105 CYS A SG  1 
ATOM   815  N  N   . GLY A 1 118 ? -8.463  -6.832  -5.435  1.00 26.64 ? 106 GLY A N   1 
ATOM   816  C  CA  . GLY A 1 118 ? -8.766  -5.592  -4.741  1.00 25.21 ? 106 GLY A CA  1 
ATOM   817  C  C   . GLY A 1 118 ? -9.730  -5.797  -3.598  1.00 25.42 ? 106 GLY A C   1 
ATOM   818  O  O   . GLY A 1 118 ? -9.670  -5.057  -2.640  1.00 23.74 ? 106 GLY A O   1 
ATOM   819  N  N   . HIS A 1 119 ? -10.628 -6.777  -3.686  1.00 20.80 ? 107 HIS A N   1 
ATOM   820  C  CA  . HIS A 1 119 ? -11.529 -7.024  -2.560  1.00 23.90 ? 107 HIS A CA  1 
ATOM   821  C  C   . HIS A 1 119 ? -10.774 -7.300  -1.244  1.00 23.39 ? 107 HIS A C   1 
ATOM   822  O  O   . HIS A 1 119 ? -11.296 -7.004  -0.183  1.00 21.35 ? 107 HIS A O   1 
ATOM   823  C  CB  . HIS A 1 119 ? -12.530 -8.172  -2.851  1.00 21.67 ? 107 HIS A CB  1 
ATOM   824  C  CG  . HIS A 1 119 ? -11.920 -9.545  -2.848  1.00 29.71 ? 107 HIS A CG  1 
ATOM   825  N  ND1 . HIS A 1 119 ? -11.156 -10.028 -3.897  1.00 41.34 ? 107 HIS A ND1 1 
ATOM   826  C  CD2 . HIS A 1 119 ? -11.956 -10.541 -1.919  1.00 33.12 ? 107 HIS A CD2 1 
ATOM   827  C  CE1 . HIS A 1 119 ? -10.735 -11.252 -3.606  1.00 30.22 ? 107 HIS A CE1 1 
ATOM   828  N  NE2 . HIS A 1 119 ? -11.211 -11.588 -2.419  1.00 33.30 ? 107 HIS A NE2 1 
ATOM   829  N  N   . PHE A 1 120 ? -9.586  -7.897  -1.300  1.00 22.32 ? 108 PHE A N   1 
ATOM   830  C  CA  . PHE A 1 120 ? -8.803  -8.136  -0.078  1.00 22.62 ? 108 PHE A CA  1 
ATOM   831  C  C   . PHE A 1 120 ? -8.345  -6.834  0.555   1.00 23.85 ? 108 PHE A C   1 
ATOM   832  O  O   . PHE A 1 120 ? -8.504  -6.628  1.767   1.00 21.50 ? 108 PHE A O   1 
ATOM   833  C  CB  . PHE A 1 120 ? -7.585  -9.027  -0.333  1.00 22.33 ? 108 PHE A CB  1 
ATOM   834  C  CG  . PHE A 1 120 ? -7.917  -10.442 -0.657  1.00 23.74 ? 108 PHE A CG  1 
ATOM   835  C  CD1 . PHE A 1 120 ? -8.672  -11.210 0.221   1.00 24.58 ? 108 PHE A CD1 1 
ATOM   836  C  CD2 . PHE A 1 120 ? -7.428  -11.040 -1.828  1.00 24.91 ? 108 PHE A CD2 1 
ATOM   837  C  CE1 . PHE A 1 120 ? -8.994  -12.541 -0.094  1.00 31.07 ? 108 PHE A CE1 1 
ATOM   838  C  CE2 . PHE A 1 120 ? -7.744  -12.362 -2.136  1.00 22.98 ? 108 PHE A CE2 1 
ATOM   839  C  CZ  . PHE A 1 120 ? -8.502  -13.120 -1.250  1.00 30.83 ? 108 PHE A CZ  1 
ATOM   840  N  N   . LEU A 1 121 ? -7.867  -5.915  -0.266  1.00 21.52 ? 109 LEU A N   1 
ATOM   841  C  CA  . LEU A 1 121 ? -7.495  -4.595  0.224   1.00 20.53 ? 109 LEU A CA  1 
ATOM   842  C  C   . LEU A 1 121 ? -8.682  -3.854  0.815   1.00 22.41 ? 109 LEU A C   1 
ATOM   843  O  O   . LEU A 1 121 ? -8.602  -3.239  1.879   1.00 22.13 ? 109 LEU A O   1 
ATOM   844  C  CB  . LEU A 1 121 ? -6.824  -3.775  -0.897  1.00 19.51 ? 109 LEU A CB  1 
ATOM   845  C  CG  . LEU A 1 121 ? -6.426  -2.345  -0.522  1.00 18.41 ? 109 LEU A CG  1 
ATOM   846  C  CD1 . LEU A 1 121 ? -5.466  -2.403  0.675   1.00 23.39 ? 109 LEU A CD1 1 
ATOM   847  C  CD2 . LEU A 1 121 ? -5.783  -1.674  -1.711  1.00 24.26 ? 109 LEU A CD2 1 
ATOM   848  N  N   . LEU A 1 122 ? -9.832  -3.933  0.172   1.00 21.02 ? 110 LEU A N   1 
ATOM   849  C  CA  . LEU A 1 122 ? -10.997 -3.254  0.681   1.00 22.26 ? 110 LEU A CA  1 
ATOM   850  C  C   . LEU A 1 122 ? -11.329 -3.823  2.062   1.00 21.13 ? 110 LEU A C   1 
ATOM   851  O  O   . LEU A 1 122 ? -11.701 -3.088  2.991   1.00 21.56 ? 110 LEU A O   1 
ATOM   852  C  CB  . LEU A 1 122 ? -12.218 -3.515  -0.236  1.00 23.41 ? 110 LEU A CB  1 
ATOM   853  C  CG  . LEU A 1 122 ? -12.515 -2.616  -1.407  1.00 34.64 ? 110 LEU A CG  1 
ATOM   854  C  CD1 . LEU A 1 122 ? -13.858 -3.060  -2.078  1.00 35.69 ? 110 LEU A CD1 1 
ATOM   855  C  CD2 . LEU A 1 122 ? -12.606 -1.169  -0.910  1.00 38.69 ? 110 LEU A CD2 1 
ATOM   856  N  N   . ALA A 1 123 ? -11.250 -5.134  2.185   1.00 20.20 ? 111 ALA A N   1 
ATOM   857  C  CA  . ALA A 1 123 ? -11.486 -5.763  3.497   1.00 20.28 ? 111 ALA A CA  1 
ATOM   858  C  C   . ALA A 1 123 ? -10.492 -5.316  4.545   1.00 20.73 ? 111 ALA A C   1 
ATOM   859  O  O   . ALA A 1 123 ? -10.903 -5.059  5.673   1.00 18.89 ? 111 ALA A O   1 
ATOM   860  C  CB  . ALA A 1 123 ? -11.531 -7.272  3.410   1.00 20.77 ? 111 ALA A CB  1 
ATOM   861  N  N   . GLN A 1 124 ? -9.220  -5.139  4.196   1.00 19.38 ? 112 GLN A N   1 
ATOM   862  C  CA  . GLN A 1 124 ? -8.223  -4.685  5.182   1.00 17.05 ? 112 GLN A CA  1 
ATOM   863  C  C   . GLN A 1 124 ? -8.473  -3.274  5.660   1.00 19.51 ? 112 GLN A C   1 
ATOM   864  O  O   . GLN A 1 124 ? -8.369  -3.010  6.835   1.00 16.58 ? 112 GLN A O   1 
ATOM   865  C  CB  . GLN A 1 124 ? -6.828  -4.766  4.595   1.00 20.79 ? 112 GLN A CB  1 
ATOM   866  C  CG  . GLN A 1 124 ? -6.356  -6.186  4.298   1.00 22.95 ? 112 GLN A CG  1 
ATOM   867  C  CD  . GLN A 1 124 ? -5.049  -6.176  3.549   1.00 26.17 ? 112 GLN A CD  1 
ATOM   868  O  OE1 . GLN A 1 124 ? -5.014  -5.844  2.399   1.00 28.05 ? 112 GLN A OE1 1 
ATOM   869  N  NE2 . GLN A 1 124 ? -3.983  -6.454  4.232   1.00 23.66 ? 112 GLN A NE2 1 
ATOM   870  N  N   . ILE A 1 125 ? -8.919  -2.389  4.743   1.00 19.80 ? 113 ILE A N   1 
ATOM   871  C  CA  . ILE A 1 125 ? -9.236  -1.025  5.086   1.00 21.53 ? 113 ILE A CA  1 
ATOM   872  C  C   . ILE A 1 125 ? -10.510 -0.983  5.946   1.00 20.36 ? 113 ILE A C   1 
ATOM   873  O  O   . ILE A 1 125 ? -10.601 -0.208  6.902   1.00 21.80 ? 113 ILE A O   1 
ATOM   874  C  CB  . ILE A 1 125 ? -9.368  -0.194  3.806   1.00 21.79 ? 113 ILE A CB  1 
ATOM   875  C  CG1 . ILE A 1 125 ? -8.059  -0.125  3.090   1.00 23.33 ? 113 ILE A CG1 1 
ATOM   876  C  CG2 . ILE A 1 125 ? -9.817  1.216   4.118   1.00 27.18 ? 113 ILE A CG2 1 
ATOM   877  C  CD1 . ILE A 1 125 ? -8.208  0.308   1.682   1.00 25.99 ? 113 ILE A CD1 1 
ATOM   878  N  N   . GLU A 1 126 ? -11.478 -1.829  5.640   1.00 21.01 ? 114 GLU A N   1 
ATOM   879  C  CA  . GLU A 1 126 ? -12.702 -1.919  6.458   1.00 22.73 ? 114 GLU A CA  1 
ATOM   880  C  C   . GLU A 1 126 ? -12.379 -2.354  7.891   1.00 22.07 ? 114 GLU A C   1 
ATOM   881  O  O   . GLU A 1 126 ? -12.985 -1.893  8.844   1.00 20.94 ? 114 GLU A O   1 
ATOM   882  C  CB  . GLU A 1 126 ? -13.727 -2.945  5.891   1.00 27.65 ? 114 GLU A CB  1 
ATOM   883  C  CG  . GLU A 1 126 ? -14.535 -2.534  4.645   1.00 45.06 ? 114 GLU A CG  1 
ATOM   884  C  CD  . GLU A 1 126 ? -15.261 -3.705  3.874   1.00 61.14 ? 114 GLU A CD  1 
ATOM   885  O  OE1 . GLU A 1 126 ? -15.269 -4.885  4.350   1.00 60.04 ? 114 GLU A OE1 1 
ATOM   886  O  OE2 . GLU A 1 126 ? -15.850 -3.444  2.763   1.00 53.93 ? 114 GLU A OE2 1 
ATOM   887  N  N   . ILE A 1 127 ? -11.478 -3.306  8.057   1.00 18.57 ? 115 ILE A N   1 
ATOM   888  C  CA  . ILE A 1 127 ? -11.090 -3.730  9.405   1.00 18.80 ? 115 ILE A CA  1 
ATOM   889  C  C   . ILE A 1 127 ? -10.379 -2.643  10.197  1.00 19.38 ? 115 ILE A C   1 
ATOM   890  O  O   . ILE A 1 127 ? -10.640 -2.473  11.397  1.00 18.48 ? 115 ILE A O   1 
ATOM   891  C  CB  . ILE A 1 127 ? -10.175 -4.992  9.342   1.00 19.02 ? 115 ILE A CB  1 
ATOM   892  C  CG1 . ILE A 1 127 ? -10.952 -6.198  8.850   1.00 21.11 ? 115 ILE A CG1 1 
ATOM   893  C  CG2 . ILE A 1 127 ? -9.503  -5.297  10.705  1.00 20.62 ? 115 ILE A CG2 1 
ATOM   894  C  CD1 . ILE A 1 127 ? -10.039 -7.302  8.346   1.00 26.79 ? 115 ILE A CD1 1 
ATOM   895  N  N   . ILE A 1 128 ? -9.435  -1.963  9.571   1.00 18.96 ? 116 ILE A N   1 
ATOM   896  C  CA  . ILE A 1 128 ? -8.591  -0.996  10.276  1.00 19.26 ? 116 ILE A CA  1 
ATOM   897  C  C   . ILE A 1 128 ? -9.350  0.331   10.455  1.00 19.85 ? 116 ILE A C   1 
ATOM   898  O  O   . ILE A 1 128 ? -9.165  1.052   11.444  1.00 21.09 ? 116 ILE A O   1 
ATOM   899  C  CB  . ILE A 1 128 ? -7.251  -0.813  9.493   1.00 16.37 ? 116 ILE A CB  1 
ATOM   900  C  CG1 . ILE A 1 128 ? -6.392  -2.067  9.674   1.00 27.22 ? 116 ILE A CG1 1 
ATOM   901  C  CG2 . ILE A 1 128 ? -6.478  0.442   9.992   1.00 21.33 ? 116 ILE A CG2 1 
ATOM   902  C  CD1 . ILE A 1 128 ? -5.272  -2.218  8.639   1.00 25.38 ? 116 ILE A CD1 1 
ATOM   903  N  N   . ASN A 1 129 ? -10.165 0.665   9.464   1.00 18.91 ? 117 ASN A N   1 
ATOM   904  C  CA  . ASN A 1 129 ? -10.985 1.862   9.452   1.00 16.86 ? 117 ASN A CA  1 
ATOM   905  C  C   . ASN A 1 129 ? -10.083 3.089   9.706   1.00 16.91 ? 117 ASN A C   1 
ATOM   906  O  O   . ASN A 1 129 ? -10.360 3.862   10.592  1.00 18.48 ? 117 ASN A O   1 
ATOM   907  C  CB  . ASN A 1 129 ? -12.107 1.754   10.480  1.00 18.38 ? 117 ASN A CB  1 
ATOM   908  C  CG  . ASN A 1 129 ? -13.165 2.880   10.353  1.00 28.81 ? 117 ASN A CG  1 
ATOM   909  O  OD1 . ASN A 1 129 ? -13.414 3.410   9.278   1.00 28.12 ? 117 ASN A OD1 1 
ATOM   910  N  ND2 . ASN A 1 129 ? -13.769 3.241   11.473  1.00 25.05 ? 117 ASN A ND2 1 
ATOM   911  N  N   . PRO A 1 130 ? -9.068  3.330   8.878   1.00 17.38 ? 118 PRO A N   1 
ATOM   912  C  CA  . PRO A 1 130 ? -8.222  4.533   9.045   1.00 18.87 ? 118 PRO A CA  1 
ATOM   913  C  C   . PRO A 1 130 ? -8.897  5.853   8.648   1.00 19.10 ? 118 PRO A C   1 
ATOM   914  O  O   . PRO A 1 130 ? -9.925  5.841   7.983   1.00 21.30 ? 118 PRO A O   1 
ATOM   915  C  CB  . PRO A 1 130 ? -7.047  4.231   8.120   1.00 17.14 ? 118 PRO A CB  1 
ATOM   916  C  CG  . PRO A 1 130 ? -7.708  3.493   7.020   1.00 18.30 ? 118 PRO A CG  1 
ATOM   917  C  CD  . PRO A 1 130 ? -8.700  2.596   7.662   1.00 20.05 ? 118 PRO A CD  1 
ATOM   918  N  N   . ASP A 1 131 ? -8.333  6.991   9.090   1.00 18.83 ? 119 ASP A N   1 
ATOM   919  C  CA  . ASP A 1 131 ? -8.770  8.289   8.656   1.00 21.39 ? 119 ASP A CA  1 
ATOM   920  C  C   . ASP A 1 131 ? -8.192  8.623   7.271   1.00 17.31 ? 119 ASP A C   1 
ATOM   921  O  O   . ASP A 1 131 ? -8.804  9.364   6.497   1.00 18.26 ? 119 ASP A O   1 
ATOM   922  C  CB  . ASP A 1 131 ? -8.289  9.371   9.606   1.00 21.52 ? 119 ASP A CB  1 
ATOM   923  C  CG  . ASP A 1 131 ? -8.838  9.232   11.015  1.00 27.92 ? 119 ASP A CG  1 
ATOM   924  O  OD1 . ASP A 1 131 ? -9.958  8.725   11.176  1.00 23.89 ? 119 ASP A OD1 1 
ATOM   925  O  OD2 . ASP A 1 131 ? -8.213  9.647   12.012  1.00 32.48 ? 119 ASP A OD2 1 
ATOM   926  N  N   . VAL A 1 132 ? -7.001  8.124   7.001   1.00 18.78 ? 120 VAL A N   1 
ATOM   927  C  CA  . VAL A 1 132 ? -6.244  8.555   5.836   1.00 17.32 ? 120 VAL A CA  1 
ATOM   928  C  C   . VAL A 1 132 ? -5.470  7.383   5.278   1.00 19.02 ? 120 VAL A C   1 
ATOM   929  O  O   . VAL A 1 132 ? -4.964  6.506   6.011   1.00 18.90 ? 120 VAL A O   1 
ATOM   930  C  CB  . VAL A 1 132 ? -5.319  9.775   6.192   1.00 20.79 ? 120 VAL A CB  1 
ATOM   931  C  CG1 . VAL A 1 132 ? -4.305  9.416   7.199   1.00 25.47 ? 120 VAL A CG1 1 
ATOM   932  C  CG2 . VAL A 1 132 ? -4.612  10.311  4.964   1.00 27.60 ? 120 VAL A CG2 1 
ATOM   933  N  N   . ILE A 1 133 ? -5.334  7.396   3.964   1.00 18.54 ? 121 ILE A N   1 
ATOM   934  C  CA  . ILE A 1 133 ? -4.546  6.398   3.234   1.00 18.56 ? 121 ILE A CA  1 
ATOM   935  C  C   . ILE A 1 133 ? -3.564  7.102   2.313   1.00 16.89 ? 121 ILE A C   1 
ATOM   936  O  O   . ILE A 1 133 ? -3.935  8.061   1.656   1.00 18.77 ? 121 ILE A O   1 
ATOM   937  C  CB  . ILE A 1 133 ? -5.476  5.534   2.424   1.00 19.96 ? 121 ILE A CB  1 
ATOM   938  C  CG1 . ILE A 1 133 ? -6.390  4.744   3.377   1.00 24.19 ? 121 ILE A CG1 1 
ATOM   939  C  CG2 . ILE A 1 133 ? -4.698  4.556   1.525   1.00 24.54 ? 121 ILE A CG2 1 
ATOM   940  C  CD1 . ILE A 1 133 ? -7.690  4.420   2.771   1.00 24.13 ? 121 ILE A CD1 1 
ATOM   941  N  N   . VAL A 1 134 ? -2.305  6.673   2.331   1.00 18.11 ? 122 VAL A N   1 
ATOM   942  C  CA  . VAL A 1 134 ? -1.278  7.152   1.425   1.00 16.70 ? 122 VAL A CA  1 
ATOM   943  C  C   . VAL A 1 134 ? -1.141  6.087   0.349   1.00 18.13 ? 122 VAL A C   1 
ATOM   944  O  O   . VAL A 1 134 ? -0.802  4.940   0.615   1.00 18.30 ? 122 VAL A O   1 
ATOM   945  C  CB  . VAL A 1 134 ? 0.042   7.369   2.178   1.00 19.68 ? 122 VAL A CB  1 
ATOM   946  C  CG1 . VAL A 1 134 ? 1.210   7.774   1.235   1.00 20.13 ? 122 VAL A CG1 1 
ATOM   947  C  CG2 . VAL A 1 134 ? -0.174  8.414   3.242   1.00 22.74 ? 122 VAL A CG2 1 
ATOM   948  N  N   . ALA A 1 135 ? -1.411  6.506   -0.872  1.00 19.33 ? 123 ALA A N   1 
ATOM   949  C  CA  . ALA A 1 135 ? -1.361  5.662   -2.030  1.00 19.02 ? 123 ALA A CA  1 
ATOM   950  C  C   . ALA A 1 135 ? 0.003   5.925   -2.656  1.00 18.51 ? 123 ALA A C   1 
ATOM   951  O  O   . ALA A 1 135 ? 0.263   7.030   -3.177  1.00 19.52 ? 123 ALA A O   1 
ATOM   952  C  CB  . ALA A 1 135 ? -2.445  6.056   -2.974  1.00 22.26 ? 123 ALA A CB  1 
ATOM   953  N  N   . LEU A 1 136 ? 0.870   4.931   -2.590  1.00 20.00 ? 124 LEU A N   1 
ATOM   954  C  CA  . LEU A 1 136 ? 2.259   5.044   -3.081  1.00 19.12 ? 124 LEU A CA  1 
ATOM   955  C  C   . LEU A 1 136 ? 2.275   4.493   -4.499  1.00 20.27 ? 124 LEU A C   1 
ATOM   956  O  O   . LEU A 1 136 ? 2.241   3.288   -4.706  1.00 19.95 ? 124 LEU A O   1 
ATOM   957  C  CB  . LEU A 1 136 ? 3.162   4.211   -2.198  1.00 21.11 ? 124 LEU A CB  1 
ATOM   958  C  CG  . LEU A 1 136 ? 3.245   4.633   -0.720  1.00 17.98 ? 124 LEU A CG  1 
ATOM   959  C  CD1 . LEU A 1 136 ? 3.961   3.615   0.097   1.00 20.83 ? 124 LEU A CD1 1 
ATOM   960  C  CD2 . LEU A 1 136 ? 3.908   5.981   -0.572  1.00 22.88 ? 124 LEU A CD2 1 
ATOM   961  N  N   . GLY A 1 137 ? 2.251   5.394   -5.460  1.00 23.40 ? 125 GLY A N   1 
ATOM   962  C  CA  . GLY A 1 137 ? 2.394   5.049   -6.855  1.00 21.68 ? 125 GLY A CA  1 
ATOM   963  C  C   . GLY A 1 137 ? 1.072   4.947   -7.575  1.00 20.54 ? 125 GLY A C   1 
ATOM   964  O  O   . GLY A 1 137 ? -0.017  5.066   -6.984  1.00 18.32 ? 125 GLY A O   1 
ATOM   965  N  N   . ALA A 1 138 ? 1.191   4.762   -8.893  1.00 22.88 ? 126 ALA A N   1 
ATOM   966  C  CA  . ALA A 1 138 ? 0.067   4.853   -9.800  1.00 20.90 ? 126 ALA A CA  1 
ATOM   967  C  C   . ALA A 1 138 ? -0.912  3.693   -9.609  1.00 21.70 ? 126 ALA A C   1 
ATOM   968  O  O   . ALA A 1 138 ? -2.113  3.912   -9.656  1.00 19.99 ? 126 ALA A O   1 
ATOM   969  C  CB  . ALA A 1 138 ? 0.546   4.940   -11.280 1.00 24.45 ? 126 ALA A CB  1 
ATOM   970  N  N   . THR A 1 139 ? -0.424  2.490   -9.349  1.00 23.37 ? 127 THR A N   1 
ATOM   971  C  CA  . THR A 1 139 ? -1.318  1.360   -9.130  1.00 23.48 ? 127 THR A CA  1 
ATOM   972  C  C   . THR A 1 139 ? -2.213  1.548   -7.890  1.00 22.29 ? 127 THR A C   1 
ATOM   973  O  O   . THR A 1 139 ? -3.476  1.359   -7.921  1.00 20.84 ? 127 THR A O   1 
ATOM   974  C  CB  . THR A 1 139 ? -0.509  0.082   -9.001  1.00 23.99 ? 127 THR A CB  1 
ATOM   975  O  OG1 . THR A 1 139 ? 0.129   -0.205  -10.238 1.00 23.60 ? 127 THR A OG1 1 
ATOM   976  C  CG2 . THR A 1 139 ? -1.403  -1.113  -8.746  1.00 28.79 ? 127 THR A CG2 1 
ATOM   977  N  N   . ALA A 1 140 ? -1.590  1.921   -6.785  1.00 20.73 ? 128 ALA A N   1 
ATOM   978  C  CA  . ALA A 1 140 ? -2.342  2.234   -5.572  1.00 19.72 ? 128 ALA A CA  1 
ATOM   979  C  C   . ALA A 1 140 ? -3.348  3.354   -5.835  1.00 21.16 ? 128 ALA A C   1 
ATOM   980  O  O   . ALA A 1 140 ? -4.516  3.265   -5.459  1.00 21.14 ? 128 ALA A O   1 
ATOM   981  C  CB  . ALA A 1 140 ? -1.402  2.614   -4.481  1.00 20.75 ? 128 ALA A CB  1 
ATOM   982  N  N   . LEU A 1 141 ? -2.921  4.414   -6.492  1.00 21.71 ? 129 LEU A N   1 
ATOM   983  C  CA  . LEU A 1 141 ? -3.824  5.519   -6.766  1.00 25.15 ? 129 LEU A CA  1 
ATOM   984  C  C   . LEU A 1 141 ? -5.013  5.038   -7.555  1.00 23.54 ? 129 LEU A C   1 
ATOM   985  O  O   . LEU A 1 141 ? -6.124  5.466   -7.306  1.00 23.64 ? 129 LEU A O   1 
ATOM   986  C  CB  . LEU A 1 141 ? -3.129  6.640   -7.536  1.00 28.39 ? 129 LEU A CB  1 
ATOM   987  C  CG  . LEU A 1 141 ? -4.032  7.768   -8.080  1.00 27.57 ? 129 LEU A CG  1 
ATOM   988  C  CD1 . LEU A 1 141 ? -4.709  8.494   -6.937  1.00 37.25 ? 129 LEU A CD1 1 
ATOM   989  C  CD2 . LEU A 1 141 ? -3.241  8.715   -8.972  1.00 34.51 ? 129 LEU A CD2 1 
ATOM   990  N  N   . SER A 1 142 ? -4.763  4.147   -8.516  1.00 25.60 ? 130 SER A N   1 
ATOM   991  C  CA  . SER A 1 142 ? -5.782  3.684   -9.440  1.00 25.60 ? 130 SER A CA  1 
ATOM   992  C  C   . SER A 1 142 ? -6.888  2.990   -8.670  1.00 24.66 ? 130 SER A C   1 
ATOM   993  O  O   . SER A 1 142 ? -8.094  3.114   -8.968  1.00 22.75 ? 130 SER A O   1 
ATOM   994  C  CB  . SER A 1 142 ? -5.168  2.724   -10.456 1.00 25.71 ? 130 SER A CB  1 
ATOM   995  O  OG  . SER A 1 142 ? -6.163  2.368   -11.396 1.00 34.00 ? 130 SER A OG  1 
ATOM   996  N  N   . PHE A 1 143 ? -6.469  2.269   -7.658  1.00 20.16 ? 131 PHE A N   1 
ATOM   997  C  CA  . PHE A 1 143 ? -7.400  1.535   -6.816  1.00 23.12 ? 131 PHE A CA  1 
ATOM   998  C  C   . PHE A 1 143 ? -8.444  2.470   -6.170  1.00 23.96 ? 131 PHE A C   1 
ATOM   999  O  O   . PHE A 1 143 ? -9.615  2.135   -6.059  1.00 23.45 ? 131 PHE A O   1 
ATOM   1000 C  CB  . PHE A 1 143 ? -6.634  0.707   -5.773  1.00 21.69 ? 131 PHE A CB  1 
ATOM   1001 C  CG  . PHE A 1 143 ? -7.532  0.076   -4.751  1.00 24.63 ? 131 PHE A CG  1 
ATOM   1002 C  CD1 . PHE A 1 143 ? -8.068  -1.182  -4.970  1.00 28.06 ? 131 PHE A CD1 1 
ATOM   1003 C  CD2 . PHE A 1 143 ? -7.876  0.761   -3.589  1.00 26.07 ? 131 PHE A CD2 1 
ATOM   1004 C  CE1 . PHE A 1 143 ? -8.932  -1.756  -4.043  1.00 23.52 ? 131 PHE A CE1 1 
ATOM   1005 C  CE2 . PHE A 1 143 ? -8.765  0.213   -2.684  1.00 22.79 ? 131 PHE A CE2 1 
ATOM   1006 C  CZ  . PHE A 1 143 ? -9.281  -1.062  -2.911  1.00 28.82 ? 131 PHE A CZ  1 
ATOM   1007 N  N   . PHE A 1 144 ? -8.011  3.652   -5.798  1.00 22.75 ? 132 PHE A N   1 
ATOM   1008 C  CA  . PHE A 1 144 ? -8.837  4.559   -5.054  1.00 21.82 ? 132 PHE A CA  1 
ATOM   1009 C  C   . PHE A 1 144 ? -9.580  5.527   -5.951  1.00 23.28 ? 132 PHE A C   1 
ATOM   1010 O  O   . PHE A 1 144 ? -10.314 6.343   -5.437  1.00 24.23 ? 132 PHE A O   1 
ATOM   1011 C  CB  . PHE A 1 144 ? -7.972  5.328   -4.062  1.00 22.32 ? 132 PHE A CB  1 
ATOM   1012 C  CG  . PHE A 1 144 ? -7.471  4.475   -2.961  1.00 19.37 ? 132 PHE A CG  1 
ATOM   1013 C  CD1 . PHE A 1 144 ? -8.327  4.088   -1.948  1.00 19.13 ? 132 PHE A CD1 1 
ATOM   1014 C  CD2 . PHE A 1 144 ? -6.182  4.014   -2.965  1.00 19.46 ? 132 PHE A CD2 1 
ATOM   1015 C  CE1 . PHE A 1 144 ? -7.900  3.262   -0.955  1.00 26.46 ? 132 PHE A CE1 1 
ATOM   1016 C  CE2 . PHE A 1 144 ? -5.732  3.156   -1.959  1.00 20.15 ? 132 PHE A CE2 1 
ATOM   1017 C  CZ  . PHE A 1 144 ? -6.610  2.790   -0.961  1.00 22.74 ? 132 PHE A CZ  1 
ATOM   1018 N  N   . VAL A 1 145 ? -9.369  5.441   -7.260  1.00 23.30 ? 133 VAL A N   1 
ATOM   1019 C  CA  . VAL A 1 145 ? -10.190 6.157   -8.238  1.00 28.82 ? 133 VAL A CA  1 
ATOM   1020 C  C   . VAL A 1 145 ? -10.878 5.193   -9.224  1.00 29.02 ? 133 VAL A C   1 
ATOM   1021 O  O   . VAL A 1 145 ? -10.823 5.407   -10.426 1.00 29.77 ? 133 VAL A O   1 
ATOM   1022 C  CB  . VAL A 1 145 ? -9.357  7.227   -9.012  1.00 28.38 ? 133 VAL A CB  1 
ATOM   1023 C  CG1 . VAL A 1 145 ? -8.984  8.375   -8.103  1.00 32.73 ? 133 VAL A CG1 1 
ATOM   1024 C  CG2 . VAL A 1 145 ? -8.136  6.628   -9.658  1.00 28.95 ? 133 VAL A CG2 1 
ATOM   1025 N  N   . ASP A 1 146 ? -11.477 4.122   -8.707  1.00 31.92 ? 134 ASP A N   1 
ATOM   1026 C  CA  . ASP A 1 146 ? -12.206 3.114   -9.517  1.00 35.22 ? 134 ASP A CA  1 
ATOM   1027 C  C   . ASP A 1 146 ? -11.464 2.528   -10.740 1.00 36.35 ? 134 ASP A C   1 
ATOM   1028 O  O   . ASP A 1 146 ? -12.043 2.304   -11.783 1.00 34.64 ? 134 ASP A O   1 
ATOM   1029 C  CB  . ASP A 1 146 ? -13.576 3.670   -9.932  1.00 36.98 ? 134 ASP A CB  1 
ATOM   1030 C  CG  . ASP A 1 146 ? -14.439 4.054   -8.723  1.00 50.40 ? 134 ASP A CG  1 
ATOM   1031 O  OD1 . ASP A 1 146 ? -14.354 3.330   -7.694  1.00 63.76 ? 134 ASP A OD1 1 
ATOM   1032 O  OD2 . ASP A 1 146 ? -15.208 5.058   -8.698  1.00 51.97 ? 134 ASP A OD2 1 
ATOM   1033 N  N   . GLY A 1 147 ? -10.178 2.243   -10.598 1.00 36.95 ? 135 GLY A N   1 
ATOM   1034 C  CA  . GLY A 1 147 ? -9.450  1.510   -11.622 1.00 37.15 ? 135 GLY A CA  1 
ATOM   1035 C  C   . GLY A 1 147 ? -8.953  2.364   -12.777 1.00 37.44 ? 135 GLY A C   1 
ATOM   1036 O  O   . GLY A 1 147 ? -8.261  1.859   -13.663 1.00 38.36 ? 135 GLY A O   1 
ATOM   1037 N  N   . LYS A 1 148 ? -9.259  3.655   -12.765 1.00 38.31 ? 136 LYS A N   1 
ATOM   1038 C  CA  . LYS A 1 148 ? -8.848  4.537   -13.849 1.00 39.04 ? 136 LYS A CA  1 
ATOM   1039 C  C   . LYS A 1 148 ? -7.333  4.654   -13.884 1.00 41.16 ? 136 LYS A C   1 
ATOM   1040 O  O   . LYS A 1 148 ? -6.682  4.676   -12.814 1.00 38.12 ? 136 LYS A O   1 
ATOM   1041 C  CB  . LYS A 1 148 ? -9.424  5.929   -13.632 1.00 38.79 ? 136 LYS A CB  1 
ATOM   1042 C  CG  . LYS A 1 148 ? -10.890 5.988   -13.830 1.00 41.57 ? 136 LYS A CG  1 
ATOM   1043 C  CD  . LYS A 1 148 ? -11.311 7.376   -14.160 1.00 44.95 ? 136 LYS A CD  1 
ATOM   1044 C  CE  . LYS A 1 148 ? -12.724 7.387   -14.759 1.00 50.63 ? 136 LYS A CE  1 
ATOM   1045 N  NZ  . LYS A 1 148 ? -13.440 8.664   -14.470 1.00 50.27 ? 136 LYS A NZ  1 
ATOM   1046 N  N   . LYS A 1 149 ? -6.779  4.720   -15.103 1.00 41.79 ? 137 LYS A N   1 
ATOM   1047 C  CA  . LYS A 1 149 ? -5.368  5.061   -15.319 1.00 43.02 ? 137 LYS A CA  1 
ATOM   1048 C  C   . LYS A 1 149 ? -5.210  6.575   -15.113 1.00 42.86 ? 137 LYS A C   1 
ATOM   1049 O  O   . LYS A 1 149 ? -5.895  7.366   -15.763 1.00 44.56 ? 137 LYS A O   1 
ATOM   1050 C  CB  . LYS A 1 149 ? -4.902  4.653   -16.727 1.00 43.18 ? 137 LYS A CB  1 
ATOM   1051 N  N   . VAL A 1 150 ? -4.340  6.971   -14.187 1.00 41.79 ? 138 VAL A N   1 
ATOM   1052 C  CA  . VAL A 1 150 ? -4.126  8.386   -13.865 1.00 44.53 ? 138 VAL A CA  1 
ATOM   1053 C  C   . VAL A 1 150 ? -2.663  8.633   -13.488 1.00 41.62 ? 138 VAL A C   1 
ATOM   1054 O  O   . VAL A 1 150 ? -2.057  7.876   -12.713 1.00 47.46 ? 138 VAL A O   1 
ATOM   1055 C  CB  . VAL A 1 150 ? -5.104  8.924   -12.740 1.00 47.15 ? 138 VAL A CB  1 
ATOM   1056 C  CG1 . VAL A 1 150 ? -4.791  10.382  -12.389 1.00 49.03 ? 138 VAL A CG1 1 
ATOM   1057 C  CG2 . VAL A 1 150 ? -6.612  8.791   -13.168 1.00 51.19 ? 138 VAL A CG2 1 
ATOM   1058 N  N   . SER A 1 151 ? -2.119  9.709   -14.035 1.00 36.73 ? 139 SER A N   1 
ATOM   1059 C  CA  . SER A 1 151 ? -0.728  10.081  -13.848 1.00 34.15 ? 139 SER A CA  1 
ATOM   1060 C  C   . SER A 1 151 ? -0.468  10.530  -12.422 1.00 31.98 ? 139 SER A C   1 
ATOM   1061 O  O   . SER A 1 151 ? -1.062  11.475  -11.932 1.00 29.77 ? 139 SER A O   1 
ATOM   1062 C  CB  . SER A 1 151 ? -0.326  11.211  -14.804 1.00 33.72 ? 139 SER A CB  1 
ATOM   1063 O  OG  . SER A 1 151 ? 1.004   11.643  -14.554 1.00 32.38 ? 139 SER A OG  1 
ATOM   1064 N  N   . ILE A 1 152 ? 0.436   9.825   -11.765 1.00 31.16 ? 140 ILE A N   1 
ATOM   1065 C  CA  . ILE A 1 152 ? 0.829   10.148  -10.414 1.00 29.48 ? 140 ILE A CA  1 
ATOM   1066 C  C   . ILE A 1 152 ? 1.506   11.496  -10.379 1.00 25.70 ? 140 ILE A C   1 
ATOM   1067 O  O   . ILE A 1 152 ? 1.240   12.308  -9.496  1.00 24.70 ? 140 ILE A O   1 
ATOM   1068 C  CB  . ILE A 1 152 ? 1.734   9.014   -9.818  1.00 31.47 ? 140 ILE A CB  1 
ATOM   1069 C  CG1 . ILE A 1 152 ? 1.855   9.201   -8.322  1.00 29.23 ? 140 ILE A CG1 1 
ATOM   1070 C  CG2 . ILE A 1 152 ? 3.113   8.912   -10.550 1.00 33.42 ? 140 ILE A CG2 1 
ATOM   1071 C  CD1 . ILE A 1 152 ? 0.483   9.181   -7.589  1.00 26.97 ? 140 ILE A CD1 1 
ATOM   1072 N  N   . THR A 1 153 ? 2.345   11.763  -11.371 1.00 26.98 ? 141 THR A N   1 
ATOM   1073 C  CA  . THR A 1 153 ? 3.008   13.060  -11.458 1.00 28.34 ? 141 THR A CA  1 
ATOM   1074 C  C   . THR A 1 153 ? 2.004   14.221  -11.470 1.00 29.41 ? 141 THR A C   1 
ATOM   1075 O  O   . THR A 1 153 ? 2.245   15.282  -10.887 1.00 30.61 ? 141 THR A O   1 
ATOM   1076 C  CB  . THR A 1 153 ? 3.872   13.122  -12.701 1.00 26.07 ? 141 THR A CB  1 
ATOM   1077 O  OG1 . THR A 1 153 ? 4.964   12.212  -12.563 1.00 37.01 ? 141 THR A OG1 1 
ATOM   1078 C  CG2 . THR A 1 153 ? 4.540   14.466  -12.803 1.00 35.13 ? 141 THR A CG2 1 
ATOM   1079 N  N   . LYS A 1 154 ? 0.867   14.020  -12.112 1.00 28.91 ? 142 LYS A N   1 
ATOM   1080 C  CA  . LYS A 1 154 ? -0.070  15.128  -12.273 1.00 29.04 ? 142 LYS A CA  1 
ATOM   1081 C  C   . LYS A 1 154 ? -0.887  15.408  -11.008 1.00 29.33 ? 142 LYS A C   1 
ATOM   1082 O  O   . LYS A 1 154 ? -1.176  16.566  -10.686 1.00 30.63 ? 142 LYS A O   1 
ATOM   1083 C  CB  . LYS A 1 154 ? -0.976  14.897  -13.499 1.00 31.18 ? 142 LYS A CB  1 
ATOM   1084 C  CG  . LYS A 1 154 ? -0.323  15.244  -14.849 1.00 34.90 ? 142 LYS A CG  1 
ATOM   1085 N  N   . VAL A 1 155 ? -1.247  14.369  -10.272 1.00 28.53 ? 143 VAL A N   1 
ATOM   1086 C  CA  . VAL A 1 155 ? -2.164  14.520  -9.146  1.00 28.53 ? 143 VAL A CA  1 
ATOM   1087 C  C   . VAL A 1 155 ? -1.577  14.295  -7.750  1.00 26.09 ? 143 VAL A C   1 
ATOM   1088 O  O   . VAL A 1 155 ? -2.291  14.483  -6.772  1.00 26.67 ? 143 VAL A O   1 
ATOM   1089 C  CB  . VAL A 1 155 ? -3.409  13.602  -9.311  1.00 32.17 ? 143 VAL A CB  1 
ATOM   1090 C  CG1 . VAL A 1 155 ? -4.136  13.891  -10.622 1.00 38.71 ? 143 VAL A CG1 1 
ATOM   1091 C  CG2 . VAL A 1 155 ? -3.034  12.132  -9.224  1.00 31.02 ? 143 VAL A CG2 1 
ATOM   1092 N  N   . ARG A 1 156 ? -0.301  13.919  -7.644  1.00 24.03 ? 144 ARG A N   1 
ATOM   1093 C  CA  . ARG A 1 156 ? 0.286   13.642  -6.345  1.00 25.59 ? 144 ARG A CA  1 
ATOM   1094 C  C   . ARG A 1 156 ? 0.123   14.820  -5.420  1.00 24.73 ? 144 ARG A C   1 
ATOM   1095 O  O   . ARG A 1 156 ? 0.172   15.958  -5.853  1.00 22.51 ? 144 ARG A O   1 
ATOM   1096 C  CB  . ARG A 1 156 ? 1.767   13.236  -6.423  1.00 27.55 ? 144 ARG A CB  1 
ATOM   1097 C  CG  . ARG A 1 156 ? 2.711   14.224  -7.108  1.00 27.88 ? 144 ARG A CG  1 
ATOM   1098 C  CD  . ARG A 1 156 ? 3.933   14.552  -6.266  1.00 29.72 ? 144 ARG A CD  1 
ATOM   1099 N  NE  . ARG A 1 156 ? 3.563   15.345  -5.084  1.00 26.73 ? 144 ARG A NE  1 
ATOM   1100 C  CZ  . ARG A 1 156 ? 3.385   16.670  -5.095  1.00 26.03 ? 144 ARG A CZ  1 
ATOM   1101 N  NH1 . ARG A 1 156 ? 3.550   17.372  -6.211  1.00 25.83 ? 144 ARG A NH1 1 
ATOM   1102 N  NH2 . ARG A 1 156 ? 3.060   17.303  -3.978  1.00 22.15 ? 144 ARG A NH2 1 
ATOM   1103 N  N   . GLY A 1 157 ? -0.058  14.528  -4.142  1.00 23.05 ? 145 GLY A N   1 
ATOM   1104 C  CA  . GLY A 1 157 ? -0.159  15.542  -3.108  1.00 24.53 ? 145 GLY A CA  1 
ATOM   1105 C  C   . GLY A 1 157 ? -1.553  16.120  -2.933  1.00 26.84 ? 145 GLY A C   1 
ATOM   1106 O  O   . GLY A 1 157 ? -1.780  16.793  -1.941  1.00 29.09 ? 145 GLY A O   1 
ATOM   1107 N  N   . ASN A 1 158 ? -2.475  15.875  -3.871  1.00 27.27 ? 146 ASN A N   1 
ATOM   1108 C  CA  . ASN A 1 158 ? -3.863  16.366  -3.767  1.00 29.07 ? 146 ASN A CA  1 
ATOM   1109 C  C   . ASN A 1 158 ? -4.760  15.362  -3.095  1.00 24.87 ? 146 ASN A C   1 
ATOM   1110 O  O   . ASN A 1 158 ? -4.917  14.288  -3.615  1.00 24.17 ? 146 ASN A O   1 
ATOM   1111 C  CB  . ASN A 1 158 ? -4.482  16.608  -5.156  1.00 32.42 ? 146 ASN A CB  1 
ATOM   1112 C  CG  . ASN A 1 158 ? -3.860  17.773  -5.882  1.00 37.86 ? 146 ASN A CG  1 
ATOM   1113 O  OD1 . ASN A 1 158 ? -3.534  18.791  -5.269  1.00 45.40 ? 146 ASN A OD1 1 
ATOM   1114 N  ND2 . ASN A 1 158 ? -3.680  17.627  -7.205  1.00 39.80 ? 146 ASN A ND2 1 
ATOM   1115 N  N   . PRO A 1 159 ? -5.388  15.705  -1.981  1.00 26.92 ? 147 PRO A N   1 
ATOM   1116 C  CA  . PRO A 1 159 ? -6.259  14.742  -1.294  1.00 26.18 ? 147 PRO A CA  1 
ATOM   1117 C  C   . PRO A 1 159 ? -7.491  14.367  -2.134  1.00 26.55 ? 147 PRO A C   1 
ATOM   1118 O  O   . PRO A 1 159 ? -8.075  15.208  -2.785  1.00 23.44 ? 147 PRO A O   1 
ATOM   1119 C  CB  . PRO A 1 159 ? -6.682  15.467  -0.001  1.00 27.46 ? 147 PRO A CB  1 
ATOM   1120 C  CG  . PRO A 1 159 ? -5.941  16.761  0.038   1.00 35.00 ? 147 PRO A CG  1 
ATOM   1121 C  CD  . PRO A 1 159 ? -5.352  17.017  -1.310  1.00 31.91 ? 147 PRO A CD  1 
ATOM   1122 N  N   . ILE A 1 160 ? -7.842  13.102  -2.090  1.00 23.15 ? 148 ILE A N   1 
ATOM   1123 C  CA  . ILE A 1 160 ? -9.018  12.520  -2.726  1.00 23.86 ? 148 ILE A CA  1 
ATOM   1124 C  C   . ILE A 1 160 ? -9.977  12.101  -1.613  1.00 22.94 ? 148 ILE A C   1 
ATOM   1125 O  O   . ILE A 1 160 ? -9.590  11.498  -0.603  1.00 20.63 ? 148 ILE A O   1 
ATOM   1126 C  CB  . ILE A 1 160 ? -8.592  11.267  -3.555  1.00 26.06 ? 148 ILE A CB  1 
ATOM   1127 C  CG1 . ILE A 1 160 ? -7.796  11.706  -4.769  1.00 29.06 ? 148 ILE A CG1 1 
ATOM   1128 C  CG2 . ILE A 1 160 ? -9.832  10.428  -4.017  1.00 28.28 ? 148 ILE A CG2 1 
ATOM   1129 C  CD1 . ILE A 1 160 ? -7.069  10.590  -5.381  1.00 31.35 ? 148 ILE A CD1 1 
ATOM   1130 N  N   . ASP A 1 161 ? -11.235 12.421  -1.805  1.00 22.28 ? 149 ASP A N   1 
ATOM   1131 C  CA  . ASP A 1 161 ? -12.291 12.075  -0.878  1.00 25.84 ? 149 ASP A CA  1 
ATOM   1132 C  C   . ASP A 1 161 ? -12.739 10.704  -1.246  1.00 24.30 ? 149 ASP A C   1 
ATOM   1133 O  O   . ASP A 1 161 ? -13.274 10.507  -2.316  1.00 28.72 ? 149 ASP A O   1 
ATOM   1134 C  CB  . ASP A 1 161 ? -13.474 13.054  -1.028  1.00 25.23 ? 149 ASP A CB  1 
ATOM   1135 C  CG  . ASP A 1 161 ? -13.203 14.354  -0.359  1.00 34.98 ? 149 ASP A CG  1 
ATOM   1136 O  OD1 . ASP A 1 161 ? -13.120 14.352  0.898   1.00 48.04 ? 149 ASP A OD1 1 
ATOM   1137 O  OD2 . ASP A 1 161 ? -13.045 15.427  -0.992  1.00 52.69 ? 149 ASP A OD2 1 
ATOM   1138 N  N   . TRP A 1 162 ? -12.492 9.750   -0.379  1.00 22.44 ? 150 TRP A N   1 
ATOM   1139 C  CA  . TRP A 1 162 ? -12.813 8.349   -0.662  1.00 20.49 ? 150 TRP A CA  1 
ATOM   1140 C  C   . TRP A 1 162 ? -13.980 7.937   0.249   1.00 20.92 ? 150 TRP A C   1 
ATOM   1141 O  O   . TRP A 1 162 ? -14.655 8.797   0.803   1.00 23.90 ? 150 TRP A O   1 
ATOM   1142 C  CB  . TRP A 1 162 ? -11.583 7.505   -0.499  1.00 22.01 ? 150 TRP A CB  1 
ATOM   1143 C  CG  . TRP A 1 162 ? -11.700 6.143   -1.119  1.00 21.39 ? 150 TRP A CG  1 
ATOM   1144 C  CD1 . TRP A 1 162 ? -11.874 5.835   -2.451  1.00 25.08 ? 150 TRP A CD1 1 
ATOM   1145 C  CD2 . TRP A 1 162 ? -11.697 4.904   -0.423  1.00 19.83 ? 150 TRP A CD2 1 
ATOM   1146 N  NE1 . TRP A 1 162 ? -11.971 4.474   -2.608  1.00 23.63 ? 150 TRP A NE1 1 
ATOM   1147 C  CE2 . TRP A 1 162 ? -11.853 3.875   -1.385  1.00 25.14 ? 150 TRP A CE2 1 
ATOM   1148 C  CE3 . TRP A 1 162 ? -11.600 4.556   0.912   1.00 24.55 ? 150 TRP A CE3 1 
ATOM   1149 C  CZ2 . TRP A 1 162 ? -11.887 2.534   -1.048  1.00 26.28 ? 150 TRP A CZ2 1 
ATOM   1150 C  CZ3 . TRP A 1 162 ? -11.643 3.202   1.252   1.00 28.00 ? 150 TRP A CZ3 1 
ATOM   1151 C  CH2 . TRP A 1 162 ? -11.794 2.217   0.275   1.00 27.57 ? 150 TRP A CH2 1 
ATOM   1152 N  N   . LEU A 1 163 ? -14.257 6.654   0.386   1.00 22.86 ? 151 LEU A N   1 
ATOM   1153 C  CA  . LEU A 1 163 ? -15.441 6.192   1.132   1.00 22.99 ? 151 LEU A CA  1 
ATOM   1154 C  C   . LEU A 1 163 ? -15.460 6.656   2.588   1.00 21.93 ? 151 LEU A C   1 
ATOM   1155 O  O   . LEU A 1 163 ? -14.440 6.620   3.288   1.00 25.74 ? 151 LEU A O   1 
ATOM   1156 C  CB  . LEU A 1 163 ? -15.470 4.673   1.166   1.00 24.18 ? 151 LEU A CB  1 
ATOM   1157 C  CG  . LEU A 1 163 ? -15.792 3.862   -0.059  1.00 31.38 ? 151 LEU A CG  1 
ATOM   1158 C  CD1 . LEU A 1 163 ? -15.780 2.392   0.350   1.00 32.14 ? 151 LEU A CD1 1 
ATOM   1159 C  CD2 . LEU A 1 163 ? -17.137 4.252   -0.571  1.00 24.13 ? 151 LEU A CD2 1 
ATOM   1160 N  N   . GLY A 1 164 ? -16.628 7.046   3.032   1.00 20.14 ? 152 GLY A N   1 
ATOM   1161 C  CA  . GLY A 1 164 ? -16.889 7.369   4.413   1.00 23.57 ? 152 GLY A CA  1 
ATOM   1162 C  C   . GLY A 1 164 ? -16.100 8.544   4.919   1.00 25.70 ? 152 GLY A C   1 
ATOM   1163 O  O   . GLY A 1 164 ? -15.760 8.559   6.093   1.00 26.72 ? 152 GLY A O   1 
ATOM   1164 N  N   . GLY A 1 165 ? -15.784 9.509   4.058   1.00 23.42 ? 153 GLY A N   1 
ATOM   1165 C  CA  . GLY A 1 165 ? -14.982 10.640  4.471   1.00 25.05 ? 153 GLY A CA  1 
ATOM   1166 C  C   . GLY A 1 165 ? -13.497 10.373  4.707   1.00 22.96 ? 153 GLY A C   1 
ATOM   1167 O  O   . GLY A 1 165 ? -12.762 11.260  5.208   1.00 23.52 ? 153 GLY A O   1 
ATOM   1168 N  N   . LYS A 1 166 ? -13.020 9.175   4.373   1.00 21.87 ? 154 LYS A N   1 
ATOM   1169 C  CA  . LYS A 1 166 ? -11.572 8.887   4.397   1.00 22.05 ? 154 LYS A CA  1 
ATOM   1170 C  C   . LYS A 1 166 ? -10.860 9.701   3.323   1.00 25.02 ? 154 LYS A C   1 
ATOM   1171 O  O   . LYS A 1 166 ? -11.436 9.982   2.261   1.00 24.28 ? 154 LYS A O   1 
ATOM   1172 C  CB  . LYS A 1 166 ? -11.319 7.421   4.143   1.00 20.62 ? 154 LYS A CB  1 
ATOM   1173 C  CG  . LYS A 1 166 ? -11.786 6.548   5.283   1.00 23.53 ? 154 LYS A CG  1 
ATOM   1174 C  CD  . LYS A 1 166 ? -11.595 5.050   4.977   1.00 25.50 ? 154 LYS A CD  1 
ATOM   1175 C  CE  . LYS A 1 166 ? -12.095 4.157   6.107   1.00 25.82 ? 154 LYS A CE  1 
ATOM   1176 N  NZ  . LYS A 1 166 ? -13.325 4.541   6.759   1.00 30.56 ? 154 LYS A NZ  1 
ATOM   1177 N  N   . LYS A 1 167 ? -9.640  10.129  3.606   1.00 20.06 ? 155 LYS A N   1 
ATOM   1178 C  CA  . LYS A 1 167 ? -8.871  10.899  2.640   1.00 19.56 ? 155 LYS A CA  1 
ATOM   1179 C  C   . LYS A 1 167 ? -7.777  10.009  2.105   1.00 21.88 ? 155 LYS A C   1 
ATOM   1180 O  O   . LYS A 1 167 ? -7.168  9.259   2.864   1.00 22.82 ? 155 LYS A O   1 
ATOM   1181 C  CB  . LYS A 1 167 ? -8.238  12.132  3.292   1.00 23.32 ? 155 LYS A CB  1 
ATOM   1182 C  CG  . LYS A 1 167 ? -9.213  13.131  3.830   1.00 29.11 ? 155 LYS A CG  1 
ATOM   1183 C  CD  . LYS A 1 167 ? -9.949  13.827  2.722   1.00 28.13 ? 155 LYS A CD  1 
ATOM   1184 C  CE  . LYS A 1 167 ? -10.994 14.790  3.346   1.00 41.49 ? 155 LYS A CE  1 
ATOM   1185 N  NZ  . LYS A 1 167 ? -11.697 15.527  2.286   1.00 38.71 ? 155 LYS A NZ  1 
ATOM   1186 N  N   . VAL A 1 168 ? -7.533  10.088  0.802   1.00 21.10 ? 156 VAL A N   1 
ATOM   1187 C  CA  . VAL A 1 168 ? -6.424  9.404   0.137   1.00 18.44 ? 156 VAL A CA  1 
ATOM   1188 C  C   . VAL A 1 168 ? -5.476  10.444  -0.379  1.00 19.20 ? 156 VAL A C   1 
ATOM   1189 O  O   . VAL A 1 168 ? -5.910  11.353  -1.068  1.00 18.43 ? 156 VAL A O   1 
ATOM   1190 C  CB  . VAL A 1 168 ? -6.921  8.546   -1.036  1.00 19.23 ? 156 VAL A CB  1 
ATOM   1191 C  CG1 . VAL A 1 168 ? -5.736  7.864   -1.754  1.00 23.82 ? 156 VAL A CG1 1 
ATOM   1192 C  CG2 . VAL A 1 168 ? -7.866  7.449   -0.535  1.00 21.98 ? 156 VAL A CG2 1 
ATOM   1193 N  N   . ILE A 1 169 ? -4.194  10.338  -0.032  1.00 18.22 ? 157 ILE A N   1 
ATOM   1194 C  CA  . ILE A 1 169 ? -3.154  11.255  -0.517  1.00 20.35 ? 157 ILE A CA  1 
ATOM   1195 C  C   . ILE A 1 169 ? -2.236  10.422  -1.386  1.00 17.58 ? 157 ILE A C   1 
ATOM   1196 O  O   . ILE A 1 169 ? -1.522  9.571   -0.869  1.00 18.45 ? 157 ILE A O   1 
ATOM   1197 C  CB  . ILE A 1 169 ? -2.298  11.849  0.652   1.00 22.50 ? 157 ILE A CB  1 
ATOM   1198 C  CG1 . ILE A 1 169 ? -3.133  12.501  1.775   1.00 29.67 ? 157 ILE A CG1 1 
ATOM   1199 C  CG2 . ILE A 1 169 ? -1.251  12.814  0.111   1.00 28.81 ? 157 ILE A CG2 1 
ATOM   1200 C  CD1 . ILE A 1 169 ? -4.027  13.567  1.352   1.00 31.97 ? 157 ILE A CD1 1 
ATOM   1201 N  N   . PRO A 1 170 ? -2.224  10.659  -2.687  1.00 17.17 ? 158 PRO A N   1 
ATOM   1202 C  CA  . PRO A 1 170 ? -1.299  9.949   -3.558  1.00 19.58 ? 158 PRO A CA  1 
ATOM   1203 C  C   . PRO A 1 170 ? 0.079   10.567  -3.554  1.00 20.08 ? 158 PRO A C   1 
ATOM   1204 O  O   . PRO A 1 170 ? 0.233   11.776  -3.481  1.00 16.97 ? 158 PRO A O   1 
ATOM   1205 C  CB  . PRO A 1 170 ? -1.908  10.072  -4.932  1.00 20.89 ? 158 PRO A CB  1 
ATOM   1206 C  CG  . PRO A 1 170 ? -2.887  11.162  -4.844  1.00 24.03 ? 158 PRO A CG  1 
ATOM   1207 C  CD  . PRO A 1 170 ? -3.060  11.622  -3.409  1.00 20.78 ? 158 PRO A CD  1 
ATOM   1208 N  N   . THR A 1 171 ? 1.094   9.739   -3.631  1.00 18.04 ? 159 THR A N   1 
ATOM   1209 C  CA  . THR A 1 171 ? 2.422   10.291  -3.845  1.00 20.27 ? 159 THR A CA  1 
ATOM   1210 C  C   . THR A 1 171 ? 3.195   9.276   -4.650  1.00 19.38 ? 159 THR A C   1 
ATOM   1211 O  O   . THR A 1 171 ? 2.624   8.292   -5.068  1.00 17.94 ? 159 THR A O   1 
ATOM   1212 C  CB  . THR A 1 171 ? 3.080   10.660  -2.482  1.00 22.03 ? 159 THR A CB  1 
ATOM   1213 O  OG1 . THR A 1 171 ? 4.342   11.349  -2.658  1.00 23.44 ? 159 THR A OG1 1 
ATOM   1214 C  CG2 . THR A 1 171 ? 3.393   9.472   -1.690  1.00 23.25 ? 159 THR A CG2 1 
ATOM   1215 N  N   . PHE A 1 172 ? 4.458   9.569   -4.921  1.00 15.89 ? 160 PHE A N   1 
ATOM   1216 C  CA  . PHE A 1 172 ? 5.355   8.623   -5.619  1.00 19.83 ? 160 PHE A CA  1 
ATOM   1217 C  C   . PHE A 1 172 ? 5.630   7.360   -4.863  1.00 19.97 ? 160 PHE A C   1 
ATOM   1218 O  O   . PHE A 1 172 ? 5.701   7.358   -3.636  1.00 20.65 ? 160 PHE A O   1 
ATOM   1219 C  CB  . PHE A 1 172 ? 6.689   9.313   -5.973  1.00 18.76 ? 160 PHE A CB  1 
ATOM   1220 C  CG  . PHE A 1 172 ? 6.518   10.491  -6.874  1.00 21.12 ? 160 PHE A CG  1 
ATOM   1221 C  CD1 . PHE A 1 172 ? 6.005   10.311  -8.160  1.00 26.13 ? 160 PHE A CD1 1 
ATOM   1222 C  CD2 . PHE A 1 172 ? 6.874   11.774  -6.465  1.00 22.27 ? 160 PHE A CD2 1 
ATOM   1223 C  CE1 . PHE A 1 172 ? 5.826   11.398  -9.032  1.00 30.79 ? 160 PHE A CE1 1 
ATOM   1224 C  CE2 . PHE A 1 172 ? 6.717   12.882  -7.355  1.00 25.60 ? 160 PHE A CE2 1 
ATOM   1225 C  CZ  . PHE A 1 172 ? 6.172   12.682  -8.626  1.00 27.91 ? 160 PHE A CZ  1 
ATOM   1226 N  N   . HIS A 1 173 ? 5.747   6.262   -5.608  1.00 20.04 ? 161 HIS A N   1 
ATOM   1227 C  CA  . HIS A 1 173 ? 6.189   5.012   -5.023  1.00 20.71 ? 161 HIS A CA  1 
ATOM   1228 C  C   . HIS A 1 173 ? 7.669   5.151   -4.632  1.00 21.72 ? 161 HIS A C   1 
ATOM   1229 O  O   . HIS A 1 173 ? 8.436   5.783   -5.348  1.00 21.65 ? 161 HIS A O   1 
ATOM   1230 C  CB  . HIS A 1 173 ? 5.972   3.849   -6.038  1.00 19.53 ? 161 HIS A CB  1 
ATOM   1231 C  CG  . HIS A 1 173 ? 6.141   2.499   -5.443  1.00 26.46 ? 161 HIS A CG  1 
ATOM   1232 N  ND1 . HIS A 1 173 ? 7.375   1.998   -5.086  1.00 22.28 ? 161 HIS A ND1 1 
ATOM   1233 C  CD2 . HIS A 1 173 ? 5.236   1.530   -5.147  1.00 28.12 ? 161 HIS A CD2 1 
ATOM   1234 C  CE1 . HIS A 1 173 ? 7.219   0.799   -4.542  1.00 27.71 ? 161 HIS A CE1 1 
ATOM   1235 N  NE2 . HIS A 1 173 ? 5.933   0.488   -4.579  1.00 31.23 ? 161 HIS A NE2 1 
ATOM   1236 N  N   . PRO A 1 174 ? 8.081   4.615   -3.498  1.00 21.09 ? 162 PRO A N   1 
ATOM   1237 C  CA  . PRO A 1 174 ? 9.521   4.681   -3.122  1.00 25.92 ? 162 PRO A CA  1 
ATOM   1238 C  C   . PRO A 1 174 ? 10.545  4.119   -4.140  1.00 24.47 ? 162 PRO A C   1 
ATOM   1239 O  O   . PRO A 1 174 ? 11.665  4.582   -4.170  1.00 24.58 ? 162 PRO A O   1 
ATOM   1240 C  CB  . PRO A 1 174 ? 9.597   3.931   -1.797  1.00 23.81 ? 162 PRO A CB  1 
ATOM   1241 C  CG  . PRO A 1 174 ? 8.250   3.470   -1.514  1.00 28.93 ? 162 PRO A CG  1 
ATOM   1242 C  CD  . PRO A 1 174 ? 7.260   3.972   -2.473  1.00 20.69 ? 162 PRO A CD  1 
ATOM   1243 N  N   . SER A 1 175 ? 10.152  3.173   -4.976  1.00 23.04 ? 163 SER A N   1 
ATOM   1244 C  CA  . SER A 1 175 ? 10.961  2.726   -6.109  1.00 22.77 ? 163 SER A CA  1 
ATOM   1245 C  C   . SER A 1 175 ? 11.446  3.870   -6.967  1.00 23.37 ? 163 SER A C   1 
ATOM   1246 O  O   . SER A 1 175 ? 12.590  3.898   -7.389  1.00 21.33 ? 163 SER A O   1 
ATOM   1247 C  CB  . SER A 1 175 ? 10.106  1.825   -7.010  1.00 23.40 ? 163 SER A CB  1 
ATOM   1248 O  OG  . SER A 1 175 ? 10.008  0.566   -6.372  1.00 39.32 ? 163 SER A OG  1 
ATOM   1249 N  N   . TYR A 1 176 ? 10.574  4.839   -7.229  1.00 22.20 ? 164 TYR A N   1 
ATOM   1250 C  CA  . TYR A 1 176 ? 10.980  5.960   -8.054  1.00 23.00 ? 164 TYR A CA  1 
ATOM   1251 C  C   . TYR A 1 176 ? 12.150  6.731   -7.445  1.00 20.12 ? 164 TYR A C   1 
ATOM   1252 O  O   . TYR A 1 176 ? 13.057  7.196   -8.148  1.00 20.77 ? 164 TYR A O   1 
ATOM   1253 C  CB  . TYR A 1 176 ? 9.793   6.856   -8.294  1.00 23.69 ? 164 TYR A CB  1 
ATOM   1254 C  CG  . TYR A 1 176 ? 10.089  8.004   -9.204  1.00 26.25 ? 164 TYR A CG  1 
ATOM   1255 C  CD1 . TYR A 1 176 ? 10.751  7.811   -10.413 1.00 34.14 ? 164 TYR A CD1 1 
ATOM   1256 C  CD2 . TYR A 1 176 ? 9.720   9.282   -8.856  1.00 30.22 ? 164 TYR A CD2 1 
ATOM   1257 C  CE1 . TYR A 1 176 ? 11.032  8.875   -11.229 1.00 34.07 ? 164 TYR A CE1 1 
ATOM   1258 C  CE2 . TYR A 1 176 ? 9.981   10.340  -9.661  1.00 34.74 ? 164 TYR A CE2 1 
ATOM   1259 C  CZ  . TYR A 1 176 ? 10.635  10.132  -10.842 1.00 35.98 ? 164 TYR A CZ  1 
ATOM   1260 O  OH  . TYR A 1 176 ? 10.888  11.209  -11.622 1.00 35.36 ? 164 TYR A OH  1 
ATOM   1261 N  N   . LEU A 1 177 ? 12.117  6.876   -6.135  1.00 18.70 ? 165 LEU A N   1 
ATOM   1262 C  CA  . LEU A 1 177 ? 13.110  7.646   -5.410  1.00 19.97 ? 165 LEU A CA  1 
ATOM   1263 C  C   . LEU A 1 177 ? 14.402  6.819   -5.251  1.00 18.27 ? 165 LEU A C   1 
ATOM   1264 O  O   . LEU A 1 177 ? 15.472  7.377   -4.964  1.00 22.53 ? 165 LEU A O   1 
ATOM   1265 C  CB  . LEU A 1 177 ? 12.596  8.104   -4.044  1.00 21.42 ? 165 LEU A CB  1 
ATOM   1266 C  CG  . LEU A 1 177 ? 11.752  9.379   -3.961  1.00 21.90 ? 165 LEU A CG  1 
ATOM   1267 C  CD1 . LEU A 1 177 ? 10.436  9.147   -4.700  1.00 22.82 ? 165 LEU A CD1 1 
ATOM   1268 C  CD2 . LEU A 1 177 ? 11.495  9.673   -2.516  1.00 24.83 ? 165 LEU A CD2 1 
ATOM   1269 N  N   . LEU A 1 178 ? 14.334  5.529   -5.520  1.00 19.11 ? 166 LEU A N   1 
ATOM   1270 C  CA  . LEU A 1 178 ? 15.556  4.717   -5.633  1.00 18.31 ? 166 LEU A CA  1 
ATOM   1271 C  C   . LEU A 1 178 ? 16.364  5.102   -6.884  1.00 18.66 ? 166 LEU A C   1 
ATOM   1272 O  O   . LEU A 1 178 ? 17.596  5.101   -6.889  1.00 19.88 ? 166 LEU A O   1 
ATOM   1273 C  CB  . LEU A 1 178 ? 15.215  3.219   -5.724  1.00 20.85 ? 166 LEU A CB  1 
ATOM   1274 C  CG  . LEU A 1 178 ? 14.672  2.487   -4.490  1.00 22.35 ? 166 LEU A CG  1 
ATOM   1275 C  CD1 . LEU A 1 178 ? 14.443  1.020   -4.843  1.00 19.11 ? 166 LEU A CD1 1 
ATOM   1276 C  CD2 . LEU A 1 178 ? 15.569  2.637   -3.292  1.00 21.51 ? 166 LEU A CD2 1 
ATOM   1277 N  N   . ARG A 1 179 ? 15.645  5.390   -7.966  1.00 17.21 ? 167 ARG A N   1 
ATOM   1278 C  CA  . ARG A 1 179 ? 16.242  5.659   -9.254  1.00 17.01 ? 167 ARG A CA  1 
ATOM   1279 C  C   . ARG A 1 179 ? 16.604  7.145   -9.427  1.00 15.81 ? 167 ARG A C   1 
ATOM   1280 O  O   . ARG A 1 179 ? 17.478  7.500   -10.189 1.00 17.16 ? 167 ARG A O   1 
ATOM   1281 C  CB  . ARG A 1 179 ? 15.255  5.324   -10.367 1.00 19.79 ? 167 ARG A CB  1 
ATOM   1282 C  CG  . ARG A 1 179 ? 14.526  4.003   -10.302 1.00 20.37 ? 167 ARG A CG  1 
ATOM   1283 C  CD  . ARG A 1 179 ? 15.353  2.803   -10.049 1.00 23.82 ? 167 ARG A CD  1 
ATOM   1284 N  NE  . ARG A 1 179 ? 14.401  1.791   -9.667  1.00 33.63 ? 167 ARG A NE  1 
ATOM   1285 C  CZ  . ARG A 1 179 ? 14.624  0.713   -8.969  1.00 32.77 ? 167 ARG A CZ  1 
ATOM   1286 N  NH1 . ARG A 1 179 ? 15.859  0.310   -8.542  1.00 20.98 ? 167 ARG A NH1 1 
ATOM   1287 N  NH2 . ARG A 1 179 ? 13.551  0.023   -8.680  1.00 23.66 ? 167 ARG A NH2 1 
ATOM   1288 N  N   . ASN A 1 180 ? 15.868  8.014   -8.778  1.00 16.91 ? 168 ASN A N   1 
ATOM   1289 C  CA  . ASN A 1 180 ? 16.049  9.437   -8.887  1.00 18.49 ? 168 ASN A CA  1 
ATOM   1290 C  C   . ASN A 1 180 ? 16.297  9.920   -7.467  1.00 19.88 ? 168 ASN A C   1 
ATOM   1291 O  O   . ASN A 1 180 ? 15.365  10.063  -6.671  1.00 21.05 ? 168 ASN A O   1 
ATOM   1292 C  CB  . ASN A 1 180 ? 14.804  10.088  -9.502  1.00 20.24 ? 168 ASN A CB  1 
ATOM   1293 C  CG  . ASN A 1 180 ? 14.946  11.599  -9.654  1.00 29.82 ? 168 ASN A CG  1 
ATOM   1294 O  OD1 . ASN A 1 180 ? 15.892  12.223  -9.140  1.00 37.24 ? 168 ASN A OD1 1 
ATOM   1295 N  ND2 . ASN A 1 180 ? 14.038  12.191  -10.428 1.00 41.93 ? 168 ASN A ND2 1 
ATOM   1296 N  N   . ARG A 1 181 ? 17.560  10.147  -7.159  1.00 17.23 ? 169 ARG A N   1 
ATOM   1297 C  CA  . ARG A 1 181 ? 17.975  10.448  -5.802  1.00 21.87 ? 169 ARG A CA  1 
ATOM   1298 C  C   . ARG A 1 181 ? 17.884  11.935  -5.454  1.00 21.75 ? 169 ARG A C   1 
ATOM   1299 O  O   . ARG A 1 181 ? 18.430  12.340  -4.453  1.00 24.79 ? 169 ARG A O   1 
ATOM   1300 C  CB  . ARG A 1 181 ? 19.408  9.941   -5.563  1.00 24.07 ? 169 ARG A CB  1 
ATOM   1301 C  CG  . ARG A 1 181 ? 19.522  8.359   -5.476  1.00 34.67 ? 169 ARG A CG  1 
ATOM   1302 C  CD  . ARG A 1 181 ? 20.780  7.854   -4.730  1.00 42.02 ? 169 ARG A CD  1 
ATOM   1303 N  NE  . ARG A 1 181 ? 21.994  8.332   -5.391  1.00 44.56 ? 169 ARG A NE  1 
ATOM   1304 C  CZ  . ARG A 1 181 ? 23.235  7.842   -5.204  1.00 49.86 ? 169 ARG A CZ  1 
ATOM   1305 N  NH1 . ARG A 1 181 ? 23.432  6.849   -4.336  1.00 54.71 ? 169 ARG A NH1 1 
ATOM   1306 N  NH2 . ARG A 1 181 ? 24.291  8.333   -5.894  1.00 28.60 ? 169 ARG A NH2 1 
ATOM   1307 N  N   . SER A 1 182 ? 17.190  12.746  -6.230  1.00 23.82 ? 170 SER A N   1 
ATOM   1308 C  CA  . SER A 1 182 ? 17.210  14.184  -5.942  1.00 23.41 ? 170 SER A CA  1 
ATOM   1309 C  C   . SER A 1 182 ? 16.553  14.538  -4.619  1.00 21.10 ? 170 SER A C   1 
ATOM   1310 O  O   . SER A 1 182 ? 15.506  13.968  -4.259  1.00 17.20 ? 170 SER A O   1 
ATOM   1311 C  CB  . SER A 1 182 ? 16.627  14.971  -7.104  1.00 26.64 ? 170 SER A CB  1 
ATOM   1312 O  OG  . SER A 1 182 ? 15.258  15.179  -6.962  1.00 32.45 ? 170 SER A OG  1 
ATOM   1313 N  N   . ASN A 1 183 ? 17.174  15.481  -3.891  1.00 23.80 ? 171 ASN A N   1 
ATOM   1314 C  CA  . ASN A 1 183 ? 16.620  16.022  -2.629  1.00 26.30 ? 171 ASN A CA  1 
ATOM   1315 C  C   . ASN A 1 183 ? 15.249  16.664  -2.765  1.00 26.39 ? 171 ASN A C   1 
ATOM   1316 O  O   . ASN A 1 183 ? 14.441  16.596  -1.841  1.00 25.50 ? 171 ASN A O   1 
ATOM   1317 C  CB  . ASN A 1 183 ? 17.540  17.070  -1.988  1.00 29.12 ? 171 ASN A CB  1 
ATOM   1318 C  CG  . ASN A 1 183 ? 18.779  16.463  -1.357  1.00 41.07 ? 171 ASN A CG  1 
ATOM   1319 O  OD1 . ASN A 1 183 ? 18.735  15.358  -0.805  1.00 53.32 ? 171 ASN A OD1 1 
ATOM   1320 N  ND2 . ASN A 1 183 ? 19.894  17.188  -1.434  1.00 46.35 ? 171 ASN A ND2 1 
ATOM   1321 N  N   . GLU A 1 184 ? 15.011  17.319  -3.896  1.00 24.84 ? 172 GLU A N   1 
ATOM   1322 C  CA  . GLU A 1 184 ? 13.747  17.998  -4.146  1.00 28.17 ? 172 GLU A CA  1 
ATOM   1323 C  C   . GLU A 1 184 ? 12.603  17.008  -4.192  1.00 25.70 ? 172 GLU A C   1 
ATOM   1324 O  O   . GLU A 1 184 ? 11.550  17.230  -3.604  1.00 25.73 ? 172 GLU A O   1 
ATOM   1325 C  CB  . GLU A 1 184 ? 13.807  18.780  -5.467  1.00 30.83 ? 172 GLU A CB  1 
ATOM   1326 C  CG  . GLU A 1 184 ? 12.458  19.313  -5.966  1.00 42.23 ? 172 GLU A CG  1 
ATOM   1327 C  CD  . GLU A 1 184 ? 11.759  20.284  -4.999  1.00 56.35 ? 172 GLU A CD  1 
ATOM   1328 O  OE1 . GLU A 1 184 ? 12.404  20.828  -4.061  1.00 63.06 ? 172 GLU A OE1 1 
ATOM   1329 O  OE2 . GLU A 1 184 ? 10.543  20.518  -5.188  1.00 55.61 ? 172 GLU A OE2 1 
ATOM   1330 N  N   . LEU A 1 185 ? 12.827  15.902  -4.889  1.00 22.92 ? 173 LEU A N   1 
ATOM   1331 C  CA  . LEU A 1 185 ? 11.838  14.835  -5.000  1.00 22.91 ? 173 LEU A CA  1 
ATOM   1332 C  C   . LEU A 1 185 ? 11.523  14.185  -3.652  1.00 19.95 ? 173 LEU A C   1 
ATOM   1333 O  O   . LEU A 1 185 ? 10.385  13.898  -3.333  1.00 17.77 ? 173 LEU A O   1 
ATOM   1334 C  CB  . LEU A 1 185 ? 12.365  13.797  -5.985  1.00 24.93 ? 173 LEU A CB  1 
ATOM   1335 C  CG  . LEU A 1 185 ? 11.477  12.580  -6.195  1.00 30.77 ? 173 LEU A CG  1 
ATOM   1336 C  CD1 . LEU A 1 185 ? 10.105  13.011  -6.681  1.00 38.93 ? 173 LEU A CD1 1 
ATOM   1337 C  CD2 . LEU A 1 185 ? 12.124  11.582  -7.194  1.00 33.18 ? 173 LEU A CD2 1 
ATOM   1338 N  N   . ARG A 1 186 ? 12.557  13.943  -2.865  1.00 19.53 ? 174 ARG A N   1 
ATOM   1339 C  CA  . ARG A 1 186 ? 12.387  13.432  -1.529  1.00 20.34 ? 174 ARG A CA  1 
ATOM   1340 C  C   . ARG A 1 186 ? 11.623  14.420  -0.683  1.00 22.68 ? 174 ARG A C   1 
ATOM   1341 O  O   . ARG A 1 186 ? 10.712  14.028  0.045   1.00 21.61 ? 174 ARG A O   1 
ATOM   1342 C  CB  . ARG A 1 186 ? 13.730  13.139  -0.906  1.00 21.47 ? 174 ARG A CB  1 
ATOM   1343 C  CG  . ARG A 1 186 ? 13.647  12.372  0.389   1.00 26.06 ? 174 ARG A CG  1 
ATOM   1344 C  CD  . ARG A 1 186 ? 14.981  12.295  1.077   1.00 29.16 ? 174 ARG A CD  1 
ATOM   1345 N  NE  . ARG A 1 186 ? 14.993  11.275  2.126   1.00 29.62 ? 174 ARG A NE  1 
ATOM   1346 C  CZ  . ARG A 1 186 ? 15.351  10.003  1.959   1.00 33.12 ? 174 ARG A CZ  1 
ATOM   1347 N  NH1 . ARG A 1 186 ? 15.716  9.527   0.775   1.00 34.90 ? 174 ARG A NH1 1 
ATOM   1348 N  NH2 . ARG A 1 186 ? 15.339  9.186   2.996   1.00 36.94 ? 174 ARG A NH2 1 
ATOM   1349 N  N   . ARG A 1 187 ? 11.948  15.714  -0.786  1.00 22.20 ? 175 ARG A N   1 
ATOM   1350 C  CA  . ARG A 1 187 ? 11.244  16.702  0.018   1.00 22.03 ? 175 ARG A CA  1 
ATOM   1351 C  C   . ARG A 1 187 ? 9.753   16.731  -0.352  1.00 21.66 ? 175 ARG A C   1 
ATOM   1352 O  O   . ARG A 1 187 ? 8.899   16.872  0.521   1.00 21.05 ? 175 ARG A O   1 
ATOM   1353 C  CB  . ARG A 1 187 ? 11.928  18.077  -0.155  1.00 24.22 ? 175 ARG A CB  1 
ATOM   1354 C  CG  . ARG A 1 187 ? 11.504  19.159  0.798   1.00 31.82 ? 175 ARG A CG  1 
ATOM   1355 C  CD  . ARG A 1 187 ? 11.783  20.622  0.264   1.00 39.82 ? 175 ARG A CD  1 
ATOM   1356 N  NE  . ARG A 1 187 ? 11.125  20.917  -1.028  1.00 42.96 ? 175 ARG A NE  1 
ATOM   1357 C  CZ  . ARG A 1 187 ? 9.797   21.054  -1.213  1.00 48.66 ? 175 ARG A CZ  1 
ATOM   1358 N  NH1 . ARG A 1 187 ? 8.931   20.952  -0.203  1.00 55.08 ? 175 ARG A NH1 1 
ATOM   1359 N  NH2 . ARG A 1 187 ? 9.322   21.300  -2.426  1.00 49.50 ? 175 ARG A NH2 1 
ATOM   1360 N  N   . ILE A 1 188 ? 9.433   16.575  -1.630  1.00 21.18 ? 176 ILE A N   1 
ATOM   1361 C  CA  . ILE A 1 188 ? 8.037   16.511  -2.093  1.00 23.13 ? 176 ILE A CA  1 
ATOM   1362 C  C   . ILE A 1 188 ? 7.237   15.332  -1.484  1.00 21.46 ? 176 ILE A C   1 
ATOM   1363 O  O   . ILE A 1 188 ? 6.065   15.463  -1.086  1.00 19.19 ? 176 ILE A O   1 
ATOM   1364 C  CB  . ILE A 1 188 ? 8.006   16.419  -3.636  1.00 23.84 ? 176 ILE A CB  1 
ATOM   1365 C  CG1 . ILE A 1 188 ? 8.300   17.778  -4.253  1.00 32.24 ? 176 ILE A CG1 1 
ATOM   1366 C  CG2 . ILE A 1 188 ? 6.666   15.915  -4.117  1.00 29.53 ? 176 ILE A CG2 1 
ATOM   1367 C  CD1 . ILE A 1 188 ? 8.677   17.700  -5.745  1.00 40.48 ? 176 ILE A CD1 1 
ATOM   1368 N  N   . VAL A 1 189 ? 7.847   14.165  -1.438  1.00 19.37 ? 177 VAL A N   1 
ATOM   1369 C  CA  . VAL A 1 189 ? 7.192   12.997  -0.842  1.00 19.83 ? 177 VAL A CA  1 
ATOM   1370 C  C   . VAL A 1 189 ? 6.989   13.191  0.652   1.00 20.06 ? 177 VAL A C   1 
ATOM   1371 O  O   . VAL A 1 189 ? 5.941   12.852  1.190   1.00 19.33 ? 177 VAL A O   1 
ATOM   1372 C  CB  . VAL A 1 189 ? 7.976   11.708  -1.145  1.00 20.37 ? 177 VAL A CB  1 
ATOM   1373 C  CG1 . VAL A 1 189 ? 7.489   10.535  -0.346  1.00 24.02 ? 177 VAL A CG1 1 
ATOM   1374 C  CG2 . VAL A 1 189 ? 7.919   11.420  -2.620  1.00 20.43 ? 177 VAL A CG2 1 
ATOM   1375 N  N   . LEU A 1 190 ? 7.994   13.736  1.328   1.00 21.57 ? 178 LEU A N   1 
ATOM   1376 C  CA  . LEU A 1 190 ? 7.873   14.064  2.730   1.00 18.34 ? 178 LEU A CA  1 
ATOM   1377 C  C   . LEU A 1 190 ? 6.760   15.090  2.999   1.00 19.98 ? 178 LEU A C   1 
ATOM   1378 O  O   . LEU A 1 190 ? 6.046   14.951  3.958   1.00 21.11 ? 178 LEU A O   1 
ATOM   1379 C  CB  . LEU A 1 190 ? 9.202   14.531  3.279   1.00 19.44 ? 178 LEU A CB  1 
ATOM   1380 C  CG  . LEU A 1 190 ? 10.272  13.456  3.387   1.00 19.67 ? 178 LEU A CG  1 
ATOM   1381 C  CD1 . LEU A 1 190 ? 11.644  14.035  3.709   1.00 22.88 ? 178 LEU A CD1 1 
ATOM   1382 C  CD2 . LEU A 1 190 ? 9.873   12.453  4.437   1.00 25.17 ? 178 LEU A CD2 1 
ATOM   1383 N  N   . GLU A 1 191 ? 6.603   16.076  2.132   1.00 16.36 ? 179 GLU A N   1 
ATOM   1384 C  CA  . GLU A 1 191 ? 5.501   17.024  2.218   1.00 21.94 ? 179 GLU A CA  1 
ATOM   1385 C  C   . GLU A 1 191 ? 4.122   16.327  2.039   1.00 22.80 ? 179 GLU A C   1 
ATOM   1386 O  O   . GLU A 1 191 ? 3.161   16.680  2.710   1.00 20.68 ? 179 GLU A O   1 
ATOM   1387 C  CB  . GLU A 1 191 ? 5.752   18.104  1.171   1.00 21.37 ? 179 GLU A CB  1 
ATOM   1388 C  CG  . GLU A 1 191 ? 4.682   19.163  0.974   1.00 35.74 ? 179 GLU A CG  1 
ATOM   1389 C  CD  . GLU A 1 191 ? 5.192   20.314  0.115   1.00 45.13 ? 179 GLU A CD  1 
ATOM   1390 O  OE1 . GLU A 1 191 ? 5.939   20.055  -0.857  1.00 49.18 ? 179 GLU A OE1 1 
ATOM   1391 O  OE2 . GLU A 1 191 ? 4.875   21.481  0.429   1.00 57.08 ? 179 GLU A OE2 1 
ATOM   1392 N  N   . ASP A 1 192 ? 4.039   15.330  1.168   1.00 22.70 ? 180 ASP A N   1 
ATOM   1393 C  CA  . ASP A 1 192 ? 2.801   14.576  0.954   1.00 23.75 ? 180 ASP A CA  1 
ATOM   1394 C  C   . ASP A 1 192 ? 2.465   13.738  2.191   1.00 22.15 ? 180 ASP A C   1 
ATOM   1395 O  O   . ASP A 1 192 ? 1.334   13.662  2.597   1.00 18.89 ? 180 ASP A O   1 
ATOM   1396 C  CB  . ASP A 1 192 ? 2.906   13.654  -0.273  1.00 24.90 ? 180 ASP A CB  1 
ATOM   1397 C  CG  . ASP A 1 192 ? 3.017   14.421  -1.619  1.00 30.97 ? 180 ASP A CG  1 
ATOM   1398 O  OD1 . ASP A 1 192 ? 2.726   15.636  -1.652  1.00 32.64 ? 180 ASP A OD1 1 
ATOM   1399 O  OD2 . ASP A 1 192 ? 3.389   13.860  -2.704  1.00 29.59 ? 180 ASP A OD2 1 
ATOM   1400 N  N   . ILE A 1 193 ? 3.470   13.160  2.830   1.00 19.49 ? 181 ILE A N   1 
ATOM   1401 C  CA  . ILE A 1 193 ? 3.227   12.346  4.002   1.00 21.79 ? 181 ILE A CA  1 
ATOM   1402 C  C   . ILE A 1 193 ? 2.755   13.241  5.147   1.00 21.10 ? 181 ILE A C   1 
ATOM   1403 O  O   . ILE A 1 193 ? 1.860   12.871  5.909   1.00 22.60 ? 181 ILE A O   1 
ATOM   1404 C  CB  . ILE A 1 193 ? 4.490   11.505  4.375   1.00 19.94 ? 181 ILE A CB  1 
ATOM   1405 C  CG1 . ILE A 1 193 ? 4.748   10.436  3.306   1.00 21.35 ? 181 ILE A CG1 1 
ATOM   1406 C  CG2 . ILE A 1 193 ? 4.331   10.857  5.761   1.00 22.18 ? 181 ILE A CG2 1 
ATOM   1407 C  CD1 . ILE A 1 193 ? 6.075   9.687   3.452   1.00 27.62 ? 181 ILE A CD1 1 
ATOM   1408 N  N   . GLU A 1 194 ? 3.341   14.425  5.254   1.00 22.80 ? 182 GLU A N   1 
ATOM   1409 C  CA  . GLU A 1 194 ? 2.944   15.382  6.298   1.00 23.92 ? 182 GLU A CA  1 
ATOM   1410 C  C   . GLU A 1 194 ? 1.495   15.878  6.046   1.00 24.02 ? 182 GLU A C   1 
ATOM   1411 O  O   . GLU A 1 194 ? 0.721   16.013  6.988   1.00 23.62 ? 182 GLU A O   1 
ATOM   1412 C  CB  . GLU A 1 194 ? 3.970   16.527  6.383   1.00 27.68 ? 182 GLU A CB  1 
ATOM   1413 C  CG  . GLU A 1 194 ? 3.705   17.636  7.432   1.00 33.72 ? 182 GLU A CG  1 
ATOM   1414 C  CD  . GLU A 1 194 ? 3.164   17.128  8.779   1.00 45.55 ? 182 GLU A CD  1 
ATOM   1415 O  OE1 . GLU A 1 194 ? 3.803   16.238  9.392   1.00 52.15 ? 182 GLU A OE1 1 
ATOM   1416 O  OE2 . GLU A 1 194 ? 2.076   17.610  9.228   1.00 63.61 ? 182 GLU A OE2 1 
ATOM   1417 N  N   . LYS A 1 195 ? 1.111   16.061  4.786   1.00 21.55 ? 183 LYS A N   1 
ATOM   1418 C  CA  . LYS A 1 195 ? -0.263  16.424  4.429   1.00 23.30 ? 183 LYS A CA  1 
ATOM   1419 C  C   . LYS A 1 195 ? -1.207  15.288  4.822   1.00 21.57 ? 183 LYS A C   1 
ATOM   1420 O  O   . LYS A 1 195 ? -2.303  15.528  5.337   1.00 21.80 ? 183 LYS A O   1 
ATOM   1421 C  CB  . LYS A 1 195 ? -0.389  16.782  2.934   1.00 24.40 ? 183 LYS A CB  1 
ATOM   1422 C  CG  . LYS A 1 195 ? -1.738  17.380  2.516   1.00 34.08 ? 183 LYS A CG  1 
ATOM   1423 C  CD  . LYS A 1 195 ? -1.644  18.465  1.387   1.00 45.03 ? 183 LYS A CD  1 
ATOM   1424 C  CE  . LYS A 1 195 ? -2.391  19.789  1.740   1.00 53.03 ? 183 LYS A CE  1 
ATOM   1425 N  NZ  . LYS A 1 195 ? -3.821  19.891  1.248   1.00 54.02 ? 183 LYS A NZ  1 
ATOM   1426 N  N   . ALA A 1 196 ? -0.773  14.048  4.650   1.00 21.31 ? 184 ALA A N   1 
ATOM   1427 C  CA  . ALA A 1 196 ? -1.563  12.896  5.111   1.00 21.97 ? 184 ALA A CA  1 
ATOM   1428 C  C   . ALA A 1 196 ? -1.792  12.924  6.607   1.00 20.33 ? 184 ALA A C   1 
ATOM   1429 O  O   . ALA A 1 196 ? -2.935  12.821  7.066   1.00 17.90 ? 184 ALA A O   1 
ATOM   1430 C  CB  . ALA A 1 196 ? -0.905  11.571  4.694   1.00 23.36 ? 184 ALA A CB  1 
ATOM   1431 N  N   . LYS A 1 197 ? -0.714  13.122  7.364   1.00 23.22 ? 185 LYS A N   1 
ATOM   1432 C  CA  . LYS A 1 197 ? -0.752  13.190  8.821   1.00 24.22 ? 185 LYS A CA  1 
ATOM   1433 C  C   . LYS A 1 197 ? -1.706  14.237  9.331   1.00 25.46 ? 185 LYS A C   1 
ATOM   1434 O  O   . LYS A 1 197 ? -2.315  14.018  10.355  1.00 23.14 ? 185 LYS A O   1 
ATOM   1435 C  CB  . LYS A 1 197 ? 0.627   13.488  9.422   1.00 26.61 ? 185 LYS A CB  1 
ATOM   1436 C  CG  . LYS A 1 197 ? 1.599   12.318  9.336   1.00 28.11 ? 185 LYS A CG  1 
ATOM   1437 C  CD  . LYS A 1 197 ? 2.963   12.769  9.863   1.00 29.86 ? 185 LYS A CD  1 
ATOM   1438 C  CE  . LYS A 1 197 ? 3.103   12.574  11.363  1.00 34.68 ? 185 LYS A CE  1 
ATOM   1439 N  NZ  . LYS A 1 197 ? 4.375   13.220  11.787  1.00 29.43 ? 185 LYS A NZ  1 
ATOM   1440 N  N   . SER A 1 198 ? -1.837  15.344  8.606   1.00 24.32 ? 186 SER A N   1 
ATOM   1441 C  CA  . SER A 1 198 ? -2.669  16.471  9.011   1.00 25.89 ? 186 SER A CA  1 
ATOM   1442 C  C   . SER A 1 198 ? -4.152  16.132  8.940   1.00 26.73 ? 186 SER A C   1 
ATOM   1443 O  O   . SER A 1 198 ? -4.944  16.855  9.496   1.00 23.14 ? 186 SER A O   1 
ATOM   1444 C  CB  . SER A 1 198 ? -2.382  17.697  8.130   1.00 26.14 ? 186 SER A CB  1 
ATOM   1445 O  OG  . SER A 1 198 ? -3.133  17.598  6.930   1.00 25.56 ? 186 SER A OG  1 
ATOM   1446 N  N   . PHE A 1 199 ? -4.523  15.050  8.241   1.00 26.60 ? 187 PHE A N   1 
ATOM   1447 C  CA  . PHE A 1 199 ? -5.899  14.579  8.204   1.00 27.84 ? 187 PHE A CA  1 
ATOM   1448 C  C   . PHE A 1 199 ? -6.246  13.516  9.260   1.00 28.51 ? 187 PHE A C   1 
ATOM   1449 O  O   . PHE A 1 199 ? -7.372  13.094  9.333   1.00 27.92 ? 187 PHE A O   1 
ATOM   1450 C  CB  . PHE A 1 199 ? -6.241  14.008  6.819   1.00 26.31 ? 187 PHE A CB  1 
ATOM   1451 C  CG  . PHE A 1 199 ? -6.422  15.053  5.787   1.00 29.08 ? 187 PHE A CG  1 
ATOM   1452 C  CD1 . PHE A 1 199 ? -7.577  15.835  5.777   1.00 29.82 ? 187 PHE A CD1 1 
ATOM   1453 C  CD2 . PHE A 1 199 ? -5.455  15.276  4.825   1.00 31.01 ? 187 PHE A CD2 1 
ATOM   1454 C  CE1 . PHE A 1 199 ? -7.762  16.827  4.819   1.00 35.36 ? 187 PHE A CE1 1 
ATOM   1455 C  CE2 . PHE A 1 199 ? -5.639  16.296  3.858   1.00 30.74 ? 187 PHE A CE2 1 
ATOM   1456 C  CZ  . PHE A 1 199 ? -6.781  17.056  3.856   1.00 36.72 ? 187 PHE A CZ  1 
ATOM   1457 N  N   . ILE A 1 200 ? -5.292  13.092  10.073  1.00 27.09 ? 188 ILE A N   1 
ATOM   1458 C  CA  . ILE A 1 200 ? -5.587  12.167  11.149  1.00 25.14 ? 188 ILE A CA  1 
ATOM   1459 C  C   . ILE A 1 200 ? -6.345  12.949  12.242  1.00 31.16 ? 188 ILE A C   1 
ATOM   1460 O  O   . ILE A 1 200 ? -5.916  13.983  12.641  1.00 25.98 ? 188 ILE A O   1 
ATOM   1461 C  CB  . ILE A 1 200 ? -4.312  11.602  11.722  1.00 26.74 ? 188 ILE A CB  1 
ATOM   1462 C  CG1 . ILE A 1 200 ? -3.631  10.686  10.696  1.00 25.59 ? 188 ILE A CG1 1 
ATOM   1463 C  CG2 . ILE A 1 200 ? -4.589  10.817  12.990  1.00 29.68 ? 188 ILE A CG2 1 
ATOM   1464 C  CD1 . ILE A 1 200 ? -2.230  10.311  11.076  1.00 27.81 ? 188 ILE A CD1 1 
ATOM   1465 N  N   . LYS A 1 201 ? -7.453  12.409  12.729  1.00 35.38 ? 189 LYS A N   1 
ATOM   1466 C  CA  . LYS A 1 201 ? -8.256  13.071  13.750  1.00 41.82 ? 189 LYS A CA  1 
ATOM   1467 C  C   . LYS A 1 201 ? -7.613  13.173  15.165  1.00 46.53 ? 189 LYS A C   1 
ATOM   1468 O  O   . LYS A 1 201 ? -6.794  12.344  15.545  1.00 45.17 ? 189 LYS A O   1 
ATOM   1469 C  CB  . LYS A 1 201 ? -9.653  12.426  13.770  1.00 43.89 ? 189 LYS A CB  1 
ATOM   1470 C  CG  . LYS A 1 201 ? -10.539 12.963  12.604  1.00 47.85 ? 189 LYS A CG  1 
ATOM   1471 C  CD  . LYS A 1 201 ? -11.490 11.917  12.022  1.00 57.60 ? 189 LYS A CD  1 
ATOM   1472 C  CE  . LYS A 1 201 ? -12.183 12.426  10.746  1.00 61.49 ? 189 LYS A CE  1 
ATOM   1473 N  NZ  . LYS A 1 201 ? -13.632 12.040  10.657  1.00 60.08 ? 189 LYS A NZ  1 
ATOM   1474 N  N   . LYS A 1 202 ? -8.007  14.228  15.907  1.00 50.87 ? 190 LYS A N   1 
ATOM   1475 C  CA  . LYS A 1 202 ? -7.597  14.523  17.304  1.00 52.48 ? 190 LYS A CA  1 
ATOM   1476 C  C   . LYS A 1 202 ? -7.741  13.410  18.391  1.00 53.54 ? 190 LYS A C   1 
ATOM   1477 O  O   . LYS A 1 202 ? -6.979  13.390  19.359  1.00 53.82 ? 190 LYS A O   1 
ATOM   1478 C  CB  . LYS A 1 202 ? -8.367  15.769  17.783  1.00 51.96 ? 190 LYS A CB  1 
ATOM   1479 N  N   . GLU A 1 203 ? -8.712  12.509  18.244  1.00 53.96 ? 191 GLU A N   1 
HETATM 1480 FE FE1 . SF4 B 2 .   ? -4.586  -11.480 -5.320  0.80 20.36 ? 201 SF4 A FE1 1 
HETATM 1481 FE FE2 . SF4 B 2 .   ? -5.491  -13.973 -5.573  0.80 20.54 ? 201 SF4 A FE2 1 
HETATM 1482 FE FE3 . SF4 B 2 .   ? -2.809  -13.548 -5.536  0.80 19.32 ? 201 SF4 A FE3 1 
HETATM 1483 FE FE4 . SF4 B 2 .   ? -4.345  -12.785 -7.677  0.80 20.01 ? 201 SF4 A FE4 1 
HETATM 1484 S  S1  . SF4 B 2 .   ? -4.012  -14.975 -6.976  0.80 20.81 ? 201 SF4 A S1  1 
HETATM 1485 S  S2  . SF4 B 2 .   ? -2.674  -11.536 -6.645  0.80 21.73 ? 201 SF4 A S2  1 
HETATM 1486 S  S3  . SF4 B 2 .   ? -6.343  -12.157 -6.732  0.80 22.43 ? 201 SF4 A S3  1 
HETATM 1487 S  S4  . SF4 B 2 .   ? -4.228  -13.182 -3.807  0.80 20.51 ? 201 SF4 A S4  1 
HETATM 1488 O  O1  . UNL C 3 .   ? 7.281   -2.678  -4.824  1.00 51.80 ? 301 UNL A O1  1 
HETATM 1489 O  O2  . UNL C 3 .   ? 6.541   0.873   -8.835  1.00 52.94 ? 301 UNL A O2  1 
HETATM 1490 O  O3  . UNL C 3 .   ? 6.417   -1.342  -7.635  1.00 55.64 ? 301 UNL A O3  1 
HETATM 1491 O  O   . HOH D 4 .   ? 3.937   -1.734  9.358   1.00 25.04 ? 302 HOH A O   1 
HETATM 1492 O  O   . HOH D 4 .   ? 5.641   6.494   -8.712  1.00 25.67 ? 303 HOH A O   1 
HETATM 1493 O  O   . HOH D 4 .   ? 1.341   1.729   -6.622  1.00 25.93 ? 304 HOH A O   1 
HETATM 1494 O  O   . HOH D 4 .   ? 4.647   -1.886  -3.767  1.00 27.84 ? 305 HOH A O   1 
HETATM 1495 O  O   . HOH D 4 .   ? -0.964  -6.398  0.669   1.00 27.84 ? 306 HOH A O   1 
HETATM 1496 O  O   . HOH D 4 .   ? -2.359  6.582   13.510  1.00 27.61 ? 307 HOH A O   1 
HETATM 1497 O  O   . HOH D 4 .   ? 1.232   -7.325  -1.206  1.00 28.36 ? 308 HOH A O   1 
HETATM 1498 O  O   . HOH D 4 .   ? 9.784   -13.831 7.075   1.00 29.82 ? 309 HOH A O   1 
HETATM 1499 O  O   . HOH D 4 .   ? 2.510   -9.689  5.298   1.00 29.67 ? 310 HOH A O   1 
HETATM 1500 O  O   . HOH D 4 .   ? 5.661   -4.263  -0.647  1.00 29.71 ? 311 HOH A O   1 
HETATM 1501 O  O   . HOH D 4 .   ? 20.392  -4.038  0.662   1.00 29.83 ? 312 HOH A O   1 
HETATM 1502 O  O   . HOH D 4 .   ? -8.757  1.483   16.498  1.00 29.47 ? 313 HOH A O   1 
HETATM 1503 O  O   . HOH D 4 .   ? 4.564   -12.692 -3.451  1.00 30.13 ? 314 HOH A O   1 
HETATM 1504 O  O   . HOH D 4 .   ? -5.644  -6.695  -2.398  1.00 30.23 ? 315 HOH A O   1 
HETATM 1505 O  O   . HOH D 4 .   ? -12.982 -0.548  2.435   1.00 31.08 ? 316 HOH A O   1 
HETATM 1506 O  O   . HOH D 4 .   ? 10.130  -18.278 1.468   1.00 31.44 ? 317 HOH A O   1 
HETATM 1507 O  O   . HOH D 4 .   ? 1.261   -7.328  11.382  1.00 32.35 ? 318 HOH A O   1 
HETATM 1508 O  O   . HOH D 4 .   ? 6.963   -4.551  -2.876  1.00 33.37 ? 319 HOH A O   1 
HETATM 1509 O  O   . HOH D 4 .   ? 10.836  -3.305  -1.404  1.00 34.35 ? 320 HOH A O   1 
HETATM 1510 O  O   . HOH D 4 .   ? -0.404  4.904   14.466  1.00 35.14 ? 321 HOH A O   1 
HETATM 1511 O  O   . HOH D 4 .   ? 2.551   1.720   -8.961  1.00 34.80 ? 322 HOH A O   1 
HETATM 1512 O  O   . HOH D 4 .   ? -2.241  -4.332  15.923  1.00 34.83 ? 323 HOH A O   1 
HETATM 1513 O  O   . HOH D 4 .   ? 12.604  -2.849  -3.853  1.00 35.19 ? 324 HOH A O   1 
HETATM 1514 O  O   . HOH D 4 .   ? 14.843  -4.942  -3.632  1.00 35.21 ? 325 HOH A O   1 
HETATM 1515 O  O   . HOH D 4 .   ? 1.500   -18.017 0.626   1.00 36.88 ? 326 HOH A O   1 
HETATM 1516 O  O   . HOH D 4 .   ? 6.158   -3.137  8.182   1.00 35.97 ? 327 HOH A O   1 
HETATM 1517 O  O   . HOH D 4 .   ? 14.908  11.201  -3.993  1.00 36.52 ? 328 HOH A O   1 
HETATM 1518 O  O   . HOH D 4 .   ? 1.611   -12.461 4.190   1.00 37.26 ? 329 HOH A O   1 
HETATM 1519 O  O   . HOH D 4 .   ? 10.170  4.139   10.347  1.00 36.90 ? 330 HOH A O   1 
HETATM 1520 O  O   . HOH D 4 .   ? -7.930  2.747   13.238  1.00 38.41 ? 331 HOH A O   1 
HETATM 1521 O  O   . HOH D 4 .   ? 6.910   13.999  6.320   1.00 38.34 ? 332 HOH A O   1 
HETATM 1522 O  O   . HOH D 4 .   ? -1.956  -8.252  8.561   1.00 38.03 ? 333 HOH A O   1 
HETATM 1523 O  O   . HOH D 4 .   ? -2.609  -16.976 -3.581  1.00 38.35 ? 334 HOH A O   1 
HETATM 1524 O  O   . HOH D 4 .   ? 11.439  -11.520 7.671   1.00 38.77 ? 335 HOH A O   1 
HETATM 1525 O  O   . HOH D 4 .   ? 4.842   6.363   15.015  1.00 39.15 ? 336 HOH A O   1 
HETATM 1526 O  O   . HOH D 4 .   ? -4.106  -11.200 12.566  1.00 39.51 ? 337 HOH A O   1 
HETATM 1527 O  O   . HOH D 4 .   ? 15.801  1.864   6.236   1.00 39.42 ? 338 HOH A O   1 
HETATM 1528 O  O   . HOH D 4 .   ? 12.538  -15.930 4.074   1.00 40.14 ? 339 HOH A O   1 
HETATM 1529 O  O   . HOH D 4 .   ? -15.701 -1.034  1.512   1.00 39.50 ? 340 HOH A O   1 
HETATM 1530 O  O   . HOH D 4 .   ? -5.292  -0.860  -8.889  1.00 39.68 ? 341 HOH A O   1 
HETATM 1531 O  O   . HOH D 4 .   ? 3.936   -9.509  7.864   1.00 39.85 ? 342 HOH A O   1 
HETATM 1532 O  O   . HOH D 4 .   ? 15.891  10.181  -1.967  1.00 39.72 ? 343 HOH A O   1 
HETATM 1533 O  O   . HOH D 4 .   ? -12.989 -2.922  15.825  1.00 40.70 ? 344 HOH A O   1 
HETATM 1534 O  O   . HOH D 4 .   ? 2.990   -15.501 3.526   1.00 42.20 ? 345 HOH A O   1 
HETATM 1535 O  O   . HOH D 4 .   ? 3.997   4.829   -9.913  1.00 41.34 ? 346 HOH A O   1 
HETATM 1536 O  O   . HOH D 4 .   ? -1.130  -6.922  12.421  1.00 41.74 ? 347 HOH A O   1 
HETATM 1537 O  O   . HOH D 4 .   ? -2.526  8.722   15.241  1.00 42.07 ? 348 HOH A O   1 
HETATM 1538 O  O   . HOH D 4 .   ? 11.767  -6.006  -3.161  1.00 41.92 ? 349 HOH A O   1 
HETATM 1539 O  O   . HOH D 4 .   ? -10.625 11.177  7.241   1.00 42.07 ? 350 HOH A O   1 
HETATM 1540 O  O   . HOH D 4 .   ? 7.167   -6.485  -8.078  1.00 42.42 ? 351 HOH A O   1 
HETATM 1541 O  O   . HOH D 4 .   ? -2.985  -6.576  16.895  1.00 42.60 ? 352 HOH A O   1 
HETATM 1542 O  O   . HOH D 4 .   ? 5.820   -13.887 6.757   1.00 42.63 ? 353 HOH A O   1 
HETATM 1543 O  O   . HOH D 4 .   ? -13.830 1.306   4.411   1.00 42.51 ? 354 HOH A O   1 
HETATM 1544 O  O   . HOH D 4 .   ? -2.925  -1.390  18.567  1.00 42.79 ? 355 HOH A O   1 
HETATM 1545 O  O   . HOH D 4 .   ? 12.169  -7.150  -6.386  1.00 43.16 ? 356 HOH A O   1 
HETATM 1546 O  O   . HOH D 4 .   ? 2.021   -15.610 -13.170 1.00 42.98 ? 357 HOH A O   1 
HETATM 1547 O  O   . HOH D 4 .   ? 11.352  -1.797  -6.022  1.00 44.64 ? 358 HOH A O   1 
HETATM 1548 O  O   . HOH D 4 .   ? -11.175 2.021   17.471  1.00 43.90 ? 359 HOH A O   1 
HETATM 1549 O  O   . HOH D 4 .   ? -11.700 -8.064  -6.192  1.00 44.12 ? 360 HOH A O   1 
HETATM 1550 O  O   . HOH D 4 .   ? 2.008   -5.856  -16.739 1.00 44.39 ? 361 HOH A O   1 
HETATM 1551 O  O   . HOH D 4 .   ? 2.202   7.179   13.923  1.00 45.08 ? 362 HOH A O   1 
HETATM 1552 O  O   . HOH D 4 .   ? -4.681  13.485  -6.124  1.00 44.27 ? 363 HOH A O   1 
HETATM 1553 O  O   . HOH D 4 .   ? 2.602   19.159  3.704   1.00 44.93 ? 364 HOH A O   1 
HETATM 1554 O  O   . HOH D 4 .   ? -4.734  9.695   16.304  1.00 45.61 ? 365 HOH A O   1 
HETATM 1555 O  O   . HOH D 4 .   ? -3.133  -12.296 10.280  1.00 46.19 ? 366 HOH A O   1 
HETATM 1556 O  O   . HOH D 4 .   ? -14.875 -0.136  8.933   1.00 46.49 ? 367 HOH A O   1 
HETATM 1557 O  O   . HOH D 4 .   ? -3.193  5.641   -11.626 1.00 46.54 ? 368 HOH A O   1 
HETATM 1558 O  O   . HOH D 4 .   ? -10.462 -17.910 5.769   1.00 47.44 ? 369 HOH A O   1 
HETATM 1559 O  O   . HOH D 4 .   ? -13.116 -3.322  12.591  1.00 47.42 ? 370 HOH A O   1 
HETATM 1560 O  O   . HOH D 4 .   ? -7.839  -1.047  -9.356  1.00 47.44 ? 371 HOH A O   1 
HETATM 1561 O  O   . HOH D 4 .   ? -9.929  13.399  8.445   1.00 47.15 ? 372 HOH A O   1 
HETATM 1562 O  O   . HOH D 4 .   ? 4.969   -5.485  -9.468  1.00 47.79 ? 373 HOH A O   1 
HETATM 1563 O  O   . HOH D 4 .   ? -11.954 3.280   -5.261  1.00 47.84 ? 374 HOH A O   1 
HETATM 1564 O  O   . HOH D 4 .   ? -14.755 3.972   4.346   1.00 47.28 ? 375 HOH A O   1 
HETATM 1565 O  O   . HOH D 4 .   ? -11.366 6.433   11.068  1.00 49.14 ? 376 HOH A O   1 
HETATM 1566 O  O   . HOH D 4 .   ? 7.792   4.279   -9.528  1.00 48.01 ? 377 HOH A O   1 
HETATM 1567 O  O   . HOH D 4 .   ? -9.618  -17.759 -1.298  1.00 48.62 ? 378 HOH A O   1 
HETATM 1568 O  O   . HOH D 4 .   ? 10.373  2.072   11.766  1.00 48.70 ? 379 HOH A O   1 
HETATM 1569 O  O   . HOH D 4 .   ? -9.684  -18.304 -5.306  1.00 48.03 ? 380 HOH A O   1 
HETATM 1570 O  O   . HOH D 4 .   ? 16.864  7.991   -2.909  1.00 48.23 ? 381 HOH A O   1 
HETATM 1571 O  O   . HOH D 4 .   ? -5.217  -20.797 3.958   1.00 49.90 ? 382 HOH A O   1 
HETATM 1572 O  O   . HOH D 4 .   ? 4.726   -12.007 8.232   1.00 48.74 ? 383 HOH A O   1 
HETATM 1573 O  O   . HOH D 4 .   ? 1.326   -9.552  9.713   1.00 50.60 ? 384 HOH A O   1 
HETATM 1574 O  O   . HOH D 4 .   ? -12.144 13.700  -4.247  1.00 50.51 ? 385 HOH A O   1 
HETATM 1575 O  O   . HOH D 4 .   ? 5.727   -4.178  -16.130 1.00 51.02 ? 386 HOH A O   1 
HETATM 1576 O  O   . HOH D 4 .   ? -10.282 -9.393  -13.152 1.00 50.76 ? 387 HOH A O   1 
HETATM 1577 O  O   . HOH D 4 .   ? 7.555   -5.670  6.580   1.00 51.82 ? 388 HOH A O   1 
HETATM 1578 O  O   . HOH D 4 .   ? -2.153  -11.862 -16.469 1.00 51.12 ? 389 HOH A O   1 
HETATM 1579 O  O   . HOH D 4 .   ? -10.934 2.637   13.862  1.00 51.52 ? 390 HOH A O   1 
HETATM 1580 O  O   . HOH D 4 .   ? 4.139   16.314  -9.171  1.00 52.39 ? 391 HOH A O   1 
HETATM 1581 O  O   . HOH D 4 .   ? 3.883   -6.261  -7.601  1.00 52.28 ? 392 HOH A O   1 
HETATM 1582 O  O   . HOH D 4 .   ? 11.506  1.277   -10.795 1.00 51.91 ? 393 HOH A O   1 
HETATM 1583 O  O   . HOH D 4 .   ? -2.395  -16.795 7.795   1.00 53.28 ? 394 HOH A O   1 
HETATM 1584 O  O   . HOH D 4 .   ? -0.276  -19.976 0.086   1.00 53.46 ? 395 HOH A O   1 
HETATM 1585 O  O   . HOH D 4 .   ? 7.858   -15.592 -7.080  1.00 54.68 ? 396 HOH A O   1 
HETATM 1586 O  O   . HOH D 4 .   ? -9.170  -12.783 -5.377  1.00 55.52 ? 397 HOH A O   1 
HETATM 1587 O  O   . HOH D 4 .   ? 17.852  2.942   -0.281  1.00 53.56 ? 398 HOH A O   1 
HETATM 1588 O  O   . HOH D 4 .   ? 9.044   20.856  2.457   1.00 55.07 ? 399 HOH A O   1 
HETATM 1589 O  O   . HOH D 4 .   ? 2.131   -19.658 5.286   1.00 55.15 ? 400 HOH A O   1 
HETATM 1590 O  O   . HOH D 4 .   ? 11.259  -14.190 -4.864  1.00 55.37 ? 401 HOH A O   1 
HETATM 1591 O  O   . HOH D 4 .   ? 3.868   -12.400 -17.410 1.00 54.83 ? 402 HOH A O   1 
HETATM 1592 O  O   . HOH D 4 .   ? -14.481 0.465   13.227  1.00 54.29 ? 403 HOH A O   1 
HETATM 1593 O  O   . HOH D 4 .   ? 17.070  18.378  -5.857  1.00 56.38 ? 404 HOH A O   1 
HETATM 1594 O  O   . HOH D 4 .   ? -11.147 0.140   -7.521  1.00 56.19 ? 405 HOH A O   1 
HETATM 1595 O  O   . HOH D 4 .   ? 17.173  4.258   2.343   1.00 56.12 ? 406 HOH A O   1 
HETATM 1596 O  O   . HOH D 4 .   ? 11.466  -0.287  11.169  1.00 57.38 ? 407 HOH A O   1 
HETATM 1597 O  O   . HOH D 4 .   ? -13.797 12.305  2.112   1.00 56.89 ? 408 HOH A O   1 
HETATM 1598 O  O   . HOH D 4 .   ? -12.513 8.618   -11.352 1.00 59.58 ? 409 HOH A O   1 
HETATM 1599 O  O   . HOH D 4 .   ? 13.186  -1.511  6.695   1.00 59.36 ? 410 HOH A O   1 
HETATM 1600 O  O   . HOH D 4 .   ? -12.312 8.248   -5.744  1.00 59.30 ? 411 HOH A O   1 
HETATM 1601 O  O   . HOH D 4 .   ? 0.807   9.529   13.187  1.00 59.81 ? 412 HOH A O   1 
HETATM 1602 O  O   . HOH D 4 .   ? 3.540   -18.351 7.308   1.00 61.94 ? 413 HOH A O   1 
HETATM 1603 O  O   . HOH D 4 .   ? 11.276  9.187   13.880  1.00 61.20 ? 414 HOH A O   1 
HETATM 1604 O  O   . HOH D 4 .   ? -15.754 8.036   -15.607 1.00 71.13 ? 415 HOH A O   1 
# 
